data_1TR8
# 
_entry.id   1TR8 
# 
_audit_conform.dict_name       mmcif_pdbx.dic 
_audit_conform.dict_version    5.399 
_audit_conform.dict_location   http://mmcif.pdb.org/dictionaries/ascii/mmcif_pdbx.dic 
# 
loop_
_database_2.database_id 
_database_2.database_code 
_database_2.pdbx_database_accession 
_database_2.pdbx_DOI 
PDB   1TR8         pdb_00001tr8 10.2210/pdb1tr8/pdb 
RCSB  RCSB022864   ?            ?                   
WWPDB D_1000022864 ?            ?                   
# 
loop_
_pdbx_audit_revision_history.ordinal 
_pdbx_audit_revision_history.data_content_type 
_pdbx_audit_revision_history.major_revision 
_pdbx_audit_revision_history.minor_revision 
_pdbx_audit_revision_history.revision_date 
1 'Structure model' 1 0 2005-02-01 
2 'Structure model' 1 1 2008-04-30 
3 'Structure model' 1 2 2011-07-13 
4 'Structure model' 1 3 2024-11-20 
# 
_pdbx_audit_revision_details.ordinal             1 
_pdbx_audit_revision_details.revision_ordinal    1 
_pdbx_audit_revision_details.data_content_type   'Structure model' 
_pdbx_audit_revision_details.provider            repository 
_pdbx_audit_revision_details.type                'Initial release' 
_pdbx_audit_revision_details.description         ? 
_pdbx_audit_revision_details.details             ? 
# 
loop_
_pdbx_audit_revision_group.ordinal 
_pdbx_audit_revision_group.revision_ordinal 
_pdbx_audit_revision_group.data_content_type 
_pdbx_audit_revision_group.group 
1 2 'Structure model' 'Version format compliance' 
2 3 'Structure model' Advisory                    
3 3 'Structure model' 'Version format compliance' 
4 4 'Structure model' 'Data collection'           
5 4 'Structure model' 'Database references'       
6 4 'Structure model' 'Derived calculations'      
7 4 'Structure model' 'Refinement description'    
8 4 'Structure model' 'Structure summary'         
# 
loop_
_pdbx_audit_revision_category.ordinal 
_pdbx_audit_revision_category.revision_ordinal 
_pdbx_audit_revision_category.data_content_type 
_pdbx_audit_revision_category.category 
1 4 'Structure model' chem_comp_atom            
2 4 'Structure model' chem_comp_bond            
3 4 'Structure model' database_2                
4 4 'Structure model' pdbx_entry_details        
5 4 'Structure model' pdbx_modification_feature 
6 4 'Structure model' struct_conn               
7 4 'Structure model' struct_ncs_dom_lim        
8 4 'Structure model' struct_ref_seq_dif        
# 
loop_
_pdbx_audit_revision_item.ordinal 
_pdbx_audit_revision_item.revision_ordinal 
_pdbx_audit_revision_item.data_content_type 
_pdbx_audit_revision_item.item 
1 4 'Structure model' '_database_2.pdbx_DOI'                 
2 4 'Structure model' '_database_2.pdbx_database_accession'  
3 4 'Structure model' '_struct_conn.pdbx_leaving_atom_flag'  
4 4 'Structure model' '_struct_ncs_dom_lim.beg_auth_comp_id' 
5 4 'Structure model' '_struct_ncs_dom_lim.end_auth_comp_id' 
6 4 'Structure model' '_struct_ref_seq_dif.details'          
# 
_pdbx_database_status.status_code                     REL 
_pdbx_database_status.entry_id                        1TR8 
_pdbx_database_status.recvd_initial_deposition_date   2004-06-21 
_pdbx_database_status.deposit_site                    RCSB 
_pdbx_database_status.process_site                    PDBJ 
_pdbx_database_status.status_code_sf                  REL 
_pdbx_database_status.status_code_mr                  ? 
_pdbx_database_status.SG_entry                        ? 
_pdbx_database_status.pdb_format_compatible           Y 
_pdbx_database_status.status_code_cs                  ? 
_pdbx_database_status.status_code_nmr_data            ? 
_pdbx_database_status.methods_development_category    ? 
# 
loop_
_audit_author.name 
_audit_author.pdbx_ordinal 
'Spreter, T.' 1 
'Pech, M.'    2 
'Beatrix, B.' 3 
# 
_citation.id                        primary 
_citation.title                     
;The crystal structure of archaeal nascent polypeptide-associated complex (NAC) reveals a unique fold and the presence of a UBA domain
;
_citation.journal_abbrev            J.Biol.Chem. 
_citation.journal_volume            280 
_citation.page_first                15849 
_citation.page_last                 15854 
_citation.year                      2005 
_citation.journal_id_ASTM           JBCHA3 
_citation.country                   US 
_citation.journal_id_ISSN           0021-9258 
_citation.journal_id_CSD            0071 
_citation.book_publisher            ? 
_citation.pdbx_database_id_PubMed   15665334 
_citation.pdbx_database_id_DOI      10.1074/jbc.M500160200 
# 
loop_
_citation_author.citation_id 
_citation_author.name 
_citation_author.ordinal 
_citation_author.identifier_ORCID 
primary 'Spreter, T.' 1 ? 
primary 'Pech, M.'    2 ? 
primary 'Beatrix, B.' 3 ? 
# 
loop_
_entity.id 
_entity.type 
_entity.src_method 
_entity.pdbx_description 
_entity.formula_weight 
_entity.pdbx_number_of_molecules 
_entity.pdbx_ec 
_entity.pdbx_mutation 
_entity.pdbx_fragment 
_entity.details 
1 polymer man 'conserved protein (MTH177)' 11964.399 2  ? ? 'N-terminal truncated aeNAC (aminoacids 19-117)' ? 
2 water   nat water                        18.015    42 ? ? ?                                                ? 
# 
_entity_name_com.entity_id   1 
_entity_name_com.name        'delta1-18 Archaeal Nascent Polypeptide Associated Complex' 
# 
_entity_poly.entity_id                      1 
_entity_poly.type                           'polypeptide(L)' 
_entity_poly.nstd_linkage                   no 
_entity_poly.nstd_monomer                   yes 
_entity_poly.pdbx_seq_one_letter_code       
;GSH(MSE)KQ(MSE)G(MSE)D(MSE)KDLRGVEEVVIKLKRKEIIIKNPKVNV(MSE)EF(MSE)GQKTYQVTGKARER
SLEAE(MSE)EIPEDDIELV(MSE)NQTGASREDATRALQETGGDLAEAI(MSE)RLS
;
_entity_poly.pdbx_seq_one_letter_code_can   
;GSHMKQMGMDMKDLRGVEEVVIKLKRKEIIIKNPKVNVMEFMGQKTYQVTGKARERSLEAEMEIPEDDIELVMNQTGASR
EDATRALQETGGDLAEAIMRLS
;
_entity_poly.pdbx_strand_id                 A,B 
_entity_poly.pdbx_target_identifier         ? 
# 
_pdbx_entity_nonpoly.entity_id   2 
_pdbx_entity_nonpoly.name        water 
_pdbx_entity_nonpoly.comp_id     HOH 
# 
loop_
_entity_poly_seq.entity_id 
_entity_poly_seq.num 
_entity_poly_seq.mon_id 
_entity_poly_seq.hetero 
1 1   GLY n 
1 2   SER n 
1 3   HIS n 
1 4   MSE n 
1 5   LYS n 
1 6   GLN n 
1 7   MSE n 
1 8   GLY n 
1 9   MSE n 
1 10  ASP n 
1 11  MSE n 
1 12  LYS n 
1 13  ASP n 
1 14  LEU n 
1 15  ARG n 
1 16  GLY n 
1 17  VAL n 
1 18  GLU n 
1 19  GLU n 
1 20  VAL n 
1 21  VAL n 
1 22  ILE n 
1 23  LYS n 
1 24  LEU n 
1 25  LYS n 
1 26  ARG n 
1 27  LYS n 
1 28  GLU n 
1 29  ILE n 
1 30  ILE n 
1 31  ILE n 
1 32  LYS n 
1 33  ASN n 
1 34  PRO n 
1 35  LYS n 
1 36  VAL n 
1 37  ASN n 
1 38  VAL n 
1 39  MSE n 
1 40  GLU n 
1 41  PHE n 
1 42  MSE n 
1 43  GLY n 
1 44  GLN n 
1 45  LYS n 
1 46  THR n 
1 47  TYR n 
1 48  GLN n 
1 49  VAL n 
1 50  THR n 
1 51  GLY n 
1 52  LYS n 
1 53  ALA n 
1 54  ARG n 
1 55  GLU n 
1 56  ARG n 
1 57  SER n 
1 58  LEU n 
1 59  GLU n 
1 60  ALA n 
1 61  GLU n 
1 62  MSE n 
1 63  GLU n 
1 64  ILE n 
1 65  PRO n 
1 66  GLU n 
1 67  ASP n 
1 68  ASP n 
1 69  ILE n 
1 70  GLU n 
1 71  LEU n 
1 72  VAL n 
1 73  MSE n 
1 74  ASN n 
1 75  GLN n 
1 76  THR n 
1 77  GLY n 
1 78  ALA n 
1 79  SER n 
1 80  ARG n 
1 81  GLU n 
1 82  ASP n 
1 83  ALA n 
1 84  THR n 
1 85  ARG n 
1 86  ALA n 
1 87  LEU n 
1 88  GLN n 
1 89  GLU n 
1 90  THR n 
1 91  GLY n 
1 92  GLY n 
1 93  ASP n 
1 94  LEU n 
1 95  ALA n 
1 96  GLU n 
1 97  ALA n 
1 98  ILE n 
1 99  MSE n 
1 100 ARG n 
1 101 LEU n 
1 102 SER n 
# 
_entity_src_gen.entity_id                          1 
_entity_src_gen.pdbx_src_id                        1 
_entity_src_gen.pdbx_alt_source_flag               sample 
_entity_src_gen.pdbx_seq_type                      ? 
_entity_src_gen.pdbx_beg_seq_num                   ? 
_entity_src_gen.pdbx_end_seq_num                   ? 
_entity_src_gen.gene_src_common_name               ? 
_entity_src_gen.gene_src_genus                     Methanothermobacter 
_entity_src_gen.pdbx_gene_src_gene                 'MTH177 (amonoacids 19-117)' 
_entity_src_gen.gene_src_species                   ? 
_entity_src_gen.gene_src_strain                    ? 
_entity_src_gen.gene_src_tissue                    ? 
_entity_src_gen.gene_src_tissue_fraction           ? 
_entity_src_gen.gene_src_details                   ? 
_entity_src_gen.pdbx_gene_src_fragment             ? 
_entity_src_gen.pdbx_gene_src_scientific_name      'Methanothermobacter marburgensis' 
_entity_src_gen.pdbx_gene_src_ncbi_taxonomy_id     145263 
_entity_src_gen.pdbx_gene_src_variant              ? 
_entity_src_gen.pdbx_gene_src_cell_line            ? 
_entity_src_gen.pdbx_gene_src_atcc                 ? 
_entity_src_gen.pdbx_gene_src_organ                ? 
_entity_src_gen.pdbx_gene_src_organelle            ? 
_entity_src_gen.pdbx_gene_src_cell                 ? 
_entity_src_gen.pdbx_gene_src_cellular_location    ? 
_entity_src_gen.host_org_common_name               ? 
_entity_src_gen.pdbx_host_org_scientific_name      'Escherichia coli' 
_entity_src_gen.pdbx_host_org_ncbi_taxonomy_id     562 
_entity_src_gen.host_org_genus                     Escherichia 
_entity_src_gen.pdbx_host_org_gene                 ? 
_entity_src_gen.pdbx_host_org_organ                ? 
_entity_src_gen.host_org_species                   ? 
_entity_src_gen.pdbx_host_org_tissue               ? 
_entity_src_gen.pdbx_host_org_tissue_fraction      ? 
_entity_src_gen.pdbx_host_org_strain               ER2566 
_entity_src_gen.pdbx_host_org_variant              ? 
_entity_src_gen.pdbx_host_org_cell_line            ? 
_entity_src_gen.pdbx_host_org_atcc                 ? 
_entity_src_gen.pdbx_host_org_culture_collection   ? 
_entity_src_gen.pdbx_host_org_cell                 ? 
_entity_src_gen.pdbx_host_org_organelle            ? 
_entity_src_gen.pdbx_host_org_cellular_location    ? 
_entity_src_gen.pdbx_host_org_vector_type          Plasmid 
_entity_src_gen.pdbx_host_org_vector               ? 
_entity_src_gen.host_org_details                   ? 
_entity_src_gen.expression_system_id               ? 
_entity_src_gen.plasmid_name                       pET28 
_entity_src_gen.plasmid_details                    ? 
_entity_src_gen.pdbx_description                   ? 
# 
loop_
_chem_comp.id 
_chem_comp.type 
_chem_comp.mon_nstd_flag 
_chem_comp.name 
_chem_comp.pdbx_synonyms 
_chem_comp.formula 
_chem_comp.formula_weight 
ALA 'L-peptide linking' y ALANINE          ? 'C3 H7 N O2'     89.093  
ARG 'L-peptide linking' y ARGININE         ? 'C6 H15 N4 O2 1' 175.209 
ASN 'L-peptide linking' y ASPARAGINE       ? 'C4 H8 N2 O3'    132.118 
ASP 'L-peptide linking' y 'ASPARTIC ACID'  ? 'C4 H7 N O4'     133.103 
GLN 'L-peptide linking' y GLUTAMINE        ? 'C5 H10 N2 O3'   146.144 
GLU 'L-peptide linking' y 'GLUTAMIC ACID'  ? 'C5 H9 N O4'     147.129 
GLY 'peptide linking'   y GLYCINE          ? 'C2 H5 N O2'     75.067  
HIS 'L-peptide linking' y HISTIDINE        ? 'C6 H10 N3 O2 1' 156.162 
HOH non-polymer         . WATER            ? 'H2 O'           18.015  
ILE 'L-peptide linking' y ISOLEUCINE       ? 'C6 H13 N O2'    131.173 
LEU 'L-peptide linking' y LEUCINE          ? 'C6 H13 N O2'    131.173 
LYS 'L-peptide linking' y LYSINE           ? 'C6 H15 N2 O2 1' 147.195 
MET 'L-peptide linking' y METHIONINE       ? 'C5 H11 N O2 S'  149.211 
MSE 'L-peptide linking' n SELENOMETHIONINE ? 'C5 H11 N O2 Se' 196.106 
PHE 'L-peptide linking' y PHENYLALANINE    ? 'C9 H11 N O2'    165.189 
PRO 'L-peptide linking' y PROLINE          ? 'C5 H9 N O2'     115.130 
SER 'L-peptide linking' y SERINE           ? 'C3 H7 N O3'     105.093 
THR 'L-peptide linking' y THREONINE        ? 'C4 H9 N O3'     119.119 
TYR 'L-peptide linking' y TYROSINE         ? 'C9 H11 N O3'    181.189 
VAL 'L-peptide linking' y VALINE           ? 'C5 H11 N O2'    117.146 
# 
loop_
_pdbx_poly_seq_scheme.asym_id 
_pdbx_poly_seq_scheme.entity_id 
_pdbx_poly_seq_scheme.seq_id 
_pdbx_poly_seq_scheme.mon_id 
_pdbx_poly_seq_scheme.ndb_seq_num 
_pdbx_poly_seq_scheme.pdb_seq_num 
_pdbx_poly_seq_scheme.auth_seq_num 
_pdbx_poly_seq_scheme.pdb_mon_id 
_pdbx_poly_seq_scheme.auth_mon_id 
_pdbx_poly_seq_scheme.pdb_strand_id 
_pdbx_poly_seq_scheme.pdb_ins_code 
_pdbx_poly_seq_scheme.hetero 
A 1 1   GLY 1   16  ?   ?   ?   A . n 
A 1 2   SER 2   17  ?   ?   ?   A . n 
A 1 3   HIS 3   18  ?   ?   ?   A . n 
A 1 4   MSE 4   19  ?   ?   ?   A . n 
A 1 5   LYS 5   20  ?   ?   ?   A . n 
A 1 6   GLN 6   21  ?   ?   ?   A . n 
A 1 7   MSE 7   22  ?   ?   ?   A . n 
A 1 8   GLY 8   23  ?   ?   ?   A . n 
A 1 9   MSE 9   24  ?   ?   ?   A . n 
A 1 10  ASP 10  25  25  ASP ASP A . n 
A 1 11  MSE 11  26  26  MSE MSE A . n 
A 1 12  LYS 12  27  27  LYS LYS A . n 
A 1 13  ASP 13  28  28  ASP ASP A . n 
A 1 14  LEU 14  29  29  LEU LEU A . n 
A 1 15  ARG 15  30  30  ARG ARG A . n 
A 1 16  GLY 16  31  31  GLY GLY A . n 
A 1 17  VAL 17  32  32  VAL VAL A . n 
A 1 18  GLU 18  33  33  GLU GLU A . n 
A 1 19  GLU 19  34  34  GLU GLU A . n 
A 1 20  VAL 20  35  35  VAL VAL A . n 
A 1 21  VAL 21  36  36  VAL VAL A . n 
A 1 22  ILE 22  37  37  ILE ILE A . n 
A 1 23  LYS 23  38  38  LYS LYS A . n 
A 1 24  LEU 24  39  39  LEU LEU A . n 
A 1 25  LYS 25  40  40  LYS LYS A . n 
A 1 26  ARG 26  41  41  ARG ARG A . n 
A 1 27  LYS 27  42  42  LYS LYS A . n 
A 1 28  GLU 28  43  43  GLU GLU A . n 
A 1 29  ILE 29  44  44  ILE ILE A . n 
A 1 30  ILE 30  45  45  ILE ILE A . n 
A 1 31  ILE 31  46  46  ILE ILE A . n 
A 1 32  LYS 32  47  47  LYS LYS A . n 
A 1 33  ASN 33  48  48  ASN ASN A . n 
A 1 34  PRO 34  49  49  PRO PRO A . n 
A 1 35  LYS 35  50  50  LYS LYS A . n 
A 1 36  VAL 36  51  51  VAL VAL A . n 
A 1 37  ASN 37  52  52  ASN ASN A . n 
A 1 38  VAL 38  53  53  VAL VAL A . n 
A 1 39  MSE 39  54  54  MSE MSE A . n 
A 1 40  GLU 40  55  55  GLU GLU A . n 
A 1 41  PHE 41  56  56  PHE PHE A . n 
A 1 42  MSE 42  57  57  MSE MSE A . n 
A 1 43  GLY 43  58  58  GLY GLY A . n 
A 1 44  GLN 44  59  59  GLN GLN A . n 
A 1 45  LYS 45  60  60  LYS LYS A . n 
A 1 46  THR 46  61  61  THR THR A . n 
A 1 47  TYR 47  62  62  TYR TYR A . n 
A 1 48  GLN 48  63  63  GLN GLN A . n 
A 1 49  VAL 49  64  64  VAL VAL A . n 
A 1 50  THR 50  65  65  THR THR A . n 
A 1 51  GLY 51  66  66  GLY GLY A . n 
A 1 52  LYS 52  67  67  LYS LYS A . n 
A 1 53  ALA 53  68  68  ALA ALA A . n 
A 1 54  ARG 54  69  69  ARG ARG A . n 
A 1 55  GLU 55  70  70  GLU GLU A . n 
A 1 56  ARG 56  71  71  ARG ARG A . n 
A 1 57  SER 57  72  72  SER SER A . n 
A 1 58  LEU 58  73  73  LEU LEU A . n 
A 1 59  GLU 59  74  74  GLU GLU A . n 
A 1 60  ALA 60  75  75  ALA ALA A . n 
A 1 61  GLU 61  76  76  GLU GLU A . n 
A 1 62  MSE 62  77  77  MSE MSE A . n 
A 1 63  GLU 63  78  78  GLU GLU A . n 
A 1 64  ILE 64  79  79  ILE ILE A . n 
A 1 65  PRO 65  80  80  PRO PRO A . n 
A 1 66  GLU 66  81  81  GLU GLU A . n 
A 1 67  ASP 67  82  82  ASP ASP A . n 
A 1 68  ASP 68  83  83  ASP ASP A . n 
A 1 69  ILE 69  84  84  ILE ILE A . n 
A 1 70  GLU 70  85  85  GLU GLU A . n 
A 1 71  LEU 71  86  86  LEU LEU A . n 
A 1 72  VAL 72  87  87  VAL VAL A . n 
A 1 73  MSE 73  88  88  MSE MSE A . n 
A 1 74  ASN 74  89  89  ASN ASN A . n 
A 1 75  GLN 75  90  90  GLN GLN A . n 
A 1 76  THR 76  91  91  THR THR A . n 
A 1 77  GLY 77  92  92  GLY GLY A . n 
A 1 78  ALA 78  93  93  ALA ALA A . n 
A 1 79  SER 79  94  94  SER SER A . n 
A 1 80  ARG 80  95  95  ARG ARG A . n 
A 1 81  GLU 81  96  96  GLU GLU A . n 
A 1 82  ASP 82  97  97  ASP ASP A . n 
A 1 83  ALA 83  98  98  ALA ALA A . n 
A 1 84  THR 84  99  99  THR THR A . n 
A 1 85  ARG 85  100 100 ARG ARG A . n 
A 1 86  ALA 86  101 101 ALA ALA A . n 
A 1 87  LEU 87  102 102 LEU LEU A . n 
A 1 88  GLN 88  103 103 GLN GLN A . n 
A 1 89  GLU 89  104 104 GLU GLU A . n 
A 1 90  THR 90  105 105 THR THR A . n 
A 1 91  GLY 91  106 106 GLY GLY A . n 
A 1 92  GLY 92  107 107 GLY GLY A . n 
A 1 93  ASP 93  108 108 ASP ASP A . n 
A 1 94  LEU 94  109 109 LEU LEU A . n 
A 1 95  ALA 95  110 110 ALA ALA A . n 
A 1 96  GLU 96  111 111 GLU GLU A . n 
A 1 97  ALA 97  112 112 ALA ALA A . n 
A 1 98  ILE 98  113 113 ILE ILE A . n 
A 1 99  MSE 99  114 114 MSE MSE A . n 
A 1 100 ARG 100 115 115 ARG ARG A . n 
A 1 101 LEU 101 116 116 LEU LEU A . n 
A 1 102 SER 102 117 ?   ?   ?   A . n 
B 1 1   GLY 1   16  ?   ?   ?   B . n 
B 1 2   SER 2   17  ?   ?   ?   B . n 
B 1 3   HIS 3   18  ?   ?   ?   B . n 
B 1 4   MSE 4   19  ?   ?   ?   B . n 
B 1 5   LYS 5   20  ?   ?   ?   B . n 
B 1 6   GLN 6   21  ?   ?   ?   B . n 
B 1 7   MSE 7   22  ?   ?   ?   B . n 
B 1 8   GLY 8   23  ?   ?   ?   B . n 
B 1 9   MSE 9   24  ?   ?   ?   B . n 
B 1 10  ASP 10  25  25  ASP ASP B . n 
B 1 11  MSE 11  26  26  MSE MSE B . n 
B 1 12  LYS 12  27  27  LYS LYS B . n 
B 1 13  ASP 13  28  28  ASP ASP B . n 
B 1 14  LEU 14  29  29  LEU LEU B . n 
B 1 15  ARG 15  30  30  ARG ARG B . n 
B 1 16  GLY 16  31  31  GLY GLY B . n 
B 1 17  VAL 17  32  32  VAL VAL B . n 
B 1 18  GLU 18  33  33  GLU GLU B . n 
B 1 19  GLU 19  34  34  GLU GLU B . n 
B 1 20  VAL 20  35  35  VAL VAL B . n 
B 1 21  VAL 21  36  36  VAL VAL B . n 
B 1 22  ILE 22  37  37  ILE ILE B . n 
B 1 23  LYS 23  38  38  LYS LYS B . n 
B 1 24  LEU 24  39  39  LEU LEU B . n 
B 1 25  LYS 25  40  40  LYS LYS B . n 
B 1 26  ARG 26  41  41  ARG ARG B . n 
B 1 27  LYS 27  42  42  LYS LYS B . n 
B 1 28  GLU 28  43  43  GLU GLU B . n 
B 1 29  ILE 29  44  44  ILE ILE B . n 
B 1 30  ILE 30  45  45  ILE ILE B . n 
B 1 31  ILE 31  46  46  ILE ILE B . n 
B 1 32  LYS 32  47  47  LYS LYS B . n 
B 1 33  ASN 33  48  48  ASN ASN B . n 
B 1 34  PRO 34  49  49  PRO PRO B . n 
B 1 35  LYS 35  50  50  LYS LYS B . n 
B 1 36  VAL 36  51  51  VAL VAL B . n 
B 1 37  ASN 37  52  52  ASN ASN B . n 
B 1 38  VAL 38  53  53  VAL VAL B . n 
B 1 39  MSE 39  54  54  MSE MSE B . n 
B 1 40  GLU 40  55  55  GLU GLU B . n 
B 1 41  PHE 41  56  56  PHE PHE B . n 
B 1 42  MSE 42  57  57  MSE MSE B . n 
B 1 43  GLY 43  58  58  GLY GLY B . n 
B 1 44  GLN 44  59  59  GLN GLN B . n 
B 1 45  LYS 45  60  60  LYS LYS B . n 
B 1 46  THR 46  61  61  THR THR B . n 
B 1 47  TYR 47  62  62  TYR TYR B . n 
B 1 48  GLN 48  63  63  GLN GLN B . n 
B 1 49  VAL 49  64  64  VAL VAL B . n 
B 1 50  THR 50  65  65  THR THR B . n 
B 1 51  GLY 51  66  66  GLY GLY B . n 
B 1 52  LYS 52  67  67  LYS LYS B . n 
B 1 53  ALA 53  68  68  ALA ALA B . n 
B 1 54  ARG 54  69  69  ARG ARG B . n 
B 1 55  GLU 55  70  70  GLU GLU B . n 
B 1 56  ARG 56  71  71  ARG ARG B . n 
B 1 57  SER 57  72  72  SER SER B . n 
B 1 58  LEU 58  73  73  LEU LEU B . n 
B 1 59  GLU 59  74  74  GLU GLU B . n 
B 1 60  ALA 60  75  75  ALA ALA B . n 
B 1 61  GLU 61  76  76  GLU GLU B . n 
B 1 62  MSE 62  77  77  MSE MSE B . n 
B 1 63  GLU 63  78  78  GLU GLU B . n 
B 1 64  ILE 64  79  79  ILE ILE B . n 
B 1 65  PRO 65  80  80  PRO PRO B . n 
B 1 66  GLU 66  81  81  GLU GLU B . n 
B 1 67  ASP 67  82  82  ASP ASP B . n 
B 1 68  ASP 68  83  83  ASP ASP B . n 
B 1 69  ILE 69  84  84  ILE ILE B . n 
B 1 70  GLU 70  85  85  GLU GLU B . n 
B 1 71  LEU 71  86  86  LEU LEU B . n 
B 1 72  VAL 72  87  87  VAL VAL B . n 
B 1 73  MSE 73  88  88  MSE MSE B . n 
B 1 74  ASN 74  89  89  ASN ASN B . n 
B 1 75  GLN 75  90  90  GLN GLN B . n 
B 1 76  THR 76  91  91  THR THR B . n 
B 1 77  GLY 77  92  92  GLY GLY B . n 
B 1 78  ALA 78  93  93  ALA ALA B . n 
B 1 79  SER 79  94  94  SER SER B . n 
B 1 80  ARG 80  95  95  ARG ARG B . n 
B 1 81  GLU 81  96  96  GLU GLU B . n 
B 1 82  ASP 82  97  97  ASP ASP B . n 
B 1 83  ALA 83  98  98  ALA ALA B . n 
B 1 84  THR 84  99  99  THR THR B . n 
B 1 85  ARG 85  100 100 ARG ARG B . n 
B 1 86  ALA 86  101 101 ALA ALA B . n 
B 1 87  LEU 87  102 102 LEU LEU B . n 
B 1 88  GLN 88  103 103 GLN GLN B . n 
B 1 89  GLU 89  104 104 GLU GLU B . n 
B 1 90  THR 90  105 105 THR THR B . n 
B 1 91  GLY 91  106 106 GLY GLY B . n 
B 1 92  GLY 92  107 107 GLY GLY B . n 
B 1 93  ASP 93  108 108 ASP ASP B . n 
B 1 94  LEU 94  109 109 LEU LEU B . n 
B 1 95  ALA 95  110 110 ALA ALA B . n 
B 1 96  GLU 96  111 111 GLU GLU B . n 
B 1 97  ALA 97  112 112 ALA ALA B . n 
B 1 98  ILE 98  113 113 ILE ILE B . n 
B 1 99  MSE 99  114 114 MSE MSE B . n 
B 1 100 ARG 100 115 115 ARG ARG B . n 
B 1 101 LEU 101 116 116 LEU LEU B . n 
B 1 102 SER 102 117 ?   ?   ?   B . n 
# 
loop_
_pdbx_nonpoly_scheme.asym_id 
_pdbx_nonpoly_scheme.entity_id 
_pdbx_nonpoly_scheme.mon_id 
_pdbx_nonpoly_scheme.ndb_seq_num 
_pdbx_nonpoly_scheme.pdb_seq_num 
_pdbx_nonpoly_scheme.auth_seq_num 
_pdbx_nonpoly_scheme.pdb_mon_id 
_pdbx_nonpoly_scheme.auth_mon_id 
_pdbx_nonpoly_scheme.pdb_strand_id 
_pdbx_nonpoly_scheme.pdb_ins_code 
C 2 HOH 1  118 2  HOH HOH A . 
C 2 HOH 2  119 3  HOH HOH A . 
C 2 HOH 3  120 4  HOH HOH A . 
C 2 HOH 4  121 5  HOH HOH A . 
C 2 HOH 5  122 7  HOH HOH A . 
C 2 HOH 6  123 8  HOH HOH A . 
C 2 HOH 7  124 10 HOH HOH A . 
C 2 HOH 8  125 11 HOH HOH A . 
C 2 HOH 9  126 13 HOH HOH A . 
C 2 HOH 10 127 14 HOH HOH A . 
C 2 HOH 11 128 15 HOH HOH A . 
C 2 HOH 12 129 16 HOH HOH A . 
C 2 HOH 13 130 17 HOH HOH A . 
C 2 HOH 14 131 19 HOH HOH A . 
C 2 HOH 15 132 20 HOH HOH A . 
C 2 HOH 16 133 21 HOH HOH A . 
C 2 HOH 17 134 22 HOH HOH A . 
C 2 HOH 18 135 23 HOH HOH A . 
C 2 HOH 19 136 24 HOH HOH A . 
C 2 HOH 20 137 25 HOH HOH A . 
C 2 HOH 21 138 27 HOH HOH A . 
C 2 HOH 22 139 28 HOH HOH A . 
C 2 HOH 23 140 30 HOH HOH A . 
C 2 HOH 24 141 33 HOH HOH A . 
C 2 HOH 25 142 36 HOH HOH A . 
C 2 HOH 26 143 37 HOH HOH A . 
C 2 HOH 27 144 40 HOH HOH A . 
C 2 HOH 28 145 43 HOH HOH A . 
D 2 HOH 1  118 1  HOH HOH B . 
D 2 HOH 2  119 6  HOH HOH B . 
D 2 HOH 3  120 9  HOH HOH B . 
D 2 HOH 4  121 12 HOH HOH B . 
D 2 HOH 5  122 18 HOH HOH B . 
D 2 HOH 6  123 26 HOH HOH B . 
D 2 HOH 7  124 29 HOH HOH B . 
D 2 HOH 8  125 31 HOH HOH B . 
D 2 HOH 9  126 32 HOH HOH B . 
D 2 HOH 10 127 34 HOH HOH B . 
D 2 HOH 11 128 35 HOH HOH B . 
D 2 HOH 12 129 39 HOH HOH B . 
D 2 HOH 13 130 41 HOH HOH B . 
D 2 HOH 14 131 42 HOH HOH B . 
# 
loop_
_software.name 
_software.classification 
_software.version 
_software.citation_id 
_software.pdbx_ordinal 
REFMAC  refinement       5.1.9999  ? 1 
MOSFLM  'data reduction' .         ? 2 
CCP4    'data scaling'   '(SCALA)' ? 3 
PHENIX  phasing          '(HYSS)'  ? 4 
SHARP   phasing          .         ? 5 
RESOLVE phasing          .         ? 6 
# 
_cell.entry_id           1TR8 
_cell.length_a           90.89 
_cell.length_b           90.89 
_cell.length_c           49.476 
_cell.angle_alpha        90.00 
_cell.angle_beta         90.00 
_cell.angle_gamma        90.00 
_cell.Z_PDB              16 
_cell.pdbx_unique_axis   ? 
# 
_symmetry.entry_id                         1TR8 
_symmetry.space_group_name_H-M             'P 43 21 2' 
_symmetry.pdbx_full_space_group_name_H-M   ? 
_symmetry.cell_setting                     ? 
_symmetry.Int_Tables_number                96 
_symmetry.space_group_name_Hall            ? 
# 
_exptl.entry_id          1TR8 
_exptl.method            'X-RAY DIFFRACTION' 
_exptl.crystals_number   2 
# 
_exptl_crystal.id                    1 
_exptl_crystal.density_meas          ? 
_exptl_crystal.density_Matthews      2.51 
_exptl_crystal.density_percent_sol   50.67 
_exptl_crystal.description           ? 
_exptl_crystal.F_000                 ? 
_exptl_crystal.preparation           ? 
# 
_exptl_crystal_grow.crystal_id      1 
_exptl_crystal_grow.method          'VAPOR DIFFUSION, HANGING DROP' 
_exptl_crystal_grow.temp            296 
_exptl_crystal_grow.temp_details    ? 
_exptl_crystal_grow.pH              7.0 
_exptl_crystal_grow.pdbx_details    'sodium malonate, pH 7.0, VAPOR DIFFUSION, HANGING DROP, temperature 296K' 
_exptl_crystal_grow.pdbx_pH_range   . 
# 
_diffrn.id                     1 
_diffrn.ambient_temp           110 
_diffrn.ambient_temp_details   ? 
_diffrn.crystal_id             1 
# 
_diffrn_detector.diffrn_id              1 
_diffrn_detector.detector               CCD 
_diffrn_detector.type                   MARRESEARCH 
_diffrn_detector.pdbx_collection_date   2003-10-14 
_diffrn_detector.details                ? 
# 
_diffrn_radiation.diffrn_id                        1 
_diffrn_radiation.wavelength_id                    1 
_diffrn_radiation.pdbx_monochromatic_or_laue_m_l   M 
_diffrn_radiation.monochromator                    ? 
_diffrn_radiation.pdbx_diffrn_protocol             MAD 
_diffrn_radiation.pdbx_scattering_type             x-ray 
# 
loop_
_diffrn_radiation_wavelength.id 
_diffrn_radiation_wavelength.wavelength 
_diffrn_radiation_wavelength.wt 
1 0.9795 1.0 
2 0.9797 1.0 
3 0.9117 1.0 
4 0.99   1.0 
# 
_diffrn_source.diffrn_id                   1 
_diffrn_source.source                      SYNCHROTRON 
_diffrn_source.type                        'BESSY BEAMLINE 14.1' 
_diffrn_source.pdbx_synchrotron_site       BESSY 
_diffrn_source.pdbx_synchrotron_beamline   14.1 
_diffrn_source.pdbx_wavelength             ? 
_diffrn_source.pdbx_wavelength_list        '0.9795, 0.9797, 0.9117, 0.99' 
# 
_reflns.entry_id                     1TR8 
_reflns.observed_criterion_sigma_F   1.0 
_reflns.observed_criterion_sigma_I   1.0 
_reflns.d_resolution_high            2.27 
_reflns.d_resolution_low             20 
_reflns.number_all                   9416 
_reflns.number_obs                   8963 
_reflns.percent_possible_obs         96.4 
_reflns.pdbx_Rmerge_I_obs            0.045 
_reflns.pdbx_Rsym_value              0.045 
_reflns.pdbx_netI_over_sigmaI        8.5 
_reflns.B_iso_Wilson_estimate        56.5 
_reflns.pdbx_redundancy              6.2 
_reflns.R_free_details               ? 
_reflns.limit_h_max                  ? 
_reflns.limit_h_min                  ? 
_reflns.limit_k_max                  ? 
_reflns.limit_k_min                  ? 
_reflns.limit_l_max                  ? 
_reflns.limit_l_min                  ? 
_reflns.observed_criterion_F_max     ? 
_reflns.observed_criterion_F_min     ? 
_reflns.pdbx_chi_squared             ? 
_reflns.pdbx_scaling_rejects         ? 
_reflns.pdbx_ordinal                 1 
_reflns.pdbx_diffrn_id               1 
# 
_reflns_shell.d_res_high             2.27 
_reflns_shell.d_res_low              2.39 
_reflns_shell.percent_possible_all   96.4 
_reflns_shell.Rmerge_I_obs           0.168 
_reflns_shell.pdbx_Rsym_value        0.168 
_reflns_shell.meanI_over_sigI_obs    4.0 
_reflns_shell.pdbx_redundancy        5.8 
_reflns_shell.percent_possible_obs   ? 
_reflns_shell.number_unique_all      ? 
_reflns_shell.number_measured_all    ? 
_reflns_shell.number_measured_obs    ? 
_reflns_shell.number_unique_obs      ? 
_reflns_shell.pdbx_chi_squared       ? 
_reflns_shell.pdbx_ordinal           1 
_reflns_shell.pdbx_diffrn_id         1 
# 
_refine.entry_id                                 1TR8 
_refine.ls_number_reflns_obs                     8963 
_refine.ls_number_reflns_all                     9416 
_refine.pdbx_ls_sigma_I                          ? 
_refine.pdbx_ls_sigma_F                          4.0 
_refine.pdbx_data_cutoff_high_absF               ? 
_refine.pdbx_data_cutoff_low_absF                ? 
_refine.pdbx_data_cutoff_high_rms_absF           ? 
_refine.ls_d_res_low                             20.00 
_refine.ls_d_res_high                            2.27 
_refine.ls_percent_reflns_obs                    94.35 
_refine.ls_R_factor_obs                          0.19587 
_refine.ls_R_factor_all                          0.196 
_refine.ls_R_factor_R_work                       0.1937 
_refine.ls_R_factor_R_free                       0.24043 
_refine.ls_R_factor_R_free_error                 ? 
_refine.ls_R_factor_R_free_error_details         ? 
_refine.ls_percent_reflns_R_free                 4.8 
_refine.ls_number_reflns_R_free                  453 
_refine.ls_number_parameters                     ? 
_refine.ls_number_restraints                     ? 
_refine.occupancy_min                            ? 
_refine.occupancy_max                            ? 
_refine.correlation_coeff_Fo_to_Fc               0.954 
_refine.correlation_coeff_Fo_to_Fc_free          0.923 
_refine.B_iso_mean                               57.007 
_refine.aniso_B[1][1]                            1.81 
_refine.aniso_B[2][2]                            1.81 
_refine.aniso_B[3][3]                            -3.63 
_refine.aniso_B[1][2]                            0.00 
_refine.aniso_B[1][3]                            0.00 
_refine.aniso_B[2][3]                            0.00 
_refine.solvent_model_details                    'BABINET MODEL WITH MASK' 
_refine.solvent_model_param_ksol                 ? 
_refine.solvent_model_param_bsol                 ? 
_refine.pdbx_solvent_vdw_probe_radii             1.20 
_refine.pdbx_solvent_ion_probe_radii             0.80 
_refine.pdbx_solvent_shrinkage_radii             0.80 
_refine.pdbx_ls_cross_valid_method               THROUGHOUT 
_refine.details                                  'HYDROGENS HAVE BEEN ADDED IN THE RIDING POSITIONS' 
_refine.pdbx_starting_model                      ? 
_refine.pdbx_method_to_determine_struct          MAD 
_refine.pdbx_isotropic_thermal_model             ? 
_refine.pdbx_stereochemistry_target_values       'MAXIMUM LIKELIHOOD' 
_refine.pdbx_stereochem_target_val_spec_case     ? 
_refine.pdbx_R_Free_selection_details            RANDOM 
_refine.pdbx_overall_ESU_R                       0.323 
_refine.pdbx_overall_ESU_R_Free                  0.231 
_refine.overall_SU_ML                            0.171 
_refine.overall_SU_B                             12.873 
_refine.ls_redundancy_reflns_obs                 ? 
_refine.B_iso_min                                ? 
_refine.B_iso_max                                ? 
_refine.overall_SU_R_Cruickshank_DPI             ? 
_refine.overall_SU_R_free                        ? 
_refine.ls_wR_factor_R_free                      ? 
_refine.ls_wR_factor_R_work                      ? 
_refine.overall_FOM_free_R_set                   ? 
_refine.overall_FOM_work_R_set                   ? 
_refine.pdbx_refine_id                           'X-RAY DIFFRACTION' 
_refine.pdbx_TLS_residual_ADP_flag               'LIKELY RESIDUAL' 
_refine.pdbx_diffrn_id                           1 
_refine.pdbx_overall_phase_error                 ? 
_refine.pdbx_overall_SU_R_free_Cruickshank_DPI   ? 
_refine.pdbx_overall_SU_R_Blow_DPI               ? 
_refine.pdbx_overall_SU_R_free_Blow_DPI          ? 
# 
_refine_hist.pdbx_refine_id                   'X-RAY DIFFRACTION' 
_refine_hist.cycle_id                         LAST 
_refine_hist.pdbx_number_atoms_protein        1452 
_refine_hist.pdbx_number_atoms_nucleic_acid   0 
_refine_hist.pdbx_number_atoms_ligand         0 
_refine_hist.number_atoms_solvent             42 
_refine_hist.number_atoms_total               1494 
_refine_hist.d_res_high                       2.27 
_refine_hist.d_res_low                        20.00 
# 
loop_
_refine_ls_restr.type 
_refine_ls_restr.dev_ideal 
_refine_ls_restr.dev_ideal_target 
_refine_ls_restr.weight 
_refine_ls_restr.number 
_refine_ls_restr.pdbx_refine_id 
_refine_ls_restr.pdbx_restraint_function 
r_bond_refined_d         0.011  0.022  ? 1458 'X-RAY DIFFRACTION' ? 
r_bond_other_d           0.001  0.020  ? 1408 'X-RAY DIFFRACTION' ? 
r_angle_refined_deg      1.334  1.988  ? 1946 'X-RAY DIFFRACTION' ? 
r_angle_other_deg        0.676  3.000  ? 3288 'X-RAY DIFFRACTION' ? 
r_dihedral_angle_1_deg   5.696  5.000  ? 182  'X-RAY DIFFRACTION' ? 
r_dihedral_angle_2_deg   39.856 25.429 ? 70   'X-RAY DIFFRACTION' ? 
r_dihedral_angle_3_deg   18.186 15.000 ? 316  'X-RAY DIFFRACTION' ? 
r_dihedral_angle_4_deg   18.991 15.000 ? 14   'X-RAY DIFFRACTION' ? 
r_chiral_restr           0.073  0.200  ? 224  'X-RAY DIFFRACTION' ? 
r_gen_planes_refined     0.007  0.020  ? 1586 'X-RAY DIFFRACTION' ? 
r_gen_planes_other       0.003  0.020  ? 252  'X-RAY DIFFRACTION' ? 
r_nbd_refined            0.221  0.200  ? 208  'X-RAY DIFFRACTION' ? 
r_nbd_other              0.220  0.200  ? 1235 'X-RAY DIFFRACTION' ? 
r_nbtor_other            0.089  0.200  ? 935  'X-RAY DIFFRACTION' ? 
r_xyhbond_nbd_refined    0.191  0.200  ? 47   'X-RAY DIFFRACTION' ? 
r_xyhbond_nbd_other      0.038  0.200  ? 1    'X-RAY DIFFRACTION' ? 
r_symmetry_vdw_refined   0.373  0.200  ? 20   'X-RAY DIFFRACTION' ? 
r_symmetry_vdw_other     0.297  0.200  ? 101  'X-RAY DIFFRACTION' ? 
r_symmetry_hbond_refined 0.175  0.200  ? 7    'X-RAY DIFFRACTION' ? 
r_mcbond_it              1.489  1.500  ? 1113 'X-RAY DIFFRACTION' ? 
r_mcbond_other           0.250  1.500  ? 380  'X-RAY DIFFRACTION' ? 
r_mcangle_it             1.593  2.000  ? 1466 'X-RAY DIFFRACTION' ? 
r_scbond_it              2.903  3.000  ? 578  'X-RAY DIFFRACTION' ? 
r_scangle_it             4.461  4.500  ? 480  'X-RAY DIFFRACTION' ? 
# 
loop_
_refine_ls_restr_ncs.dom_id 
_refine_ls_restr_ncs.pdbx_type 
_refine_ls_restr_ncs.pdbx_auth_asym_id 
_refine_ls_restr_ncs.pdbx_number 
_refine_ls_restr_ncs.rms_dev_position 
_refine_ls_restr_ncs.weight_position 
_refine_ls_restr_ncs.pdbx_ens_id 
_refine_ls_restr_ncs.pdbx_refine_id 
_refine_ls_restr_ncs.pdbx_ordinal 
_refine_ls_restr_ncs.ncs_model_details 
_refine_ls_restr_ncs.rms_dev_B_iso 
_refine_ls_restr_ncs.weight_B_iso 
_refine_ls_restr_ncs.pdbx_asym_id 
_refine_ls_restr_ncs.pdbx_rms 
_refine_ls_restr_ncs.pdbx_weight 
1 'tight positional'  A 260 0.08 0.05 1 'X-RAY DIFFRACTION' 1 ? ? ? ? ? ? 
1 'tight positional'  A 218 0.07 0.05 2 'X-RAY DIFFRACTION' 2 ? ? ? ? ? ? 
1 'medium positional' A 460 0.82 0.50 1 'X-RAY DIFFRACTION' 3 ? ? ? ? ? ? 
1 'medium positional' A 317 0.71 0.50 2 'X-RAY DIFFRACTION' 4 ? ? ? ? ? ? 
1 'tight thermal'     A 260 0.19 0.50 1 'X-RAY DIFFRACTION' 5 ? ? ? ? ? ? 
1 'tight thermal'     A 218 0.21 0.50 2 'X-RAY DIFFRACTION' 6 ? ? ? ? ? ? 
1 'medium thermal'    A 460 0.71 2.00 1 'X-RAY DIFFRACTION' 7 ? ? ? ? ? ? 
1 'medium thermal'    A 317 0.92 2.00 2 'X-RAY DIFFRACTION' 8 ? ? ? ? ? ? 
# 
_refine_ls_shell.pdbx_total_number_of_bins_used   20 
_refine_ls_shell.d_res_high                       2.272 
_refine_ls_shell.d_res_low                        2.331 
_refine_ls_shell.number_reflns_R_work             554 
_refine_ls_shell.R_factor_R_work                  0.217 
_refine_ls_shell.percent_reflns_obs               ? 
_refine_ls_shell.R_factor_R_free                  0.265 
_refine_ls_shell.R_factor_R_free_error            ? 
_refine_ls_shell.percent_reflns_R_free            ? 
_refine_ls_shell.number_reflns_R_free             48 
_refine_ls_shell.number_reflns_obs                ? 
_refine_ls_shell.redundancy_reflns_obs            ? 
_refine_ls_shell.number_reflns_all                ? 
_refine_ls_shell.pdbx_refine_id                   'X-RAY DIFFRACTION' 
_refine_ls_shell.R_factor_all                     ? 
# 
loop_
_struct_ncs_dom.pdbx_ens_id 
_struct_ncs_dom.id 
_struct_ncs_dom.details 
1 1 A 
1 2 B 
2 1 A 
2 2 B 
# 
loop_
_struct_ncs_dom_lim.pdbx_ens_id 
_struct_ncs_dom_lim.dom_id 
_struct_ncs_dom_lim.pdbx_component_id 
_struct_ncs_dom_lim.beg_label_asym_id 
_struct_ncs_dom_lim.beg_label_comp_id 
_struct_ncs_dom_lim.beg_label_seq_id 
_struct_ncs_dom_lim.beg_label_alt_id 
_struct_ncs_dom_lim.end_label_asym_id 
_struct_ncs_dom_lim.end_label_comp_id 
_struct_ncs_dom_lim.end_label_seq_id 
_struct_ncs_dom_lim.end_label_alt_id 
_struct_ncs_dom_lim.beg_auth_asym_id 
_struct_ncs_dom_lim.beg_auth_comp_id 
_struct_ncs_dom_lim.beg_auth_seq_id 
_struct_ncs_dom_lim.end_auth_asym_id 
_struct_ncs_dom_lim.end_auth_comp_id 
_struct_ncs_dom_lim.end_auth_seq_id 
_struct_ncs_dom_lim.pdbx_refine_code 
_struct_ncs_dom_lim.selection_details 
1 1 1 A LYS 12 . A GLU 55  . A LYS 27 A GLU 70  2 ? 
1 2 1 B LYS 12 . B GLU 55  . B LYS 27 B GLU 70  2 ? 
2 1 1 A ILE 64 . A ARG 100 . A ILE 79 A ARG 115 2 ? 
2 2 1 B ILE 64 . B ARG 100 . B ILE 79 B ARG 115 2 ? 
# 
loop_
_struct_ncs_ens.id 
_struct_ncs_ens.details 
_struct_ncs_ens.point_group 
1 ? ? 
2 ? ? 
# 
_struct.entry_id                  1TR8 
_struct.title                     'Crystal Structure of archaeal Nascent Polypeptide-associated Complex (aeNAC)' 
_struct.pdbx_model_details        ? 
_struct.pdbx_CASP_flag            ? 
_struct.pdbx_model_type_details   ? 
# 
_struct_keywords.entry_id        1TR8 
_struct_keywords.pdbx_keywords   CHAPERONE 
_struct_keywords.text            'Chaperones, Nascent Polypeptide-associated Complex, Ribosome, UBA-domain, Ubiquitin, CHAPERONE' 
# 
loop_
_struct_asym.id 
_struct_asym.pdbx_blank_PDB_chainid_flag 
_struct_asym.pdbx_modified 
_struct_asym.entity_id 
_struct_asym.details 
A N N 1 ? 
B N N 1 ? 
C N N 2 ? 
D N N 2 ? 
# 
_struct_ref.id                         1 
_struct_ref.db_name                    UNP 
_struct_ref.db_code                    NAC_METTM 
_struct_ref.pdbx_db_accession          P0C0K9 
_struct_ref.entity_id                  1 
_struct_ref.pdbx_seq_one_letter_code   
;MKQMGMDMKDLRGVEEVVIKLKRKEIIIKNPKVNVMEFMGQKTYQVTGKARERSLEAEMEIPEDDIELVMNQTGASREDA
TRALQETGGDLAEAIMRLS
;
_struct_ref.pdbx_align_begin           19 
_struct_ref.pdbx_db_isoform            ? 
# 
loop_
_struct_ref_seq.align_id 
_struct_ref_seq.ref_id 
_struct_ref_seq.pdbx_PDB_id_code 
_struct_ref_seq.pdbx_strand_id 
_struct_ref_seq.seq_align_beg 
_struct_ref_seq.pdbx_seq_align_beg_ins_code 
_struct_ref_seq.seq_align_end 
_struct_ref_seq.pdbx_seq_align_end_ins_code 
_struct_ref_seq.pdbx_db_accession 
_struct_ref_seq.db_align_beg 
_struct_ref_seq.pdbx_db_align_beg_ins_code 
_struct_ref_seq.db_align_end 
_struct_ref_seq.pdbx_db_align_end_ins_code 
_struct_ref_seq.pdbx_auth_seq_align_beg 
_struct_ref_seq.pdbx_auth_seq_align_end 
1 1 1TR8 A 4 ? 102 ? P0C0K9 19 ? 117 ? 19 117 
2 1 1TR8 B 4 ? 102 ? P0C0K9 19 ? 117 ? 19 117 
# 
loop_
_struct_ref_seq_dif.align_id 
_struct_ref_seq_dif.pdbx_pdb_id_code 
_struct_ref_seq_dif.mon_id 
_struct_ref_seq_dif.pdbx_pdb_strand_id 
_struct_ref_seq_dif.seq_num 
_struct_ref_seq_dif.pdbx_pdb_ins_code 
_struct_ref_seq_dif.pdbx_seq_db_name 
_struct_ref_seq_dif.pdbx_seq_db_accession_code 
_struct_ref_seq_dif.db_mon_id 
_struct_ref_seq_dif.pdbx_seq_db_seq_num 
_struct_ref_seq_dif.details 
_struct_ref_seq_dif.pdbx_auth_seq_num 
_struct_ref_seq_dif.pdbx_ordinal 
1 1TR8 GLY A 1  ? UNP P0C0K9 ?   ?   'cloning artifact' 16  1  
1 1TR8 SER A 2  ? UNP P0C0K9 ?   ?   'cloning artifact' 17  2  
1 1TR8 HIS A 3  ? UNP P0C0K9 ?   ?   'cloning artifact' 18  3  
1 1TR8 MSE A 4  ? UNP P0C0K9 MET 19  'modified residue' 19  4  
1 1TR8 MSE A 7  ? UNP P0C0K9 MET 22  'modified residue' 22  5  
1 1TR8 MSE A 9  ? UNP P0C0K9 MET 24  'modified residue' 24  6  
1 1TR8 MSE A 11 ? UNP P0C0K9 MET 26  'modified residue' 26  7  
1 1TR8 MSE A 39 ? UNP P0C0K9 MET 54  'modified residue' 54  8  
1 1TR8 MSE A 42 ? UNP P0C0K9 MET 57  'modified residue' 57  9  
1 1TR8 MSE A 62 ? UNP P0C0K9 MET 77  'modified residue' 77  10 
1 1TR8 MSE A 73 ? UNP P0C0K9 MET 88  'modified residue' 88  11 
1 1TR8 MSE A 99 ? UNP P0C0K9 MET 114 'modified residue' 114 12 
2 1TR8 GLY B 1  ? UNP P0C0K9 ?   ?   'cloning artifact' 16  13 
2 1TR8 SER B 2  ? UNP P0C0K9 ?   ?   'cloning artifact' 17  14 
2 1TR8 HIS B 3  ? UNP P0C0K9 ?   ?   'cloning artifact' 18  15 
2 1TR8 MSE B 4  ? UNP P0C0K9 MET 19  'modified residue' 19  16 
2 1TR8 MSE B 7  ? UNP P0C0K9 MET 22  'modified residue' 22  17 
2 1TR8 MSE B 9  ? UNP P0C0K9 MET 24  'modified residue' 24  18 
2 1TR8 MSE B 11 ? UNP P0C0K9 MET 26  'modified residue' 26  19 
2 1TR8 MSE B 39 ? UNP P0C0K9 MET 54  'modified residue' 54  20 
2 1TR8 MSE B 42 ? UNP P0C0K9 MET 57  'modified residue' 57  21 
2 1TR8 MSE B 62 ? UNP P0C0K9 MET 77  'modified residue' 77  22 
2 1TR8 MSE B 73 ? UNP P0C0K9 MET 88  'modified residue' 88  23 
2 1TR8 MSE B 99 ? UNP P0C0K9 MET 114 'modified residue' 114 24 
# 
_pdbx_struct_assembly.id                   1 
_pdbx_struct_assembly.details              author_defined_assembly 
_pdbx_struct_assembly.method_details       ? 
_pdbx_struct_assembly.oligomeric_details   tetrameric 
_pdbx_struct_assembly.oligomeric_count     4 
# 
_pdbx_struct_assembly_gen.assembly_id       1 
_pdbx_struct_assembly_gen.oper_expression   1,2 
_pdbx_struct_assembly_gen.asym_id_list      A,B,C,D 
# 
loop_
_pdbx_struct_oper_list.id 
_pdbx_struct_oper_list.type 
_pdbx_struct_oper_list.name 
_pdbx_struct_oper_list.symmetry_operation 
_pdbx_struct_oper_list.matrix[1][1] 
_pdbx_struct_oper_list.matrix[1][2] 
_pdbx_struct_oper_list.matrix[1][3] 
_pdbx_struct_oper_list.vector[1] 
_pdbx_struct_oper_list.matrix[2][1] 
_pdbx_struct_oper_list.matrix[2][2] 
_pdbx_struct_oper_list.matrix[2][3] 
_pdbx_struct_oper_list.vector[2] 
_pdbx_struct_oper_list.matrix[3][1] 
_pdbx_struct_oper_list.matrix[3][2] 
_pdbx_struct_oper_list.matrix[3][3] 
_pdbx_struct_oper_list.vector[3] 
1 'identity operation'         1_555 x,y,z            1.0000000000  0.0000000000  0.0000000000 0.0000000000 0.0000000000  1.0000000000  0.0000000000  0.0000000000   0.0000000000 0.0000000000  1.0000000000 0.0000000000  
2 'crystal symmetry operation' 8_667 -y+1,-x+1,-z+5/2 -0.7003096247 -0.1283915436 0.7021980070 6.0025462853 -0.1283915436 -0.9449952690 -0.3008314362 -22.9991041865 0.7021980070 -0.3008314362 0.6453048937 -6.7670312207 
# 
_struct_biol.id                    1 
_struct_biol.details               
;The biological unit is a homodimer. The two monomers in the asymetric unit belong to two different homodimers. Each biological unit is assembled by the crystal symmetry.
;
_struct_biol.pdbx_parent_biol_id   ? 
# 
loop_
_struct_conf.conf_type_id 
_struct_conf.id 
_struct_conf.pdbx_PDB_helix_id 
_struct_conf.beg_label_comp_id 
_struct_conf.beg_label_asym_id 
_struct_conf.beg_label_seq_id 
_struct_conf.pdbx_beg_PDB_ins_code 
_struct_conf.end_label_comp_id 
_struct_conf.end_label_asym_id 
_struct_conf.end_label_seq_id 
_struct_conf.pdbx_end_PDB_ins_code 
_struct_conf.beg_auth_comp_id 
_struct_conf.beg_auth_asym_id 
_struct_conf.beg_auth_seq_id 
_struct_conf.end_auth_comp_id 
_struct_conf.end_auth_asym_id 
_struct_conf.end_auth_seq_id 
_struct_conf.pdbx_PDB_helix_class 
_struct_conf.details 
_struct_conf.pdbx_PDB_helix_length 
HELX_P HELX_P1 1 PRO A 65 ? GLY A 77  ? PRO A 80  GLY A 92  1 ? 13 
HELX_P HELX_P2 2 SER A 79 ? THR A 90  ? SER A 94  THR A 105 1 ? 12 
HELX_P HELX_P3 3 ASP A 93 ? LEU A 101 ? ASP A 108 LEU A 116 1 ? 9  
HELX_P HELX_P4 4 PRO B 65 ? GLY B 77  ? PRO B 80  GLY B 92  1 ? 13 
HELX_P HELX_P5 5 SER B 79 ? THR B 90  ? SER B 94  THR B 105 1 ? 12 
HELX_P HELX_P6 6 ASP B 93 ? LEU B 101 ? ASP B 108 LEU B 116 1 ? 9  
# 
_struct_conf_type.id          HELX_P 
_struct_conf_type.criteria    ? 
_struct_conf_type.reference   ? 
# 
loop_
_struct_conn.id 
_struct_conn.conn_type_id 
_struct_conn.pdbx_leaving_atom_flag 
_struct_conn.pdbx_PDB_id 
_struct_conn.ptnr1_label_asym_id 
_struct_conn.ptnr1_label_comp_id 
_struct_conn.ptnr1_label_seq_id 
_struct_conn.ptnr1_label_atom_id 
_struct_conn.pdbx_ptnr1_label_alt_id 
_struct_conn.pdbx_ptnr1_PDB_ins_code 
_struct_conn.pdbx_ptnr1_standard_comp_id 
_struct_conn.ptnr1_symmetry 
_struct_conn.ptnr2_label_asym_id 
_struct_conn.ptnr2_label_comp_id 
_struct_conn.ptnr2_label_seq_id 
_struct_conn.ptnr2_label_atom_id 
_struct_conn.pdbx_ptnr2_label_alt_id 
_struct_conn.pdbx_ptnr2_PDB_ins_code 
_struct_conn.ptnr1_auth_asym_id 
_struct_conn.ptnr1_auth_comp_id 
_struct_conn.ptnr1_auth_seq_id 
_struct_conn.ptnr2_auth_asym_id 
_struct_conn.ptnr2_auth_comp_id 
_struct_conn.ptnr2_auth_seq_id 
_struct_conn.ptnr2_symmetry 
_struct_conn.pdbx_ptnr3_label_atom_id 
_struct_conn.pdbx_ptnr3_label_seq_id 
_struct_conn.pdbx_ptnr3_label_comp_id 
_struct_conn.pdbx_ptnr3_label_asym_id 
_struct_conn.pdbx_ptnr3_label_alt_id 
_struct_conn.pdbx_ptnr3_PDB_ins_code 
_struct_conn.details 
_struct_conn.pdbx_dist_value 
_struct_conn.pdbx_value_order 
_struct_conn.pdbx_role 
covale1  covale both ? A ASP 10 C ? ? ? 1_555 A MSE 11  N ? ? A ASP 25  A MSE 26  1_555 ? ? ? ? ? ? ? 1.335 ? ? 
covale2  covale both ? A MSE 11 C ? ? ? 1_555 A LYS 12  N ? ? A MSE 26  A LYS 27  1_555 ? ? ? ? ? ? ? 1.328 ? ? 
covale3  covale both ? A VAL 38 C ? ? ? 1_555 A MSE 39  N ? ? A VAL 53  A MSE 54  1_555 ? ? ? ? ? ? ? 1.325 ? ? 
covale4  covale both ? A MSE 39 C ? ? ? 1_555 A GLU 40  N ? ? A MSE 54  A GLU 55  1_555 ? ? ? ? ? ? ? 1.326 ? ? 
covale5  covale both ? A PHE 41 C ? ? ? 1_555 A MSE 42  N ? ? A PHE 56  A MSE 57  1_555 ? ? ? ? ? ? ? 1.327 ? ? 
covale6  covale both ? A MSE 42 C ? ? ? 1_555 A GLY 43  N ? ? A MSE 57  A GLY 58  1_555 ? ? ? ? ? ? ? 1.330 ? ? 
covale7  covale both ? A GLU 61 C ? ? ? 1_555 A MSE 62  N ? ? A GLU 76  A MSE 77  1_555 ? ? ? ? ? ? ? 1.329 ? ? 
covale8  covale both ? A MSE 62 C ? ? ? 1_555 A GLU 63  N ? ? A MSE 77  A GLU 78  1_555 ? ? ? ? ? ? ? 1.330 ? ? 
covale9  covale both ? A VAL 72 C ? ? ? 1_555 A MSE 73  N ? ? A VAL 87  A MSE 88  1_555 ? ? ? ? ? ? ? 1.325 ? ? 
covale10 covale both ? A MSE 73 C ? ? ? 1_555 A ASN 74  N ? ? A MSE 88  A ASN 89  1_555 ? ? ? ? ? ? ? 1.329 ? ? 
covale11 covale both ? A ILE 98 C ? ? ? 1_555 A MSE 99  N ? ? A ILE 113 A MSE 114 1_555 ? ? ? ? ? ? ? 1.333 ? ? 
covale12 covale both ? A MSE 99 C ? ? ? 1_555 A ARG 100 N ? ? A MSE 114 A ARG 115 1_555 ? ? ? ? ? ? ? 1.329 ? ? 
covale13 covale both ? B ASP 10 C ? ? ? 1_555 B MSE 11  N ? ? B ASP 25  B MSE 26  1_555 ? ? ? ? ? ? ? 1.331 ? ? 
covale14 covale both ? B MSE 11 C ? ? ? 1_555 B LYS 12  N ? ? B MSE 26  B LYS 27  1_555 ? ? ? ? ? ? ? 1.328 ? ? 
covale15 covale both ? B VAL 38 C ? ? ? 1_555 B MSE 39  N ? ? B VAL 53  B MSE 54  1_555 ? ? ? ? ? ? ? 1.330 ? ? 
covale16 covale both ? B MSE 39 C ? ? ? 1_555 B GLU 40  N ? ? B MSE 54  B GLU 55  1_555 ? ? ? ? ? ? ? 1.326 ? ? 
covale17 covale both ? B PHE 41 C ? ? ? 1_555 B MSE 42  N ? ? B PHE 56  B MSE 57  1_555 ? ? ? ? ? ? ? 1.329 ? ? 
covale18 covale both ? B MSE 42 C ? ? ? 1_555 B GLY 43  N ? ? B MSE 57  B GLY 58  1_555 ? ? ? ? ? ? ? 1.328 ? ? 
covale19 covale both ? B GLU 61 C ? ? ? 1_555 B MSE 62  N ? ? B GLU 76  B MSE 77  1_555 ? ? ? ? ? ? ? 1.331 ? ? 
covale20 covale both ? B MSE 62 C ? ? ? 1_555 B GLU 63  N ? ? B MSE 77  B GLU 78  1_555 ? ? ? ? ? ? ? 1.328 ? ? 
covale21 covale both ? B VAL 72 C ? ? ? 1_555 B MSE 73  N ? ? B VAL 87  B MSE 88  1_555 ? ? ? ? ? ? ? 1.332 ? ? 
covale22 covale both ? B MSE 73 C ? ? ? 1_555 B ASN 74  N ? ? B MSE 88  B ASN 89  1_555 ? ? ? ? ? ? ? 1.329 ? ? 
covale23 covale both ? B ILE 98 C ? ? ? 1_555 B MSE 99  N ? ? B ILE 113 B MSE 114 1_555 ? ? ? ? ? ? ? 1.321 ? ? 
covale24 covale both ? B MSE 99 C ? ? ? 1_555 B ARG 100 N ? ? B MSE 114 B ARG 115 1_555 ? ? ? ? ? ? ? 1.325 ? ? 
# 
_struct_conn_type.id          covale 
_struct_conn_type.criteria    ? 
_struct_conn_type.reference   ? 
# 
loop_
_pdbx_modification_feature.ordinal 
_pdbx_modification_feature.label_comp_id 
_pdbx_modification_feature.label_asym_id 
_pdbx_modification_feature.label_seq_id 
_pdbx_modification_feature.label_alt_id 
_pdbx_modification_feature.modified_residue_label_comp_id 
_pdbx_modification_feature.modified_residue_label_asym_id 
_pdbx_modification_feature.modified_residue_label_seq_id 
_pdbx_modification_feature.modified_residue_label_alt_id 
_pdbx_modification_feature.auth_comp_id 
_pdbx_modification_feature.auth_asym_id 
_pdbx_modification_feature.auth_seq_id 
_pdbx_modification_feature.PDB_ins_code 
_pdbx_modification_feature.symmetry 
_pdbx_modification_feature.modified_residue_auth_comp_id 
_pdbx_modification_feature.modified_residue_auth_asym_id 
_pdbx_modification_feature.modified_residue_auth_seq_id 
_pdbx_modification_feature.modified_residue_PDB_ins_code 
_pdbx_modification_feature.modified_residue_symmetry 
_pdbx_modification_feature.comp_id_linking_atom 
_pdbx_modification_feature.modified_residue_id_linking_atom 
_pdbx_modification_feature.modified_residue_id 
_pdbx_modification_feature.ref_pcm_id 
_pdbx_modification_feature.ref_comp_id 
_pdbx_modification_feature.type 
_pdbx_modification_feature.category 
1  MSE A 11 ? . . . . MSE A 26  ? 1_555 . . . . . . . MET 1 MSE Selenomethionine 'Named protein modification' 
2  MSE A 39 ? . . . . MSE A 54  ? 1_555 . . . . . . . MET 1 MSE Selenomethionine 'Named protein modification' 
3  MSE A 42 ? . . . . MSE A 57  ? 1_555 . . . . . . . MET 1 MSE Selenomethionine 'Named protein modification' 
4  MSE A 62 ? . . . . MSE A 77  ? 1_555 . . . . . . . MET 1 MSE Selenomethionine 'Named protein modification' 
5  MSE A 73 ? . . . . MSE A 88  ? 1_555 . . . . . . . MET 1 MSE Selenomethionine 'Named protein modification' 
6  MSE A 99 ? . . . . MSE A 114 ? 1_555 . . . . . . . MET 1 MSE Selenomethionine 'Named protein modification' 
7  MSE B 11 ? . . . . MSE B 26  ? 1_555 . . . . . . . MET 1 MSE Selenomethionine 'Named protein modification' 
8  MSE B 39 ? . . . . MSE B 54  ? 1_555 . . . . . . . MET 1 MSE Selenomethionine 'Named protein modification' 
9  MSE B 42 ? . . . . MSE B 57  ? 1_555 . . . . . . . MET 1 MSE Selenomethionine 'Named protein modification' 
10 MSE B 62 ? . . . . MSE B 77  ? 1_555 . . . . . . . MET 1 MSE Selenomethionine 'Named protein modification' 
11 MSE B 73 ? . . . . MSE B 88  ? 1_555 . . . . . . . MET 1 MSE Selenomethionine 'Named protein modification' 
12 MSE B 99 ? . . . . MSE B 114 ? 1_555 . . . . . . . MET 1 MSE Selenomethionine 'Named protein modification' 
# 
loop_
_struct_sheet.id 
_struct_sheet.type 
_struct_sheet.number_strands 
_struct_sheet.details 
A ? 3 ? 
B ? 6 ? 
C ? 4 ? 
D ? 3 ? 
# 
loop_
_struct_sheet_order.sheet_id 
_struct_sheet_order.range_id_1 
_struct_sheet_order.range_id_2 
_struct_sheet_order.offset 
_struct_sheet_order.sense 
A 1 2 ? anti-parallel 
A 2 3 ? anti-parallel 
B 1 2 ? anti-parallel 
B 2 3 ? anti-parallel 
B 3 4 ? anti-parallel 
B 4 5 ? anti-parallel 
B 5 6 ? anti-parallel 
C 1 2 ? anti-parallel 
C 2 3 ? anti-parallel 
C 3 4 ? anti-parallel 
D 1 2 ? anti-parallel 
D 2 3 ? anti-parallel 
# 
loop_
_struct_sheet_range.sheet_id 
_struct_sheet_range.id 
_struct_sheet_range.beg_label_comp_id 
_struct_sheet_range.beg_label_asym_id 
_struct_sheet_range.beg_label_seq_id 
_struct_sheet_range.pdbx_beg_PDB_ins_code 
_struct_sheet_range.end_label_comp_id 
_struct_sheet_range.end_label_asym_id 
_struct_sheet_range.end_label_seq_id 
_struct_sheet_range.pdbx_end_PDB_ins_code 
_struct_sheet_range.beg_auth_comp_id 
_struct_sheet_range.beg_auth_asym_id 
_struct_sheet_range.beg_auth_seq_id 
_struct_sheet_range.end_auth_comp_id 
_struct_sheet_range.end_auth_asym_id 
_struct_sheet_range.end_auth_seq_id 
A 1 LYS A 12 ? LEU A 14 ? LYS A 27 LEU A 29 
A 2 LYS A 35 ? PHE A 41 ? LYS A 50 PHE A 56 
A 3 GLN A 44 ? THR A 50 ? GLN A 59 THR A 65 
B 1 GLU A 19 ? LYS A 23 ? GLU A 34 LYS A 38 
B 2 LYS A 27 ? LYS A 32 ? LYS A 42 LYS A 47 
B 3 ALA A 53 ? GLU A 61 ? ALA A 68 GLU A 76 
B 4 ALA B 53 ? SER B 57 ? ALA B 68 SER B 72 
B 5 LYS B 27 ? LYS B 32 ? LYS B 42 LYS B 47 
B 6 GLU B 19 ? LYS B 23 ? GLU B 34 LYS B 38 
C 1 GLU A 19 ? LYS A 23 ? GLU A 34 LYS A 38 
C 2 LYS A 27 ? LYS A 32 ? LYS A 42 LYS A 47 
C 3 ALA A 53 ? GLU A 61 ? ALA A 68 GLU A 76 
C 4 GLU B 61 ? MSE B 62 ? GLU B 76 MSE B 77 
D 1 LYS B 12 ? ASP B 13 ? LYS B 27 ASP B 28 
D 2 LYS B 35 ? PHE B 41 ? LYS B 50 PHE B 56 
D 3 GLN B 44 ? THR B 50 ? GLN B 59 THR B 65 
# 
loop_
_pdbx_struct_sheet_hbond.sheet_id 
_pdbx_struct_sheet_hbond.range_id_1 
_pdbx_struct_sheet_hbond.range_id_2 
_pdbx_struct_sheet_hbond.range_1_label_atom_id 
_pdbx_struct_sheet_hbond.range_1_label_comp_id 
_pdbx_struct_sheet_hbond.range_1_label_asym_id 
_pdbx_struct_sheet_hbond.range_1_label_seq_id 
_pdbx_struct_sheet_hbond.range_1_PDB_ins_code 
_pdbx_struct_sheet_hbond.range_1_auth_atom_id 
_pdbx_struct_sheet_hbond.range_1_auth_comp_id 
_pdbx_struct_sheet_hbond.range_1_auth_asym_id 
_pdbx_struct_sheet_hbond.range_1_auth_seq_id 
_pdbx_struct_sheet_hbond.range_2_label_atom_id 
_pdbx_struct_sheet_hbond.range_2_label_comp_id 
_pdbx_struct_sheet_hbond.range_2_label_asym_id 
_pdbx_struct_sheet_hbond.range_2_label_seq_id 
_pdbx_struct_sheet_hbond.range_2_PDB_ins_code 
_pdbx_struct_sheet_hbond.range_2_auth_atom_id 
_pdbx_struct_sheet_hbond.range_2_auth_comp_id 
_pdbx_struct_sheet_hbond.range_2_auth_asym_id 
_pdbx_struct_sheet_hbond.range_2_auth_seq_id 
A 1 2 N LYS A 12 ? N LYS A 27 O VAL A 38 ? O VAL A 53 
A 2 3 N LYS A 35 ? N LYS A 50 O THR A 50 ? O THR A 65 
B 1 2 N ILE A 22 ? N ILE A 37 O ILE A 29 ? O ILE A 44 
B 2 3 N ILE A 30 ? N ILE A 45 O ARG A 54 ? O ARG A 69 
B 3 4 N GLU A 59 ? N GLU A 74 O GLU B 55 ? O GLU B 70 
B 4 5 O ARG B 56 ? O ARG B 71 N GLU B 28 ? N GLU B 43 
B 5 6 O ILE B 29 ? O ILE B 44 N ILE B 22 ? N ILE B 37 
C 1 2 N ILE A 22 ? N ILE A 37 O ILE A 29 ? O ILE A 44 
C 2 3 N ILE A 30 ? N ILE A 45 O ARG A 54 ? O ARG A 69 
C 3 4 N GLU A 55 ? N GLU A 70 O GLU B 61 ? O GLU B 76 
D 1 2 N LYS B 12 ? N LYS B 27 O VAL B 38 ? O VAL B 53 
D 2 3 N LYS B 35 ? N LYS B 50 O THR B 50 ? O THR B 65 
# 
_pdbx_entry_details.entry_id                   1TR8 
_pdbx_entry_details.compound_details           ? 
_pdbx_entry_details.source_details             ? 
_pdbx_entry_details.nonpolymer_details         ? 
_pdbx_entry_details.sequence_details           ? 
_pdbx_entry_details.has_ligand_of_interest     ? 
_pdbx_entry_details.has_protein_modification   Y 
# 
_pdbx_validate_close_contact.id               1 
_pdbx_validate_close_contact.PDB_model_num    1 
_pdbx_validate_close_contact.auth_atom_id_1   OE1 
_pdbx_validate_close_contact.auth_asym_id_1   A 
_pdbx_validate_close_contact.auth_comp_id_1   GLU 
_pdbx_validate_close_contact.auth_seq_id_1    76 
_pdbx_validate_close_contact.PDB_ins_code_1   ? 
_pdbx_validate_close_contact.label_alt_id_1   ? 
_pdbx_validate_close_contact.auth_atom_id_2   O 
_pdbx_validate_close_contact.auth_asym_id_2   A 
_pdbx_validate_close_contact.auth_comp_id_2   HOH 
_pdbx_validate_close_contact.auth_seq_id_2    144 
_pdbx_validate_close_contact.PDB_ins_code_2   ? 
_pdbx_validate_close_contact.label_alt_id_2   ? 
_pdbx_validate_close_contact.dist             2.09 
# 
_pdbx_validate_rmsd_angle.id                         1 
_pdbx_validate_rmsd_angle.PDB_model_num              1 
_pdbx_validate_rmsd_angle.auth_atom_id_1             CB 
_pdbx_validate_rmsd_angle.auth_asym_id_1             B 
_pdbx_validate_rmsd_angle.auth_comp_id_1             ASP 
_pdbx_validate_rmsd_angle.auth_seq_id_1              97 
_pdbx_validate_rmsd_angle.PDB_ins_code_1             ? 
_pdbx_validate_rmsd_angle.label_alt_id_1             ? 
_pdbx_validate_rmsd_angle.auth_atom_id_2             CG 
_pdbx_validate_rmsd_angle.auth_asym_id_2             B 
_pdbx_validate_rmsd_angle.auth_comp_id_2             ASP 
_pdbx_validate_rmsd_angle.auth_seq_id_2              97 
_pdbx_validate_rmsd_angle.PDB_ins_code_2             ? 
_pdbx_validate_rmsd_angle.label_alt_id_2             ? 
_pdbx_validate_rmsd_angle.auth_atom_id_3             OD2 
_pdbx_validate_rmsd_angle.auth_asym_id_3             B 
_pdbx_validate_rmsd_angle.auth_comp_id_3             ASP 
_pdbx_validate_rmsd_angle.auth_seq_id_3              97 
_pdbx_validate_rmsd_angle.PDB_ins_code_3             ? 
_pdbx_validate_rmsd_angle.label_alt_id_3             ? 
_pdbx_validate_rmsd_angle.angle_value                124.01 
_pdbx_validate_rmsd_angle.angle_target_value         118.30 
_pdbx_validate_rmsd_angle.angle_deviation            5.71 
_pdbx_validate_rmsd_angle.angle_standard_deviation   0.90 
_pdbx_validate_rmsd_angle.linker_flag                N 
# 
loop_
_pdbx_validate_torsion.id 
_pdbx_validate_torsion.PDB_model_num 
_pdbx_validate_torsion.auth_comp_id 
_pdbx_validate_torsion.auth_asym_id 
_pdbx_validate_torsion.auth_seq_id 
_pdbx_validate_torsion.PDB_ins_code 
_pdbx_validate_torsion.label_alt_id 
_pdbx_validate_torsion.phi 
_pdbx_validate_torsion.psi 
1 1 GLU B 34 ? ? -176.12 138.36 
2 1 ASN B 48 ? ? 37.69   56.77  
# 
loop_
_pdbx_struct_mod_residue.id 
_pdbx_struct_mod_residue.label_asym_id 
_pdbx_struct_mod_residue.label_comp_id 
_pdbx_struct_mod_residue.label_seq_id 
_pdbx_struct_mod_residue.auth_asym_id 
_pdbx_struct_mod_residue.auth_comp_id 
_pdbx_struct_mod_residue.auth_seq_id 
_pdbx_struct_mod_residue.PDB_ins_code 
_pdbx_struct_mod_residue.parent_comp_id 
_pdbx_struct_mod_residue.details 
1  A MSE 11 A MSE 26  ? MET SELENOMETHIONINE 
2  A MSE 39 A MSE 54  ? MET SELENOMETHIONINE 
3  A MSE 42 A MSE 57  ? MET SELENOMETHIONINE 
4  A MSE 62 A MSE 77  ? MET SELENOMETHIONINE 
5  A MSE 73 A MSE 88  ? MET SELENOMETHIONINE 
6  A MSE 99 A MSE 114 ? MET SELENOMETHIONINE 
7  B MSE 11 B MSE 26  ? MET SELENOMETHIONINE 
8  B MSE 39 B MSE 54  ? MET SELENOMETHIONINE 
9  B MSE 42 B MSE 57  ? MET SELENOMETHIONINE 
10 B MSE 62 B MSE 77  ? MET SELENOMETHIONINE 
11 B MSE 73 B MSE 88  ? MET SELENOMETHIONINE 
12 B MSE 99 B MSE 114 ? MET SELENOMETHIONINE 
# 
loop_
_pdbx_refine_tls.id 
_pdbx_refine_tls.details 
_pdbx_refine_tls.method 
_pdbx_refine_tls.origin_x 
_pdbx_refine_tls.origin_y 
_pdbx_refine_tls.origin_z 
_pdbx_refine_tls.T[1][1] 
_pdbx_refine_tls.T[2][2] 
_pdbx_refine_tls.T[3][3] 
_pdbx_refine_tls.T[1][2] 
_pdbx_refine_tls.T[1][3] 
_pdbx_refine_tls.T[2][3] 
_pdbx_refine_tls.L[1][1] 
_pdbx_refine_tls.L[2][2] 
_pdbx_refine_tls.L[3][3] 
_pdbx_refine_tls.L[1][2] 
_pdbx_refine_tls.L[1][3] 
_pdbx_refine_tls.L[2][3] 
_pdbx_refine_tls.S[1][1] 
_pdbx_refine_tls.S[1][2] 
_pdbx_refine_tls.S[1][3] 
_pdbx_refine_tls.S[2][1] 
_pdbx_refine_tls.S[2][2] 
_pdbx_refine_tls.S[2][3] 
_pdbx_refine_tls.S[3][1] 
_pdbx_refine_tls.S[3][2] 
_pdbx_refine_tls.S[3][3] 
_pdbx_refine_tls.pdbx_refine_id 
1 ? refined -7.1671  -13.3599 4.0288   -0.1282 -0.1060 -0.1157 0.0250  0.0463  -0.0036 3.4336  12.2300 3.0490  3.5100  -0.6319  -2.4443 0.1310  -0.3064 0.3032  0.3564  -0.0944 0.0375  -0.1692 0.0288  -0.0367 'X-RAY DIFFRACTION' 
2 ? refined 11.1586  -8.3791  -9.0554  -0.1721 -0.1132 -0.0756 0.0103  0.0232  0.0373  4.1061  10.1861 6.9909  -0.8987 1.0141   3.3141  -0.1070 0.0815  -0.0024 -0.1195 -0.0211 0.3520  -0.1183 -0.1183 0.1280  'X-RAY DIFFRACTION' 
3 ? refined -15.9367 -23.6523 -7.0534  0.0094  0.0667  0.0612  -0.0675 -0.0960 0.0171  6.4641  9.2650  40.1464 0.0076  4.0718   10.5521 -0.1781 0.6531  -0.3222 -0.4306 0.1611  0.2754  0.5511  -0.6263 0.0171  'X-RAY DIFFRACTION' 
4 ? refined 26.6165  -15.7597 -11.9900 0.0675  0.4979  0.7467  0.0302  -0.1044 -0.0947 33.1079 1.4192  5.4814  -6.7858 -13.2496 2.7869  0.8204  1.7455  -3.9527 -0.4053 -0.8370 -1.2731 0.2830  1.3222  0.0166  'X-RAY DIFFRACTION' 
5 ? refined -8.5834  -8.7033  6.2051   -0.0654 -0.0215 -0.1104 0.0148  0.0315  0.0456  4.4023  23.9240 2.3448  7.9046  3.2115   5.6286  -0.1782 -0.0401 0.5805  0.7246  0.2452  0.8460  -0.0529 -0.4663 -0.0670 'X-RAY DIFFRACTION' 
6 ? refined 9.6176   -3.1468  -8.3391  -0.1417 -0.0454 -0.0578 -0.0098 0.0181  0.0137  5.1560  10.0643 2.8304  -1.3816 -2.6728  0.6285  0.3656  0.1447  0.4681  -0.7718 0.1186  0.4781  -0.5506 0.3482  -0.4842 'X-RAY DIFFRACTION' 
7 ? refined 4.5416   18.1570  -8.4622  -0.1410 -0.1186 -0.1570 -0.0345 0.0856  0.0634  8.3457  7.2581  12.4853 -3.2851 3.8456   -1.6801 -0.1753 0.3103  -0.1327 0.2682  0.4185  0.0446  -0.0704 0.2209  -0.2431 'X-RAY DIFFRACTION' 
8 ? refined -10.4380 10.8679  17.0996  -0.1273 0.0307  -0.1164 0.0628  0.0719  0.0300  3.6868  22.2336 7.9159  -1.9217 -2.6238  -0.6687 -0.5373 -0.2751 -0.4247 0.8233  0.8262  -0.2738 0.4752  0.1289  -0.2889 'X-RAY DIFFRACTION' 
# 
loop_
_pdbx_refine_tls_group.id 
_pdbx_refine_tls_group.refine_tls_id 
_pdbx_refine_tls_group.beg_label_asym_id 
_pdbx_refine_tls_group.beg_label_seq_id 
_pdbx_refine_tls_group.beg_auth_seq_id 
_pdbx_refine_tls_group.end_label_asym_id 
_pdbx_refine_tls_group.end_label_seq_id 
_pdbx_refine_tls_group.end_auth_seq_id 
_pdbx_refine_tls_group.selection 
_pdbx_refine_tls_group.beg_auth_asym_id 
_pdbx_refine_tls_group.end_auth_asym_id 
_pdbx_refine_tls_group.pdbx_refine_id 
_pdbx_refine_tls_group.selection_details 
1 1 A 11 26 A 38  53  ? A A 'X-RAY DIFFRACTION' ? 
2 2 B 11 26 B 38  53  ? B B 'X-RAY DIFFRACTION' ? 
3 3 A 39 54 A 46  61  ? A A 'X-RAY DIFFRACTION' ? 
4 4 B 39 54 B 46  61  ? B B 'X-RAY DIFFRACTION' ? 
5 5 A 47 62 A 57  72  ? A A 'X-RAY DIFFRACTION' ? 
6 6 B 47 62 B 57  72  ? B B 'X-RAY DIFFRACTION' ? 
7 7 A 65 80 A 100 115 ? A A 'X-RAY DIFFRACTION' ? 
8 8 B 65 80 B 100 115 ? B B 'X-RAY DIFFRACTION' ? 
# 
loop_
_pdbx_unobs_or_zero_occ_residues.id 
_pdbx_unobs_or_zero_occ_residues.PDB_model_num 
_pdbx_unobs_or_zero_occ_residues.polymer_flag 
_pdbx_unobs_or_zero_occ_residues.occupancy_flag 
_pdbx_unobs_or_zero_occ_residues.auth_asym_id 
_pdbx_unobs_or_zero_occ_residues.auth_comp_id 
_pdbx_unobs_or_zero_occ_residues.auth_seq_id 
_pdbx_unobs_or_zero_occ_residues.PDB_ins_code 
_pdbx_unobs_or_zero_occ_residues.label_asym_id 
_pdbx_unobs_or_zero_occ_residues.label_comp_id 
_pdbx_unobs_or_zero_occ_residues.label_seq_id 
1  1 Y 1 A GLY 16  ? A GLY 1   
2  1 Y 1 A SER 17  ? A SER 2   
3  1 Y 1 A HIS 18  ? A HIS 3   
4  1 Y 1 A MSE 19  ? A MSE 4   
5  1 Y 1 A LYS 20  ? A LYS 5   
6  1 Y 1 A GLN 21  ? A GLN 6   
7  1 Y 1 A MSE 22  ? A MSE 7   
8  1 Y 1 A GLY 23  ? A GLY 8   
9  1 Y 1 A MSE 24  ? A MSE 9   
10 1 Y 1 A SER 117 ? A SER 102 
11 1 Y 1 B GLY 16  ? B GLY 1   
12 1 Y 1 B SER 17  ? B SER 2   
13 1 Y 1 B HIS 18  ? B HIS 3   
14 1 Y 1 B MSE 19  ? B MSE 4   
15 1 Y 1 B LYS 20  ? B LYS 5   
16 1 Y 1 B GLN 21  ? B GLN 6   
17 1 Y 1 B MSE 22  ? B MSE 7   
18 1 Y 1 B GLY 23  ? B GLY 8   
19 1 Y 1 B MSE 24  ? B MSE 9   
20 1 Y 1 B SER 117 ? B SER 102 
# 
loop_
_chem_comp_atom.comp_id 
_chem_comp_atom.atom_id 
_chem_comp_atom.type_symbol 
_chem_comp_atom.pdbx_aromatic_flag 
_chem_comp_atom.pdbx_stereo_config 
_chem_comp_atom.pdbx_ordinal 
ALA N    N  N N 1   
ALA CA   C  N S 2   
ALA C    C  N N 3   
ALA O    O  N N 4   
ALA CB   C  N N 5   
ALA OXT  O  N N 6   
ALA H    H  N N 7   
ALA H2   H  N N 8   
ALA HA   H  N N 9   
ALA HB1  H  N N 10  
ALA HB2  H  N N 11  
ALA HB3  H  N N 12  
ALA HXT  H  N N 13  
ARG N    N  N N 14  
ARG CA   C  N S 15  
ARG C    C  N N 16  
ARG O    O  N N 17  
ARG CB   C  N N 18  
ARG CG   C  N N 19  
ARG CD   C  N N 20  
ARG NE   N  N N 21  
ARG CZ   C  N N 22  
ARG NH1  N  N N 23  
ARG NH2  N  N N 24  
ARG OXT  O  N N 25  
ARG H    H  N N 26  
ARG H2   H  N N 27  
ARG HA   H  N N 28  
ARG HB2  H  N N 29  
ARG HB3  H  N N 30  
ARG HG2  H  N N 31  
ARG HG3  H  N N 32  
ARG HD2  H  N N 33  
ARG HD3  H  N N 34  
ARG HE   H  N N 35  
ARG HH11 H  N N 36  
ARG HH12 H  N N 37  
ARG HH21 H  N N 38  
ARG HH22 H  N N 39  
ARG HXT  H  N N 40  
ASN N    N  N N 41  
ASN CA   C  N S 42  
ASN C    C  N N 43  
ASN O    O  N N 44  
ASN CB   C  N N 45  
ASN CG   C  N N 46  
ASN OD1  O  N N 47  
ASN ND2  N  N N 48  
ASN OXT  O  N N 49  
ASN H    H  N N 50  
ASN H2   H  N N 51  
ASN HA   H  N N 52  
ASN HB2  H  N N 53  
ASN HB3  H  N N 54  
ASN HD21 H  N N 55  
ASN HD22 H  N N 56  
ASN HXT  H  N N 57  
ASP N    N  N N 58  
ASP CA   C  N S 59  
ASP C    C  N N 60  
ASP O    O  N N 61  
ASP CB   C  N N 62  
ASP CG   C  N N 63  
ASP OD1  O  N N 64  
ASP OD2  O  N N 65  
ASP OXT  O  N N 66  
ASP H    H  N N 67  
ASP H2   H  N N 68  
ASP HA   H  N N 69  
ASP HB2  H  N N 70  
ASP HB3  H  N N 71  
ASP HD2  H  N N 72  
ASP HXT  H  N N 73  
GLN N    N  N N 74  
GLN CA   C  N S 75  
GLN C    C  N N 76  
GLN O    O  N N 77  
GLN CB   C  N N 78  
GLN CG   C  N N 79  
GLN CD   C  N N 80  
GLN OE1  O  N N 81  
GLN NE2  N  N N 82  
GLN OXT  O  N N 83  
GLN H    H  N N 84  
GLN H2   H  N N 85  
GLN HA   H  N N 86  
GLN HB2  H  N N 87  
GLN HB3  H  N N 88  
GLN HG2  H  N N 89  
GLN HG3  H  N N 90  
GLN HE21 H  N N 91  
GLN HE22 H  N N 92  
GLN HXT  H  N N 93  
GLU N    N  N N 94  
GLU CA   C  N S 95  
GLU C    C  N N 96  
GLU O    O  N N 97  
GLU CB   C  N N 98  
GLU CG   C  N N 99  
GLU CD   C  N N 100 
GLU OE1  O  N N 101 
GLU OE2  O  N N 102 
GLU OXT  O  N N 103 
GLU H    H  N N 104 
GLU H2   H  N N 105 
GLU HA   H  N N 106 
GLU HB2  H  N N 107 
GLU HB3  H  N N 108 
GLU HG2  H  N N 109 
GLU HG3  H  N N 110 
GLU HE2  H  N N 111 
GLU HXT  H  N N 112 
GLY N    N  N N 113 
GLY CA   C  N N 114 
GLY C    C  N N 115 
GLY O    O  N N 116 
GLY OXT  O  N N 117 
GLY H    H  N N 118 
GLY H2   H  N N 119 
GLY HA2  H  N N 120 
GLY HA3  H  N N 121 
GLY HXT  H  N N 122 
HIS N    N  N N 123 
HIS CA   C  N S 124 
HIS C    C  N N 125 
HIS O    O  N N 126 
HIS CB   C  N N 127 
HIS CG   C  Y N 128 
HIS ND1  N  Y N 129 
HIS CD2  C  Y N 130 
HIS CE1  C  Y N 131 
HIS NE2  N  Y N 132 
HIS OXT  O  N N 133 
HIS H    H  N N 134 
HIS H2   H  N N 135 
HIS HA   H  N N 136 
HIS HB2  H  N N 137 
HIS HB3  H  N N 138 
HIS HD1  H  N N 139 
HIS HD2  H  N N 140 
HIS HE1  H  N N 141 
HIS HE2  H  N N 142 
HIS HXT  H  N N 143 
HOH O    O  N N 144 
HOH H1   H  N N 145 
HOH H2   H  N N 146 
ILE N    N  N N 147 
ILE CA   C  N S 148 
ILE C    C  N N 149 
ILE O    O  N N 150 
ILE CB   C  N S 151 
ILE CG1  C  N N 152 
ILE CG2  C  N N 153 
ILE CD1  C  N N 154 
ILE OXT  O  N N 155 
ILE H    H  N N 156 
ILE H2   H  N N 157 
ILE HA   H  N N 158 
ILE HB   H  N N 159 
ILE HG12 H  N N 160 
ILE HG13 H  N N 161 
ILE HG21 H  N N 162 
ILE HG22 H  N N 163 
ILE HG23 H  N N 164 
ILE HD11 H  N N 165 
ILE HD12 H  N N 166 
ILE HD13 H  N N 167 
ILE HXT  H  N N 168 
LEU N    N  N N 169 
LEU CA   C  N S 170 
LEU C    C  N N 171 
LEU O    O  N N 172 
LEU CB   C  N N 173 
LEU CG   C  N N 174 
LEU CD1  C  N N 175 
LEU CD2  C  N N 176 
LEU OXT  O  N N 177 
LEU H    H  N N 178 
LEU H2   H  N N 179 
LEU HA   H  N N 180 
LEU HB2  H  N N 181 
LEU HB3  H  N N 182 
LEU HG   H  N N 183 
LEU HD11 H  N N 184 
LEU HD12 H  N N 185 
LEU HD13 H  N N 186 
LEU HD21 H  N N 187 
LEU HD22 H  N N 188 
LEU HD23 H  N N 189 
LEU HXT  H  N N 190 
LYS N    N  N N 191 
LYS CA   C  N S 192 
LYS C    C  N N 193 
LYS O    O  N N 194 
LYS CB   C  N N 195 
LYS CG   C  N N 196 
LYS CD   C  N N 197 
LYS CE   C  N N 198 
LYS NZ   N  N N 199 
LYS OXT  O  N N 200 
LYS H    H  N N 201 
LYS H2   H  N N 202 
LYS HA   H  N N 203 
LYS HB2  H  N N 204 
LYS HB3  H  N N 205 
LYS HG2  H  N N 206 
LYS HG3  H  N N 207 
LYS HD2  H  N N 208 
LYS HD3  H  N N 209 
LYS HE2  H  N N 210 
LYS HE3  H  N N 211 
LYS HZ1  H  N N 212 
LYS HZ2  H  N N 213 
LYS HZ3  H  N N 214 
LYS HXT  H  N N 215 
MET N    N  N N 216 
MET CA   C  N S 217 
MET C    C  N N 218 
MET O    O  N N 219 
MET CB   C  N N 220 
MET CG   C  N N 221 
MET SD   S  N N 222 
MET CE   C  N N 223 
MET OXT  O  N N 224 
MET H    H  N N 225 
MET H2   H  N N 226 
MET HA   H  N N 227 
MET HB2  H  N N 228 
MET HB3  H  N N 229 
MET HG2  H  N N 230 
MET HG3  H  N N 231 
MET HE1  H  N N 232 
MET HE2  H  N N 233 
MET HE3  H  N N 234 
MET HXT  H  N N 235 
MSE N    N  N N 236 
MSE CA   C  N S 237 
MSE C    C  N N 238 
MSE O    O  N N 239 
MSE OXT  O  N N 240 
MSE CB   C  N N 241 
MSE CG   C  N N 242 
MSE SE   SE N N 243 
MSE CE   C  N N 244 
MSE H    H  N N 245 
MSE H2   H  N N 246 
MSE HA   H  N N 247 
MSE HXT  H  N N 248 
MSE HB2  H  N N 249 
MSE HB3  H  N N 250 
MSE HG2  H  N N 251 
MSE HG3  H  N N 252 
MSE HE1  H  N N 253 
MSE HE2  H  N N 254 
MSE HE3  H  N N 255 
PHE N    N  N N 256 
PHE CA   C  N S 257 
PHE C    C  N N 258 
PHE O    O  N N 259 
PHE CB   C  N N 260 
PHE CG   C  Y N 261 
PHE CD1  C  Y N 262 
PHE CD2  C  Y N 263 
PHE CE1  C  Y N 264 
PHE CE2  C  Y N 265 
PHE CZ   C  Y N 266 
PHE OXT  O  N N 267 
PHE H    H  N N 268 
PHE H2   H  N N 269 
PHE HA   H  N N 270 
PHE HB2  H  N N 271 
PHE HB3  H  N N 272 
PHE HD1  H  N N 273 
PHE HD2  H  N N 274 
PHE HE1  H  N N 275 
PHE HE2  H  N N 276 
PHE HZ   H  N N 277 
PHE HXT  H  N N 278 
PRO N    N  N N 279 
PRO CA   C  N S 280 
PRO C    C  N N 281 
PRO O    O  N N 282 
PRO CB   C  N N 283 
PRO CG   C  N N 284 
PRO CD   C  N N 285 
PRO OXT  O  N N 286 
PRO H    H  N N 287 
PRO HA   H  N N 288 
PRO HB2  H  N N 289 
PRO HB3  H  N N 290 
PRO HG2  H  N N 291 
PRO HG3  H  N N 292 
PRO HD2  H  N N 293 
PRO HD3  H  N N 294 
PRO HXT  H  N N 295 
SER N    N  N N 296 
SER CA   C  N S 297 
SER C    C  N N 298 
SER O    O  N N 299 
SER CB   C  N N 300 
SER OG   O  N N 301 
SER OXT  O  N N 302 
SER H    H  N N 303 
SER H2   H  N N 304 
SER HA   H  N N 305 
SER HB2  H  N N 306 
SER HB3  H  N N 307 
SER HG   H  N N 308 
SER HXT  H  N N 309 
THR N    N  N N 310 
THR CA   C  N S 311 
THR C    C  N N 312 
THR O    O  N N 313 
THR CB   C  N R 314 
THR OG1  O  N N 315 
THR CG2  C  N N 316 
THR OXT  O  N N 317 
THR H    H  N N 318 
THR H2   H  N N 319 
THR HA   H  N N 320 
THR HB   H  N N 321 
THR HG1  H  N N 322 
THR HG21 H  N N 323 
THR HG22 H  N N 324 
THR HG23 H  N N 325 
THR HXT  H  N N 326 
TYR N    N  N N 327 
TYR CA   C  N S 328 
TYR C    C  N N 329 
TYR O    O  N N 330 
TYR CB   C  N N 331 
TYR CG   C  Y N 332 
TYR CD1  C  Y N 333 
TYR CD2  C  Y N 334 
TYR CE1  C  Y N 335 
TYR CE2  C  Y N 336 
TYR CZ   C  Y N 337 
TYR OH   O  N N 338 
TYR OXT  O  N N 339 
TYR H    H  N N 340 
TYR H2   H  N N 341 
TYR HA   H  N N 342 
TYR HB2  H  N N 343 
TYR HB3  H  N N 344 
TYR HD1  H  N N 345 
TYR HD2  H  N N 346 
TYR HE1  H  N N 347 
TYR HE2  H  N N 348 
TYR HH   H  N N 349 
TYR HXT  H  N N 350 
VAL N    N  N N 351 
VAL CA   C  N S 352 
VAL C    C  N N 353 
VAL O    O  N N 354 
VAL CB   C  N N 355 
VAL CG1  C  N N 356 
VAL CG2  C  N N 357 
VAL OXT  O  N N 358 
VAL H    H  N N 359 
VAL H2   H  N N 360 
VAL HA   H  N N 361 
VAL HB   H  N N 362 
VAL HG11 H  N N 363 
VAL HG12 H  N N 364 
VAL HG13 H  N N 365 
VAL HG21 H  N N 366 
VAL HG22 H  N N 367 
VAL HG23 H  N N 368 
VAL HXT  H  N N 369 
# 
loop_
_chem_comp_bond.comp_id 
_chem_comp_bond.atom_id_1 
_chem_comp_bond.atom_id_2 
_chem_comp_bond.value_order 
_chem_comp_bond.pdbx_aromatic_flag 
_chem_comp_bond.pdbx_stereo_config 
_chem_comp_bond.pdbx_ordinal 
ALA N   CA   sing N N 1   
ALA N   H    sing N N 2   
ALA N   H2   sing N N 3   
ALA CA  C    sing N N 4   
ALA CA  CB   sing N N 5   
ALA CA  HA   sing N N 6   
ALA C   O    doub N N 7   
ALA C   OXT  sing N N 8   
ALA CB  HB1  sing N N 9   
ALA CB  HB2  sing N N 10  
ALA CB  HB3  sing N N 11  
ALA OXT HXT  sing N N 12  
ARG N   CA   sing N N 13  
ARG N   H    sing N N 14  
ARG N   H2   sing N N 15  
ARG CA  C    sing N N 16  
ARG CA  CB   sing N N 17  
ARG CA  HA   sing N N 18  
ARG C   O    doub N N 19  
ARG C   OXT  sing N N 20  
ARG CB  CG   sing N N 21  
ARG CB  HB2  sing N N 22  
ARG CB  HB3  sing N N 23  
ARG CG  CD   sing N N 24  
ARG CG  HG2  sing N N 25  
ARG CG  HG3  sing N N 26  
ARG CD  NE   sing N N 27  
ARG CD  HD2  sing N N 28  
ARG CD  HD3  sing N N 29  
ARG NE  CZ   sing N N 30  
ARG NE  HE   sing N N 31  
ARG CZ  NH1  sing N N 32  
ARG CZ  NH2  doub N N 33  
ARG NH1 HH11 sing N N 34  
ARG NH1 HH12 sing N N 35  
ARG NH2 HH21 sing N N 36  
ARG NH2 HH22 sing N N 37  
ARG OXT HXT  sing N N 38  
ASN N   CA   sing N N 39  
ASN N   H    sing N N 40  
ASN N   H2   sing N N 41  
ASN CA  C    sing N N 42  
ASN CA  CB   sing N N 43  
ASN CA  HA   sing N N 44  
ASN C   O    doub N N 45  
ASN C   OXT  sing N N 46  
ASN CB  CG   sing N N 47  
ASN CB  HB2  sing N N 48  
ASN CB  HB3  sing N N 49  
ASN CG  OD1  doub N N 50  
ASN CG  ND2  sing N N 51  
ASN ND2 HD21 sing N N 52  
ASN ND2 HD22 sing N N 53  
ASN OXT HXT  sing N N 54  
ASP N   CA   sing N N 55  
ASP N   H    sing N N 56  
ASP N   H2   sing N N 57  
ASP CA  C    sing N N 58  
ASP CA  CB   sing N N 59  
ASP CA  HA   sing N N 60  
ASP C   O    doub N N 61  
ASP C   OXT  sing N N 62  
ASP CB  CG   sing N N 63  
ASP CB  HB2  sing N N 64  
ASP CB  HB3  sing N N 65  
ASP CG  OD1  doub N N 66  
ASP CG  OD2  sing N N 67  
ASP OD2 HD2  sing N N 68  
ASP OXT HXT  sing N N 69  
GLN N   CA   sing N N 70  
GLN N   H    sing N N 71  
GLN N   H2   sing N N 72  
GLN CA  C    sing N N 73  
GLN CA  CB   sing N N 74  
GLN CA  HA   sing N N 75  
GLN C   O    doub N N 76  
GLN C   OXT  sing N N 77  
GLN CB  CG   sing N N 78  
GLN CB  HB2  sing N N 79  
GLN CB  HB3  sing N N 80  
GLN CG  CD   sing N N 81  
GLN CG  HG2  sing N N 82  
GLN CG  HG3  sing N N 83  
GLN CD  OE1  doub N N 84  
GLN CD  NE2  sing N N 85  
GLN NE2 HE21 sing N N 86  
GLN NE2 HE22 sing N N 87  
GLN OXT HXT  sing N N 88  
GLU N   CA   sing N N 89  
GLU N   H    sing N N 90  
GLU N   H2   sing N N 91  
GLU CA  C    sing N N 92  
GLU CA  CB   sing N N 93  
GLU CA  HA   sing N N 94  
GLU C   O    doub N N 95  
GLU C   OXT  sing N N 96  
GLU CB  CG   sing N N 97  
GLU CB  HB2  sing N N 98  
GLU CB  HB3  sing N N 99  
GLU CG  CD   sing N N 100 
GLU CG  HG2  sing N N 101 
GLU CG  HG3  sing N N 102 
GLU CD  OE1  doub N N 103 
GLU CD  OE2  sing N N 104 
GLU OE2 HE2  sing N N 105 
GLU OXT HXT  sing N N 106 
GLY N   CA   sing N N 107 
GLY N   H    sing N N 108 
GLY N   H2   sing N N 109 
GLY CA  C    sing N N 110 
GLY CA  HA2  sing N N 111 
GLY CA  HA3  sing N N 112 
GLY C   O    doub N N 113 
GLY C   OXT  sing N N 114 
GLY OXT HXT  sing N N 115 
HIS N   CA   sing N N 116 
HIS N   H    sing N N 117 
HIS N   H2   sing N N 118 
HIS CA  C    sing N N 119 
HIS CA  CB   sing N N 120 
HIS CA  HA   sing N N 121 
HIS C   O    doub N N 122 
HIS C   OXT  sing N N 123 
HIS CB  CG   sing N N 124 
HIS CB  HB2  sing N N 125 
HIS CB  HB3  sing N N 126 
HIS CG  ND1  sing Y N 127 
HIS CG  CD2  doub Y N 128 
HIS ND1 CE1  doub Y N 129 
HIS ND1 HD1  sing N N 130 
HIS CD2 NE2  sing Y N 131 
HIS CD2 HD2  sing N N 132 
HIS CE1 NE2  sing Y N 133 
HIS CE1 HE1  sing N N 134 
HIS NE2 HE2  sing N N 135 
HIS OXT HXT  sing N N 136 
HOH O   H1   sing N N 137 
HOH O   H2   sing N N 138 
ILE N   CA   sing N N 139 
ILE N   H    sing N N 140 
ILE N   H2   sing N N 141 
ILE CA  C    sing N N 142 
ILE CA  CB   sing N N 143 
ILE CA  HA   sing N N 144 
ILE C   O    doub N N 145 
ILE C   OXT  sing N N 146 
ILE CB  CG1  sing N N 147 
ILE CB  CG2  sing N N 148 
ILE CB  HB   sing N N 149 
ILE CG1 CD1  sing N N 150 
ILE CG1 HG12 sing N N 151 
ILE CG1 HG13 sing N N 152 
ILE CG2 HG21 sing N N 153 
ILE CG2 HG22 sing N N 154 
ILE CG2 HG23 sing N N 155 
ILE CD1 HD11 sing N N 156 
ILE CD1 HD12 sing N N 157 
ILE CD1 HD13 sing N N 158 
ILE OXT HXT  sing N N 159 
LEU N   CA   sing N N 160 
LEU N   H    sing N N 161 
LEU N   H2   sing N N 162 
LEU CA  C    sing N N 163 
LEU CA  CB   sing N N 164 
LEU CA  HA   sing N N 165 
LEU C   O    doub N N 166 
LEU C   OXT  sing N N 167 
LEU CB  CG   sing N N 168 
LEU CB  HB2  sing N N 169 
LEU CB  HB3  sing N N 170 
LEU CG  CD1  sing N N 171 
LEU CG  CD2  sing N N 172 
LEU CG  HG   sing N N 173 
LEU CD1 HD11 sing N N 174 
LEU CD1 HD12 sing N N 175 
LEU CD1 HD13 sing N N 176 
LEU CD2 HD21 sing N N 177 
LEU CD2 HD22 sing N N 178 
LEU CD2 HD23 sing N N 179 
LEU OXT HXT  sing N N 180 
LYS N   CA   sing N N 181 
LYS N   H    sing N N 182 
LYS N   H2   sing N N 183 
LYS CA  C    sing N N 184 
LYS CA  CB   sing N N 185 
LYS CA  HA   sing N N 186 
LYS C   O    doub N N 187 
LYS C   OXT  sing N N 188 
LYS CB  CG   sing N N 189 
LYS CB  HB2  sing N N 190 
LYS CB  HB3  sing N N 191 
LYS CG  CD   sing N N 192 
LYS CG  HG2  sing N N 193 
LYS CG  HG3  sing N N 194 
LYS CD  CE   sing N N 195 
LYS CD  HD2  sing N N 196 
LYS CD  HD3  sing N N 197 
LYS CE  NZ   sing N N 198 
LYS CE  HE2  sing N N 199 
LYS CE  HE3  sing N N 200 
LYS NZ  HZ1  sing N N 201 
LYS NZ  HZ2  sing N N 202 
LYS NZ  HZ3  sing N N 203 
LYS OXT HXT  sing N N 204 
MET N   CA   sing N N 205 
MET N   H    sing N N 206 
MET N   H2   sing N N 207 
MET CA  C    sing N N 208 
MET CA  CB   sing N N 209 
MET CA  HA   sing N N 210 
MET C   O    doub N N 211 
MET C   OXT  sing N N 212 
MET CB  CG   sing N N 213 
MET CB  HB2  sing N N 214 
MET CB  HB3  sing N N 215 
MET CG  SD   sing N N 216 
MET CG  HG2  sing N N 217 
MET CG  HG3  sing N N 218 
MET SD  CE   sing N N 219 
MET CE  HE1  sing N N 220 
MET CE  HE2  sing N N 221 
MET CE  HE3  sing N N 222 
MET OXT HXT  sing N N 223 
MSE N   CA   sing N N 224 
MSE N   H    sing N N 225 
MSE N   H2   sing N N 226 
MSE CA  C    sing N N 227 
MSE CA  CB   sing N N 228 
MSE CA  HA   sing N N 229 
MSE C   O    doub N N 230 
MSE C   OXT  sing N N 231 
MSE OXT HXT  sing N N 232 
MSE CB  CG   sing N N 233 
MSE CB  HB2  sing N N 234 
MSE CB  HB3  sing N N 235 
MSE CG  SE   sing N N 236 
MSE CG  HG2  sing N N 237 
MSE CG  HG3  sing N N 238 
MSE SE  CE   sing N N 239 
MSE CE  HE1  sing N N 240 
MSE CE  HE2  sing N N 241 
MSE CE  HE3  sing N N 242 
PHE N   CA   sing N N 243 
PHE N   H    sing N N 244 
PHE N   H2   sing N N 245 
PHE CA  C    sing N N 246 
PHE CA  CB   sing N N 247 
PHE CA  HA   sing N N 248 
PHE C   O    doub N N 249 
PHE C   OXT  sing N N 250 
PHE CB  CG   sing N N 251 
PHE CB  HB2  sing N N 252 
PHE CB  HB3  sing N N 253 
PHE CG  CD1  doub Y N 254 
PHE CG  CD2  sing Y N 255 
PHE CD1 CE1  sing Y N 256 
PHE CD1 HD1  sing N N 257 
PHE CD2 CE2  doub Y N 258 
PHE CD2 HD2  sing N N 259 
PHE CE1 CZ   doub Y N 260 
PHE CE1 HE1  sing N N 261 
PHE CE2 CZ   sing Y N 262 
PHE CE2 HE2  sing N N 263 
PHE CZ  HZ   sing N N 264 
PHE OXT HXT  sing N N 265 
PRO N   CA   sing N N 266 
PRO N   CD   sing N N 267 
PRO N   H    sing N N 268 
PRO CA  C    sing N N 269 
PRO CA  CB   sing N N 270 
PRO CA  HA   sing N N 271 
PRO C   O    doub N N 272 
PRO C   OXT  sing N N 273 
PRO CB  CG   sing N N 274 
PRO CB  HB2  sing N N 275 
PRO CB  HB3  sing N N 276 
PRO CG  CD   sing N N 277 
PRO CG  HG2  sing N N 278 
PRO CG  HG3  sing N N 279 
PRO CD  HD2  sing N N 280 
PRO CD  HD3  sing N N 281 
PRO OXT HXT  sing N N 282 
SER N   CA   sing N N 283 
SER N   H    sing N N 284 
SER N   H2   sing N N 285 
SER CA  C    sing N N 286 
SER CA  CB   sing N N 287 
SER CA  HA   sing N N 288 
SER C   O    doub N N 289 
SER C   OXT  sing N N 290 
SER CB  OG   sing N N 291 
SER CB  HB2  sing N N 292 
SER CB  HB3  sing N N 293 
SER OG  HG   sing N N 294 
SER OXT HXT  sing N N 295 
THR N   CA   sing N N 296 
THR N   H    sing N N 297 
THR N   H2   sing N N 298 
THR CA  C    sing N N 299 
THR CA  CB   sing N N 300 
THR CA  HA   sing N N 301 
THR C   O    doub N N 302 
THR C   OXT  sing N N 303 
THR CB  OG1  sing N N 304 
THR CB  CG2  sing N N 305 
THR CB  HB   sing N N 306 
THR OG1 HG1  sing N N 307 
THR CG2 HG21 sing N N 308 
THR CG2 HG22 sing N N 309 
THR CG2 HG23 sing N N 310 
THR OXT HXT  sing N N 311 
TYR N   CA   sing N N 312 
TYR N   H    sing N N 313 
TYR N   H2   sing N N 314 
TYR CA  C    sing N N 315 
TYR CA  CB   sing N N 316 
TYR CA  HA   sing N N 317 
TYR C   O    doub N N 318 
TYR C   OXT  sing N N 319 
TYR CB  CG   sing N N 320 
TYR CB  HB2  sing N N 321 
TYR CB  HB3  sing N N 322 
TYR CG  CD1  doub Y N 323 
TYR CG  CD2  sing Y N 324 
TYR CD1 CE1  sing Y N 325 
TYR CD1 HD1  sing N N 326 
TYR CD2 CE2  doub Y N 327 
TYR CD2 HD2  sing N N 328 
TYR CE1 CZ   doub Y N 329 
TYR CE1 HE1  sing N N 330 
TYR CE2 CZ   sing Y N 331 
TYR CE2 HE2  sing N N 332 
TYR CZ  OH   sing N N 333 
TYR OH  HH   sing N N 334 
TYR OXT HXT  sing N N 335 
VAL N   CA   sing N N 336 
VAL N   H    sing N N 337 
VAL N   H2   sing N N 338 
VAL CA  C    sing N N 339 
VAL CA  CB   sing N N 340 
VAL CA  HA   sing N N 341 
VAL C   O    doub N N 342 
VAL C   OXT  sing N N 343 
VAL CB  CG1  sing N N 344 
VAL CB  CG2  sing N N 345 
VAL CB  HB   sing N N 346 
VAL CG1 HG11 sing N N 347 
VAL CG1 HG12 sing N N 348 
VAL CG1 HG13 sing N N 349 
VAL CG2 HG21 sing N N 350 
VAL CG2 HG22 sing N N 351 
VAL CG2 HG23 sing N N 352 
VAL OXT HXT  sing N N 353 
# 
_atom_sites.entry_id                    1TR8 
_atom_sites.fract_transf_matrix[1][1]   -0.00406319 
_atom_sites.fract_transf_matrix[1][2]   -0.00309035 
_atom_sites.fract_transf_matrix[1][3]   0.00974711 
_atom_sites.fract_transf_matrix[2][1]   -0.01008667 
_atom_sites.fract_transf_matrix[2][2]   -0.00050981 
_atom_sites.fract_transf_matrix[2][3]   -0.00436637 
_atom_sites.fract_transf_matrix[3][1]   0.00308237 
_atom_sites.fract_transf_matrix[3][2]   -0.01937580 
_atom_sites.fract_transf_matrix[3][3]   -0.00485824 
_atom_sites.fract_transf_vector[1]      0.816071 
_atom_sites.fract_transf_vector[2]      0.203265 
_atom_sites.fract_transf_vector[3]      1.001509 
# 
loop_
_atom_type.symbol 
C  
N  
O  
SE 
# 
loop_
_atom_site.group_PDB 
_atom_site.id 
_atom_site.type_symbol 
_atom_site.label_atom_id 
_atom_site.label_alt_id 
_atom_site.label_comp_id 
_atom_site.label_asym_id 
_atom_site.label_entity_id 
_atom_site.label_seq_id 
_atom_site.pdbx_PDB_ins_code 
_atom_site.Cartn_x 
_atom_site.Cartn_y 
_atom_site.Cartn_z 
_atom_site.occupancy 
_atom_site.B_iso_or_equiv 
_atom_site.pdbx_formal_charge 
_atom_site.auth_seq_id 
_atom_site.auth_comp_id 
_atom_site.auth_asym_id 
_atom_site.auth_atom_id 
_atom_site.pdbx_PDB_model_num 
ATOM   1    N  N   . ASP A 1 10  ? -21.907 -25.899 0.306   1.00 85.52  ? 25  ASP A N   1 
ATOM   2    C  CA  . ASP A 1 10  ? -21.093 -27.160 0.365   1.00 85.62  ? 25  ASP A CA  1 
ATOM   3    C  C   . ASP A 1 10  ? -19.683 -26.841 0.915   1.00 84.87  ? 25  ASP A C   1 
ATOM   4    O  O   . ASP A 1 10  ? -18.666 -27.173 0.292   1.00 84.05  ? 25  ASP A O   1 
ATOM   5    C  CB  . ASP A 1 10  ? -21.002 -27.853 -1.015  1.00 86.19  ? 25  ASP A CB  1 
ATOM   6    C  CG  . ASP A 1 10  ? -22.101 -27.408 -2.000  1.00 87.97  ? 25  ASP A CG  1 
ATOM   7    O  OD1 . ASP A 1 10  ? -23.296 -27.402 -1.620  1.00 91.20  ? 25  ASP A OD1 1 
ATOM   8    O  OD2 . ASP A 1 10  ? -21.856 -27.055 -3.182  1.00 85.30  ? 25  ASP A OD2 1 
HETATM 9    N  N   . MSE A 1 11  ? -19.648 -26.236 2.105   1.00 83.54  ? 26  MSE A N   1 
HETATM 10   C  CA  . MSE A 1 11  ? -18.443 -25.598 2.636   1.00 83.80  ? 26  MSE A CA  1 
HETATM 11   C  C   . MSE A 1 11  ? -17.680 -26.473 3.630   1.00 80.94  ? 26  MSE A C   1 
HETATM 12   O  O   . MSE A 1 11  ? -18.261 -27.194 4.439   1.00 80.30  ? 26  MSE A O   1 
HETATM 13   C  CB  . MSE A 1 11  ? -18.777 -24.251 3.300   1.00 83.76  ? 26  MSE A CB  1 
HETATM 14   C  CG  . MSE A 1 11  ? -19.610 -23.279 2.451   0.70 85.22  ? 26  MSE A CG  1 
HETATM 15   SE SE  . MSE A 1 11  ? -18.626 -21.724 1.764   0.70 90.41  ? 26  MSE A SE  1 
HETATM 16   C  CE  . MSE A 1 11  ? -18.820 -20.579 3.214   0.70 90.92  ? 26  MSE A CE  1 
ATOM   17   N  N   . LYS A 1 12  ? -16.359 -26.370 3.541   1.00 78.25  ? 27  LYS A N   1 
ATOM   18   C  CA  . LYS A 1 12  ? -15.413 -27.034 4.414   1.00 76.07  ? 27  LYS A CA  1 
ATOM   19   C  C   . LYS A 1 12  ? -14.679 -25.949 5.214   1.00 74.33  ? 27  LYS A C   1 
ATOM   20   O  O   . LYS A 1 12  ? -14.545 -24.823 4.752   1.00 72.92  ? 27  LYS A O   1 
ATOM   21   C  CB  . LYS A 1 12  ? -14.452 -27.811 3.523   1.00 76.54  ? 27  LYS A CB  1 
ATOM   22   C  CG  . LYS A 1 12  ? -13.447 -28.668 4.255   1.00 79.84  ? 27  LYS A CG  1 
ATOM   23   C  CD  . LYS A 1 12  ? -13.928 -30.114 4.447   1.00 83.76  ? 27  LYS A CD  1 
ATOM   24   C  CE  . LYS A 1 12  ? -12.800 -31.019 4.967   1.00 83.61  ? 27  LYS A CE  1 
ATOM   25   N  NZ  . LYS A 1 12  ? -11.565 -30.921 4.135   1.00 82.81  ? 27  LYS A NZ  1 
ATOM   26   N  N   . ASP A 1 13  ? -14.238 -26.259 6.427   1.00 72.67  ? 28  ASP A N   1 
ATOM   27   C  CA  . ASP A 1 13  ? -13.420 -25.331 7.209   1.00 72.23  ? 28  ASP A CA  1 
ATOM   28   C  C   . ASP A 1 13  ? -11.961 -25.445 6.793   1.00 71.04  ? 28  ASP A C   1 
ATOM   29   O  O   . ASP A 1 13  ? -11.504 -26.519 6.408   1.00 69.24  ? 28  ASP A O   1 
ATOM   30   C  CB  . ASP A 1 13  ? -13.525 -25.608 8.707   1.00 71.98  ? 28  ASP A CB  1 
ATOM   31   C  CG  . ASP A 1 13  ? -14.885 -25.247 9.275   1.00 75.25  ? 28  ASP A CG  1 
ATOM   32   O  OD1 . ASP A 1 13  ? -15.388 -24.132 8.993   1.00 78.83  ? 28  ASP A OD1 1 
ATOM   33   O  OD2 . ASP A 1 13  ? -15.508 -26.002 10.054  1.00 78.89  ? 28  ASP A OD2 1 
ATOM   34   N  N   . LEU A 1 14  ? -11.261 -24.314 6.814   1.00 70.32  ? 29  LEU A N   1 
ATOM   35   C  CA  . LEU A 1 14  ? -9.833  -24.259 6.482   1.00 70.44  ? 29  LEU A CA  1 
ATOM   36   C  C   . LEU A 1 14  ? -9.116  -23.799 7.730   1.00 69.41  ? 29  LEU A C   1 
ATOM   37   O  O   . LEU A 1 14  ? -9.366  -22.700 8.222   1.00 69.76  ? 29  LEU A O   1 
ATOM   38   C  CB  . LEU A 1 14  ? -9.568  -23.304 5.320   1.00 70.77  ? 29  LEU A CB  1 
ATOM   39   C  CG  . LEU A 1 14  ? -8.171  -23.326 4.707   1.00 72.79  ? 29  LEU A CG  1 
ATOM   40   C  CD1 . LEU A 1 14  ? -7.950  -24.661 4.024   1.00 76.94  ? 29  LEU A CD1 1 
ATOM   41   C  CD2 . LEU A 1 14  ? -7.936  -22.186 3.707   1.00 72.93  ? 29  LEU A CD2 1 
ATOM   42   N  N   . ARG A 1 15  ? -8.306  -24.695 8.288   1.00 67.87  ? 30  ARG A N   1 
ATOM   43   C  CA  . ARG A 1 15  ? -7.749  -24.531 9.627   1.00 66.30  ? 30  ARG A CA  1 
ATOM   44   C  C   . ARG A 1 15  ? -6.294  -24.040 9.586   1.00 64.78  ? 30  ARG A C   1 
ATOM   45   O  O   . ARG A 1 15  ? -5.557  -24.319 8.642   1.00 64.81  ? 30  ARG A O   1 
ATOM   46   C  CB  . ARG A 1 15  ? -7.869  -25.875 10.372  1.00 66.51  ? 30  ARG A CB  1 
ATOM   47   C  CG  . ARG A 1 15  ? -7.669  -25.782 11.844  1.00 67.65  ? 30  ARG A CG  1 
ATOM   48   C  CD  . ARG A 1 15  ? -7.977  -27.073 12.576  1.00 69.76  ? 30  ARG A CD  1 
ATOM   49   N  NE  . ARG A 1 15  ? -7.335  -27.150 13.885  1.00 68.80  ? 30  ARG A NE  1 
ATOM   50   C  CZ  . ARG A 1 15  ? -6.179  -27.754 14.127  1.00 73.14  ? 30  ARG A CZ  1 
ATOM   51   N  NH1 . ARG A 1 15  ? -5.492  -28.304 13.134  1.00 72.30  ? 30  ARG A NH1 1 
ATOM   52   N  NH2 . ARG A 1 15  ? -5.701  -27.801 15.374  1.00 72.95  ? 30  ARG A NH2 1 
ATOM   53   N  N   . GLY A 1 16  ? -5.909  -23.252 10.589  1.00 63.37  ? 31  GLY A N   1 
ATOM   54   C  CA  . GLY A 1 16  ? -4.522  -22.777 10.744  1.00 61.53  ? 31  GLY A CA  1 
ATOM   55   C  C   . GLY A 1 16  ? -4.136  -21.633 9.826   1.00 58.86  ? 31  GLY A C   1 
ATOM   56   O  O   . GLY A 1 16  ? -2.987  -21.534 9.418   1.00 58.24  ? 31  GLY A O   1 
ATOM   57   N  N   . VAL A 1 17  ? -5.084  -20.768 9.489   1.00 56.80  ? 32  VAL A N   1 
ATOM   58   C  CA  . VAL A 1 17  ? -4.771  -19.654 8.631   1.00 56.55  ? 32  VAL A CA  1 
ATOM   59   C  C   . VAL A 1 17  ? -4.246  -18.525 9.505   1.00 56.55  ? 32  VAL A C   1 
ATOM   60   O  O   . VAL A 1 17  ? -4.905  -18.110 10.451  1.00 57.31  ? 32  VAL A O   1 
ATOM   61   C  CB  . VAL A 1 17  ? -5.961  -19.189 7.771   1.00 57.88  ? 32  VAL A CB  1 
ATOM   62   C  CG1 . VAL A 1 17  ? -5.567  -17.936 6.962   1.00 56.26  ? 32  VAL A CG1 1 
ATOM   63   C  CG2 . VAL A 1 17  ? -6.410  -20.304 6.822   1.00 55.34  ? 32  VAL A CG2 1 
ATOM   64   N  N   . GLU A 1 18  ? -3.025  -18.087 9.215   1.00 54.91  ? 33  GLU A N   1 
ATOM   65   C  CA  . GLU A 1 18  ? -2.375  -17.045 9.987   1.00 54.35  ? 33  GLU A CA  1 
ATOM   66   C  C   . GLU A 1 18  ? -2.707  -15.660 9.484   1.00 53.18  ? 33  GLU A C   1 
ATOM   67   O  O   . GLU A 1 18  ? -2.782  -14.730 10.273  1.00 53.10  ? 33  GLU A O   1 
ATOM   68   C  CB  . GLU A 1 18  ? -0.857  -17.251 10.033  1.00 53.76  ? 33  GLU A CB  1 
ATOM   69   C  CG  . GLU A 1 18  ? -0.488  -18.525 10.769  1.00 55.21  ? 33  GLU A CG  1 
ATOM   70   C  CD  . GLU A 1 18  ? 1.004   -18.744 10.885  1.00 57.09  ? 33  GLU A CD  1 
ATOM   71   O  OE1 . GLU A 1 18  ? 1.786   -18.011 10.236  1.00 60.56  ? 33  GLU A OE1 1 
ATOM   72   O  OE2 . GLU A 1 18  ? 1.391   -19.646 11.655  1.00 62.77  ? 33  GLU A OE2 1 
ATOM   73   N  N   . GLU A 1 19  ? -2.975  -15.529 8.192   1.00 53.12  ? 34  GLU A N   1 
ATOM   74   C  CA  . GLU A 1 19  ? -3.204  -14.231 7.597   1.00 52.99  ? 34  GLU A CA  1 
ATOM   75   C  C   . GLU A 1 19  ? -3.774  -14.417 6.210   1.00 52.59  ? 34  GLU A C   1 
ATOM   76   O  O   . GLU A 1 19  ? -3.442  -15.391 5.502   1.00 53.45  ? 34  GLU A O   1 
ATOM   77   C  CB  . GLU A 1 19  ? -1.855  -13.519 7.546   1.00 52.76  ? 34  GLU A CB  1 
ATOM   78   C  CG  . GLU A 1 19  ? -1.806  -12.081 7.065   1.00 56.79  ? 34  GLU A CG  1 
ATOM   79   C  CD  . GLU A 1 19  ? -0.373  -11.535 7.162   1.00 55.93  ? 34  GLU A CD  1 
ATOM   80   O  OE1 . GLU A 1 19  ? 0.341   -11.894 8.119   1.00 61.67  ? 34  GLU A OE1 1 
ATOM   81   O  OE2 . GLU A 1 19  ? 0.050   -10.739 6.313   1.00 63.23  ? 34  GLU A OE2 1 
ATOM   82   N  N   . VAL A 1 20  ? -4.623  -13.477 5.820   1.00 52.14  ? 35  VAL A N   1 
ATOM   83   C  CA  . VAL A 1 20  ? -5.078  -13.347 4.443   1.00 51.73  ? 35  VAL A CA  1 
ATOM   84   C  C   . VAL A 1 20  ? -4.727  -11.934 4.043   1.00 51.40  ? 35  VAL A C   1 
ATOM   85   O  O   . VAL A 1 20  ? -4.909  -10.996 4.830   1.00 49.99  ? 35  VAL A O   1 
ATOM   86   C  CB  . VAL A 1 20  ? -6.590  -13.542 4.339   1.00 52.35  ? 35  VAL A CB  1 
ATOM   87   C  CG1 . VAL A 1 20  ? -7.107  -13.131 2.957   1.00 52.25  ? 35  VAL A CG1 1 
ATOM   88   C  CG2 . VAL A 1 20  ? -6.918  -14.991 4.661   1.00 53.90  ? 35  VAL A CG2 1 
ATOM   89   N  N   . VAL A 1 21  ? -4.129  -11.816 2.862   1.00 51.22  ? 36  VAL A N   1 
ATOM   90   C  CA  . VAL A 1 21  ? -3.805  -10.528 2.282   1.00 51.98  ? 36  VAL A CA  1 
ATOM   91   C  C   . VAL A 1 21  ? -4.523  -10.411 0.947   1.00 52.60  ? 36  VAL A C   1 
ATOM   92   O  O   . VAL A 1 21  ? -4.339  -11.265 0.069   1.00 52.36  ? 36  VAL A O   1 
ATOM   93   C  CB  . VAL A 1 21  ? -2.298  -10.368 2.022   1.00 51.03  ? 36  VAL A CB  1 
ATOM   94   C  CG1 . VAL A 1 21  ? -2.037  -9.005  1.398   1.00 51.73  ? 36  VAL A CG1 1 
ATOM   95   C  CG2 . VAL A 1 21  ? -1.486  -10.571 3.316   1.00 51.66  ? 36  VAL A CG2 1 
ATOM   96   N  N   . ILE A 1 22  ? -5.238  -9.301  0.778   1.00 52.40  ? 37  ILE A N   1 
ATOM   97   C  CA  . ILE A 1 22  ? -5.896  -8.963  -0.473  1.00 53.22  ? 37  ILE A CA  1 
ATOM   98   C  C   . ILE A 1 22  ? -5.174  -7.786  -1.118  1.00 52.26  ? 37  ILE A C   1 
ATOM   99   O  O   . ILE A 1 22  ? -5.179  -6.685  -0.578  1.00 50.93  ? 37  ILE A O   1 
ATOM   100  C  CB  . ILE A 1 22  ? -7.359  -8.624  -0.226  1.00 52.74  ? 37  ILE A CB  1 
ATOM   101  C  CG1 . ILE A 1 22  ? -8.012  -9.731  0.602   1.00 56.29  ? 37  ILE A CG1 1 
ATOM   102  C  CG2 . ILE A 1 22  ? -8.045  -8.478  -1.536  1.00 52.61  ? 37  ILE A CG2 1 
ATOM   103  C  CD1 . ILE A 1 22  ? -9.388  -9.390  1.050   1.00 58.42  ? 37  ILE A CD1 1 
ATOM   104  N  N   . LYS A 1 23  ? -4.658  -8.019  -2.326  1.00 51.75  ? 38  LYS A N   1 
ATOM   105  C  CA  . LYS A 1 23  ? -3.737  -7.111  -2.981  1.00 51.87  ? 38  LYS A CA  1 
ATOM   106  C  C   . LYS A 1 23  ? -4.407  -6.415  -4.139  1.00 51.36  ? 38  LYS A C   1 
ATOM   107  O  O   . LYS A 1 23  ? -4.968  -7.069  -5.014  1.00 51.67  ? 38  LYS A O   1 
ATOM   108  C  CB  . LYS A 1 23  ? -2.548  -7.897  -3.523  1.00 51.98  ? 38  LYS A CB  1 
ATOM   109  C  CG  . LYS A 1 23  ? -1.733  -8.593  -2.442  1.00 55.09  ? 38  LYS A CG  1 
ATOM   110  C  CD  . LYS A 1 23  ? -0.695  -9.498  -3.068  1.00 55.89  ? 38  LYS A CD  1 
ATOM   111  C  CE  . LYS A 1 23  ? 0.402   -9.861  -2.090  1.00 59.92  ? 38  LYS A CE  1 
ATOM   112  N  NZ  . LYS A 1 23  ? 1.625   -10.320 -2.860  1.00 59.66  ? 38  LYS A NZ  1 
ATOM   113  N  N   . LEU A 1 24  ? -4.298  -5.094  -4.148  1.00 50.92  ? 39  LEU A N   1 
ATOM   114  C  CA  . LEU A 1 24  ? -4.810  -4.261  -5.222  1.00 51.77  ? 39  LEU A CA  1 
ATOM   115  C  C   . LEU A 1 24  ? -3.644  -3.385  -5.607  1.00 51.59  ? 39  LEU A C   1 
ATOM   116  O  O   . LEU A 1 24  ? -2.604  -3.475  -4.994  1.00 51.88  ? 39  LEU A O   1 
ATOM   117  C  CB  . LEU A 1 24  ? -5.988  -3.428  -4.719  1.00 51.14  ? 39  LEU A CB  1 
ATOM   118  C  CG  . LEU A 1 24  ? -7.272  -4.167  -4.336  1.00 51.90  ? 39  LEU A CG  1 
ATOM   119  C  CD1 . LEU A 1 24  ? -7.286  -4.523  -2.868  1.00 53.57  ? 39  LEU A CD1 1 
ATOM   120  C  CD2 . LEU A 1 24  ? -8.494  -3.311  -4.655  1.00 51.90  ? 39  LEU A CD2 1 
ATOM   121  N  N   . LYS A 1 25  ? -3.810  -2.521  -6.596  1.00 53.78  ? 40  LYS A N   1 
ATOM   122  C  CA  . LYS A 1 25  ? -2.724  -1.678  -7.092  1.00 53.87  ? 40  LYS A CA  1 
ATOM   123  C  C   . LYS A 1 25  ? -2.251  -0.676  -6.038  1.00 54.27  ? 40  LYS A C   1 
ATOM   124  O  O   . LYS A 1 25  ? -1.045  -0.450  -5.862  1.00 55.46  ? 40  LYS A O   1 
ATOM   125  C  CB  . LYS A 1 25  ? -3.224  -0.913  -8.327  1.00 54.53  ? 40  LYS A CB  1 
ATOM   126  C  CG  . LYS A 1 25  ? -2.218  0.039   -8.939  1.00 56.08  ? 40  LYS A CG  1 
ATOM   127  C  CD  . LYS A 1 25  ? -2.687  0.614   -10.281 1.00 58.02  ? 40  LYS A CD  1 
ATOM   128  C  CE  . LYS A 1 25  ? -3.830  1.632   -10.141 1.00 60.45  ? 40  LYS A CE  1 
ATOM   129  N  NZ  . LYS A 1 25  ? -3.801  2.657   -11.238 1.00 60.41  ? 40  LYS A NZ  1 
ATOM   130  N  N   . ARG A 1 26  ? -3.207  -0.063  -5.352  1.00 52.93  ? 41  ARG A N   1 
ATOM   131  C  CA  . ARG A 1 26  ? -2.922  1.057   -4.467  1.00 53.91  ? 41  ARG A CA  1 
ATOM   132  C  C   . ARG A 1 26  ? -2.800  0.685   -2.980  1.00 52.64  ? 41  ARG A C   1 
ATOM   133  O  O   . ARG A 1 26  ? -2.476  1.531   -2.125  1.00 50.29  ? 41  ARG A O   1 
ATOM   134  C  CB  . ARG A 1 26  ? -4.045  2.086   -4.612  1.00 54.07  ? 41  ARG A CB  1 
ATOM   135  C  CG  . ARG A 1 26  ? -4.304  2.591   -6.035  1.00 55.75  ? 41  ARG A CG  1 
ATOM   136  C  CD  . ARG A 1 26  ? -5.284  3.760   -6.097  1.00 56.27  ? 41  ARG A CD  1 
ATOM   137  N  NE  . ARG A 1 26  ? -4.854  4.800   -5.173  1.00 58.25  ? 41  ARG A NE  1 
ATOM   138  C  CZ  . ARG A 1 26  ? -3.993  5.764   -5.474  1.00 59.80  ? 41  ARG A CZ  1 
ATOM   139  N  NH1 . ARG A 1 26  ? -3.535  5.899   -6.711  1.00 60.51  ? 41  ARG A NH1 1 
ATOM   140  N  NH2 . ARG A 1 26  ? -3.621  6.623   -4.543  1.00 60.80  ? 41  ARG A NH2 1 
ATOM   141  N  N   . LYS A 1 27  ? -3.114  -0.566  -2.665  1.00 50.72  ? 42  LYS A N   1 
ATOM   142  C  CA  . LYS A 1 27  ? -3.205  -0.960  -1.282  1.00 50.66  ? 42  LYS A CA  1 
ATOM   143  C  C   . LYS A 1 27  ? -3.403  -2.449  -1.159  1.00 50.08  ? 42  LYS A C   1 
ATOM   144  O  O   . LYS A 1 27  ? -3.693  -3.137  -2.130  1.00 48.88  ? 42  LYS A O   1 
ATOM   145  C  CB  . LYS A 1 27  ? -4.369  -0.245  -0.580  1.00 50.48  ? 42  LYS A CB  1 
ATOM   146  C  CG  . LYS A 1 27  ? -5.750  -0.796  -0.905  1.00 51.66  ? 42  LYS A CG  1 
ATOM   147  C  CD  . LYS A 1 27  ? -6.839  -0.111  -0.088  1.00 52.32  ? 42  LYS A CD  1 
ATOM   148  C  CE  . LYS A 1 27  ? -8.214  -0.795  -0.257  1.00 52.35  ? 42  LYS A CE  1 
ATOM   149  N  NZ  . LYS A 1 27  ? -9.356  0.065   0.230   1.00 51.78  ? 42  LYS A NZ  1 
ATOM   150  N  N   . GLU A 1 28  ? -3.229  -2.912  0.074   1.00 49.78  ? 43  GLU A N   1 
ATOM   151  C  CA  . GLU A 1 28  ? -3.504  -4.263  0.459   1.00 50.04  ? 43  GLU A CA  1 
ATOM   152  C  C   . GLU A 1 28  ? -4.342  -4.268  1.744   1.00 50.52  ? 43  GLU A C   1 
ATOM   153  O  O   . GLU A 1 28  ? -4.237  -3.380  2.588   1.00 50.59  ? 43  GLU A O   1 
ATOM   154  C  CB  . GLU A 1 28  ? -2.179  -4.999  0.637   1.00 50.45  ? 43  GLU A CB  1 
ATOM   155  C  CG  . GLU A 1 28  ? -1.266  -4.795  -0.581  1.00 53.35  ? 43  GLU A CG  1 
ATOM   156  C  CD  . GLU A 1 28  ? 0.045   -5.553  -0.515  1.00 54.14  ? 43  GLU A CD  1 
ATOM   157  O  OE1 . GLU A 1 28  ? 0.511   -5.814  0.616   1.00 58.68  ? 43  GLU A OE1 1 
ATOM   158  O  OE2 . GLU A 1 28  ? 0.624   -5.839  -1.598  1.00 61.74  ? 43  GLU A OE2 1 
ATOM   159  N  N   . ILE A 1 29  ? -5.206  -5.266  1.859   1.00 50.29  ? 44  ILE A N   1 
ATOM   160  C  CA  . ILE A 1 29  ? -6.062  -5.428  3.005   1.00 50.95  ? 44  ILE A CA  1 
ATOM   161  C  C   . ILE A 1 29  ? -5.548  -6.675  3.699   1.00 50.14  ? 44  ILE A C   1 
ATOM   162  O  O   . ILE A 1 29  ? -5.402  -7.703  3.068   1.00 49.48  ? 44  ILE A O   1 
ATOM   163  C  CB  . ILE A 1 29  ? -7.546  -5.601  2.583   1.00 50.60  ? 44  ILE A CB  1 
ATOM   164  C  CG1 . ILE A 1 29  ? -8.017  -4.381  1.791   1.00 51.33  ? 44  ILE A CG1 1 
ATOM   165  C  CG2 . ILE A 1 29  ? -8.427  -5.804  3.824   1.00 51.66  ? 44  ILE A CG2 1 
ATOM   166  C  CD1 . ILE A 1 29  ? -9.396  -4.516  1.200   1.00 52.03  ? 44  ILE A CD1 1 
ATOM   167  N  N   . ILE A 1 30  ? -5.248  -6.565  4.987   1.00 49.28  ? 45  ILE A N   1 
ATOM   168  C  CA  . ILE A 1 30  ? -4.679  -7.668  5.733   1.00 50.63  ? 45  ILE A CA  1 
ATOM   169  C  C   . ILE A 1 30  ? -5.643  -8.061  6.850   1.00 50.79  ? 45  ILE A C   1 
ATOM   170  O  O   . ILE A 1 30  ? -6.074  -7.202  7.634   1.00 49.35  ? 45  ILE A O   1 
ATOM   171  C  CB  . ILE A 1 30  ? -3.303  -7.242  6.342   1.00 51.80  ? 45  ILE A CB  1 
ATOM   172  C  CG1 . ILE A 1 30  ? -2.309  -6.876  5.237   1.00 55.50  ? 45  ILE A CG1 1 
ATOM   173  C  CG2 . ILE A 1 30  ? -2.706  -8.331  7.220   1.00 50.74  ? 45  ILE A CG2 1 
ATOM   174  C  CD1 . ILE A 1 30  ? -2.115  -5.405  5.131   1.00 58.70  ? 45  ILE A CD1 1 
ATOM   175  N  N   . ILE A 1 31  ? -5.995  -9.347  6.888   1.00 52.12  ? 46  ILE A N   1 
ATOM   176  C  CA  . ILE A 1 31  ? -6.794  -9.908  7.971   1.00 53.87  ? 46  ILE A CA  1 
ATOM   177  C  C   . ILE A 1 31  ? -5.992  -10.925 8.763   1.00 54.27  ? 46  ILE A C   1 
ATOM   178  O  O   . ILE A 1 31  ? -5.639  -11.990 8.247   1.00 53.21  ? 46  ILE A O   1 
ATOM   179  C  CB  . ILE A 1 31  ? -8.060  -10.575 7.414   1.00 54.28  ? 46  ILE A CB  1 
ATOM   180  C  CG1 . ILE A 1 31  ? -8.750  -9.623  6.441   1.00 58.16  ? 46  ILE A CG1 1 
ATOM   181  C  CG2 . ILE A 1 31  ? -8.996  -10.927 8.563   1.00 56.89  ? 46  ILE A CG2 1 
ATOM   182  C  CD1 . ILE A 1 31  ? -10.004 -10.177 5.827   1.00 59.50  ? 46  ILE A CD1 1 
ATOM   183  N  N   . LYS A 1 32  ? -5.791  -10.647 10.042  1.00 55.91  ? 47  LYS A N   1 
ATOM   184  C  CA  . LYS A 1 32  ? -5.021  -11.535 10.910  1.00 58.77  ? 47  LYS A CA  1 
ATOM   185  C  C   . LYS A 1 32  ? -5.877  -12.613 11.579  1.00 59.02  ? 47  LYS A C   1 
ATOM   186  O  O   . LYS A 1 32  ? -6.996  -12.368 11.994  1.00 58.17  ? 47  LYS A O   1 
ATOM   187  C  CB  . LYS A 1 32  ? -4.262  -10.733 11.969  1.00 59.99  ? 47  LYS A CB  1 
ATOM   188  C  CG  . LYS A 1 32  ? -3.002  -10.076 11.407  1.00 64.87  ? 47  LYS A CG  1 
ATOM   189  C  CD  . LYS A 1 32  ? -2.837  -8.621  11.841  1.00 67.78  ? 47  LYS A CD  1 
ATOM   190  C  CE  . LYS A 1 32  ? -2.256  -7.769  10.702  1.00 71.04  ? 47  LYS A CE  1 
ATOM   191  N  NZ  . LYS A 1 32  ? -2.003  -6.326  11.067  1.00 70.07  ? 47  LYS A NZ  1 
ATOM   192  N  N   . ASN A 1 33  ? -5.365  -13.837 11.588  1.00 60.51  ? 48  ASN A N   1 
ATOM   193  C  CA  . ASN A 1 33  ? -6.051  -14.958 12.196  1.00 60.75  ? 48  ASN A CA  1 
ATOM   194  C  C   . ASN A 1 33  ? -7.540  -14.950 11.862  1.00 60.66  ? 48  ASN A C   1 
ATOM   195  O  O   . ASN A 1 33  ? -8.404  -14.959 12.740  1.00 61.35  ? 48  ASN A O   1 
ATOM   196  C  CB  . ASN A 1 33  ? -5.813  -14.951 13.710  1.00 60.95  ? 48  ASN A CB  1 
ATOM   197  C  CG  . ASN A 1 33  ? -4.355  -15.223 14.063  1.00 63.06  ? 48  ASN A CG  1 
ATOM   198  O  OD1 . ASN A 1 33  ? -3.700  -14.418 14.740  1.00 64.25  ? 48  ASN A OD1 1 
ATOM   199  N  ND2 . ASN A 1 33  ? -3.835  -16.354 13.586  1.00 61.49  ? 48  ASN A ND2 1 
ATOM   200  N  N   . PRO A 1 34  ? -7.838  -14.942 10.574  1.00 59.70  ? 49  PRO A N   1 
ATOM   201  C  CA  . PRO A 1 34  ? -9.208  -15.009 10.123  1.00 59.12  ? 49  PRO A CA  1 
ATOM   202  C  C   . PRO A 1 34  ? -9.809  -16.388 10.278  1.00 59.01  ? 49  PRO A C   1 
ATOM   203  O  O   . PRO A 1 34  ? -9.086  -17.379 10.433  1.00 58.94  ? 49  PRO A O   1 
ATOM   204  C  CB  . PRO A 1 34  ? -9.074  -14.676 8.640   1.00 60.04  ? 49  PRO A CB  1 
ATOM   205  C  CG  . PRO A 1 34  ? -7.731  -15.125 8.285   1.00 58.31  ? 49  PRO A CG  1 
ATOM   206  C  CD  . PRO A 1 34  ? -6.889  -14.851 9.454   1.00 59.08  ? 49  PRO A CD  1 
ATOM   207  N  N   . LYS A 1 35  ? -11.133 -16.439 10.236  1.00 58.26  ? 50  LYS A N   1 
ATOM   208  C  CA  . LYS A 1 35  ? -11.851 -17.680 10.021  1.00 58.23  ? 50  LYS A CA  1 
ATOM   209  C  C   . LYS A 1 35  ? -12.095 -17.841 8.513   1.00 57.75  ? 50  LYS A C   1 
ATOM   210  O  O   . LYS A 1 35  ? -12.495 -16.896 7.830   1.00 56.86  ? 50  LYS A O   1 
ATOM   211  C  CB  . LYS A 1 35  ? -13.169 -17.657 10.791  1.00 60.06  ? 50  LYS A CB  1 
ATOM   212  C  CG  . LYS A 1 35  ? -14.048 -18.845 10.454  1.00 63.13  ? 50  LYS A CG  1 
ATOM   213  C  CD  . LYS A 1 35  ? -14.786 -19.404 11.667  1.00 66.79  ? 50  LYS A CD  1 
ATOM   214  C  CE  . LYS A 1 35  ? -15.246 -20.818 11.332  1.00 68.25  ? 50  LYS A CE  1 
ATOM   215  N  NZ  . LYS A 1 35  ? -14.583 -21.285 10.054  1.00 70.25  ? 50  LYS A NZ  1 
ATOM   216  N  N   . VAL A 1 36  ? -11.811 -19.024 7.986   1.00 56.48  ? 51  VAL A N   1 
ATOM   217  C  CA  . VAL A 1 36  ? -11.875 -19.248 6.551   1.00 57.11  ? 51  VAL A CA  1 
ATOM   218  C  C   . VAL A 1 36  ? -12.616 -20.539 6.201   1.00 57.74  ? 51  VAL A C   1 
ATOM   219  O  O   . VAL A 1 36  ? -12.340 -21.600 6.752   1.00 58.32  ? 51  VAL A O   1 
ATOM   220  C  CB  . VAL A 1 36  ? -10.473 -19.300 5.907   1.00 56.18  ? 51  VAL A CB  1 
ATOM   221  C  CG1 . VAL A 1 36  ? -10.587 -19.512 4.408   1.00 55.86  ? 51  VAL A CG1 1 
ATOM   222  C  CG2 . VAL A 1 36  ? -9.663  -18.048 6.216   1.00 55.35  ? 51  VAL A CG2 1 
ATOM   223  N  N   . ASN A 1 37  ? -13.583 -20.405 5.298   1.00 58.37  ? 52  ASN A N   1 
ATOM   224  C  CA  . ASN A 1 37  ? -14.316 -21.511 4.707   1.00 59.50  ? 52  ASN A CA  1 
ATOM   225  C  C   . ASN A 1 37  ? -14.014 -21.604 3.215   1.00 59.39  ? 52  ASN A C   1 
ATOM   226  O  O   . ASN A 1 37  ? -13.736 -20.600 2.563   1.00 58.52  ? 52  ASN A O   1 
ATOM   227  C  CB  . ASN A 1 37  ? -15.815 -21.289 4.889   1.00 60.63  ? 52  ASN A CB  1 
ATOM   228  C  CG  . ASN A 1 37  ? -16.259 -21.541 6.311   1.00 64.59  ? 52  ASN A CG  1 
ATOM   229  O  OD1 . ASN A 1 37  ? -15.493 -22.062 7.119   1.00 72.07  ? 52  ASN A OD1 1 
ATOM   230  N  ND2 . ASN A 1 37  ? -17.491 -21.160 6.633   1.00 68.77  ? 52  ASN A ND2 1 
ATOM   231  N  N   . VAL A 1 38  ? -14.099 -22.810 2.673   1.00 59.68  ? 53  VAL A N   1 
ATOM   232  C  CA  . VAL A 1 38  ? -13.841 -23.029 1.257   1.00 60.71  ? 53  VAL A CA  1 
ATOM   233  C  C   . VAL A 1 38  ? -14.879 -23.963 0.620   1.00 60.72  ? 53  VAL A C   1 
ATOM   234  O  O   . VAL A 1 38  ? -15.428 -24.849 1.260   1.00 60.74  ? 53  VAL A O   1 
ATOM   235  C  CB  . VAL A 1 38  ? -12.402 -23.555 1.036   1.00 59.29  ? 53  VAL A CB  1 
ATOM   236  C  CG1 . VAL A 1 38  ? -12.219 -24.897 1.668   1.00 59.34  ? 53  VAL A CG1 1 
ATOM   237  C  CG2 . VAL A 1 38  ? -12.060 -23.627 -0.467  1.00 59.38  ? 53  VAL A CG2 1 
HETATM 238  N  N   . MSE A 1 39  ? -15.146 -23.730 -0.657  1.00 62.00  ? 54  MSE A N   1 
HETATM 239  C  CA  . MSE A 1 39  ? -15.963 -24.626 -1.475  1.00 62.94  ? 54  MSE A CA  1 
HETATM 240  C  C   . MSE A 1 39  ? -15.488 -24.557 -2.915  1.00 62.64  ? 54  MSE A C   1 
HETATM 241  O  O   . MSE A 1 39  ? -14.903 -23.565 -3.335  1.00 62.23  ? 54  MSE A O   1 
HETATM 242  C  CB  . MSE A 1 39  ? -17.445 -24.267 -1.408  1.00 62.82  ? 54  MSE A CB  1 
HETATM 243  C  CG  . MSE A 1 39  ? -17.791 -22.842 -1.781  0.60 63.53  ? 54  MSE A CG  1 
HETATM 244  SE SE  . MSE A 1 39  ? -19.543 -22.843 -2.610  0.60 70.85  ? 54  MSE A SE  1 
HETATM 245  C  CE  . MSE A 1 39  ? -18.883 -22.940 -4.393  0.60 67.98  ? 54  MSE A CE  1 
ATOM   246  N  N   . GLU A 1 40  ? -15.719 -25.627 -3.664  1.00 62.48  ? 55  GLU A N   1 
ATOM   247  C  CA  . GLU A 1 40  ? -15.386 -25.650 -5.082  1.00 62.71  ? 55  GLU A CA  1 
ATOM   248  C  C   . GLU A 1 40  ? -16.676 -25.833 -5.870  1.00 62.32  ? 55  GLU A C   1 
ATOM   249  O  O   . GLU A 1 40  ? -17.541 -26.618 -5.501  1.00 61.90  ? 55  GLU A O   1 
ATOM   250  C  CB  . GLU A 1 40  ? -14.379 -26.766 -5.390  1.00 62.78  ? 55  GLU A CB  1 
ATOM   251  C  CG  . GLU A 1 40  ? -13.673 -26.677 -6.743  1.00 63.59  ? 55  GLU A CG  1 
ATOM   252  C  CD  . GLU A 1 40  ? -12.233 -27.166 -6.666  1.00 65.02  ? 55  GLU A CD  1 
ATOM   253  O  OE1 . GLU A 1 40  ? -11.782 -27.457 -5.541  1.00 69.49  ? 55  GLU A OE1 1 
ATOM   254  O  OE2 . GLU A 1 40  ? -11.530 -27.236 -7.693  1.00 63.35  ? 55  GLU A OE2 1 
ATOM   255  N  N   . PHE A 1 41  ? -16.835 -25.031 -6.911  1.00 62.21  ? 56  PHE A N   1 
ATOM   256  C  CA  . PHE A 1 41  ? -18.012 -25.107 -7.756  1.00 62.11  ? 56  PHE A CA  1 
ATOM   257  C  C   . PHE A 1 41  ? -17.652 -24.758 -9.191  1.00 61.37  ? 56  PHE A C   1 
ATOM   258  O  O   . PHE A 1 41  ? -17.125 -23.682 -9.459  1.00 61.21  ? 56  PHE A O   1 
ATOM   259  C  CB  . PHE A 1 41  ? -19.096 -24.158 -7.236  1.00 62.50  ? 56  PHE A CB  1 
ATOM   260  C  CG  . PHE A 1 41  ? -20.311 -24.083 -8.110  1.00 62.97  ? 56  PHE A CG  1 
ATOM   261  C  CD1 . PHE A 1 41  ? -21.140 -25.183 -8.260  1.00 63.62  ? 56  PHE A CD1 1 
ATOM   262  C  CD2 . PHE A 1 41  ? -20.639 -22.904 -8.772  1.00 65.53  ? 56  PHE A CD2 1 
ATOM   263  C  CE1 . PHE A 1 41  ? -22.287 -25.112 -9.052  1.00 64.46  ? 56  PHE A CE1 1 
ATOM   264  C  CE2 . PHE A 1 41  ? -21.776 -22.826 -9.576  1.00 63.76  ? 56  PHE A CE2 1 
ATOM   265  C  CZ  . PHE A 1 41  ? -22.597 -23.935 -9.718  1.00 63.54  ? 56  PHE A CZ  1 
HETATM 266  N  N   . MSE A 1 42  ? -17.911 -25.688 -10.102 1.00 61.05  ? 57  MSE A N   1 
HETATM 267  C  CA  . MSE A 1 42  ? -17.682 -25.468 -11.524 1.00 61.43  ? 57  MSE A CA  1 
HETATM 268  C  C   . MSE A 1 42  ? -16.268 -24.976 -11.824 1.00 61.20  ? 57  MSE A C   1 
HETATM 269  O  O   . MSE A 1 42  ? -16.089 -24.035 -12.602 1.00 62.00  ? 57  MSE A O   1 
HETATM 270  C  CB  . MSE A 1 42  ? -18.694 -24.451 -12.079 1.00 62.34  ? 57  MSE A CB  1 
HETATM 271  C  CG  . MSE A 1 42  ? -20.155 -24.786 -11.818 1.00 62.72  ? 57  MSE A CG  1 
HETATM 272  SE SE  . MSE A 1 42  ? -20.824 -26.211 -12.969 1.00 70.62  ? 57  MSE A SE  1 
HETATM 273  C  CE  . MSE A 1 42  ? -22.582 -26.252 -12.385 1.00 67.86  ? 57  MSE A CE  1 
ATOM   274  N  N   . GLY A 1 43  ? -15.275 -25.599 -11.194 1.00 60.52  ? 58  GLY A N   1 
ATOM   275  C  CA  . GLY A 1 43  ? -13.877 -25.308 -11.474 1.00 59.84  ? 58  GLY A CA  1 
ATOM   276  C  C   . GLY A 1 43  ? -13.270 -24.139 -10.722 1.00 59.59  ? 58  GLY A C   1 
ATOM   277  O  O   . GLY A 1 43  ? -12.065 -23.909 -10.809 1.00 60.40  ? 58  GLY A O   1 
ATOM   278  N  N   . GLN A 1 44  ? -14.076 -23.368 -10.003 1.00 59.01  ? 59  GLN A N   1 
ATOM   279  C  CA  . GLN A 1 44  ? -13.507 -22.292 -9.188  1.00 58.40  ? 59  GLN A CA  1 
ATOM   280  C  C   . GLN A 1 44  ? -13.620 -22.587 -7.698  1.00 57.31  ? 59  GLN A C   1 
ATOM   281  O  O   . GLN A 1 44  ? -14.579 -23.193 -7.237  1.00 57.39  ? 59  GLN A O   1 
ATOM   282  C  CB  . GLN A 1 44  ? -14.181 -20.955 -9.510  1.00 58.21  ? 59  GLN A CB  1 
ATOM   283  C  CG  . GLN A 1 44  ? -14.334 -20.729 -11.003 1.00 61.19  ? 59  GLN A CG  1 
ATOM   284  C  CD  . GLN A 1 44  ? -14.020 -19.318 -11.433 1.00 61.93  ? 59  GLN A CD  1 
ATOM   285  O  OE1 . GLN A 1 44  ? -14.921 -18.563 -11.809 1.00 64.70  ? 59  GLN A OE1 1 
ATOM   286  N  NE2 . GLN A 1 44  ? -12.741 -18.971 -11.417 1.00 60.42  ? 59  GLN A NE2 1 
ATOM   287  N  N   . LYS A 1 45  ? -12.619 -22.160 -6.941  1.00 57.04  ? 60  LYS A N   1 
ATOM   288  C  CA  . LYS A 1 45  ? -12.713 -22.167 -5.487  1.00 55.19  ? 60  LYS A CA  1 
ATOM   289  C  C   . LYS A 1 45  ? -13.412 -20.881 -5.090  1.00 53.49  ? 60  LYS A C   1 
ATOM   290  O  O   . LYS A 1 45  ? -13.280 -19.861 -5.761  1.00 52.94  ? 60  LYS A O   1 
ATOM   291  C  CB  . LYS A 1 45  ? -11.317 -22.189 -4.855  1.00 55.26  ? 60  LYS A CB  1 
ATOM   292  C  CG  . LYS A 1 45  ? -10.552 -23.497 -4.980  1.00 57.55  ? 60  LYS A CG  1 
ATOM   293  C  CD  . LYS A 1 45  ? -11.116 -24.563 -4.050  1.00 59.10  ? 60  LYS A CD  1 
ATOM   294  C  CE  . LYS A 1 45  ? -10.208 -25.780 -3.952  1.00 58.52  ? 60  LYS A CE  1 
ATOM   295  N  NZ  . LYS A 1 45  ? -8.852  -25.385 -3.545  1.00 63.69  ? 60  LYS A NZ  1 
ATOM   296  N  N   . THR A 1 46  ? -14.221 -20.953 -4.044  1.00 52.18  ? 61  THR A N   1 
ATOM   297  C  CA  . THR A 1 46  ? -14.701 -19.765 -3.370  1.00 51.53  ? 61  THR A CA  1 
ATOM   298  C  C   . THR A 1 46  ? -14.262 -19.864 -1.923  1.00 51.95  ? 61  THR A C   1 
ATOM   299  O  O   . THR A 1 46  ? -14.469 -20.885 -1.266  1.00 50.80  ? 61  THR A O   1 
ATOM   300  C  CB  . THR A 1 46  ? -16.237 -19.605 -3.514  1.00 51.13  ? 61  THR A CB  1 
ATOM   301  O  OG1 . THR A 1 46  ? -16.536 -19.261 -4.867  1.00 48.13  ? 61  THR A OG1 1 
ATOM   302  C  CG2 . THR A 1 46  ? -16.755 -18.398 -2.746  1.00 50.27  ? 61  THR A CG2 1 
ATOM   303  N  N   . TYR A 1 47  ? -13.559 -18.824 -1.480  1.00 52.55  ? 62  TYR A N   1 
ATOM   304  C  CA  . TYR A 1 47  ? -13.131 -18.704 -0.089  1.00 53.64  ? 62  TYR A CA  1 
ATOM   305  C  C   . TYR A 1 47  ? -13.917 -17.608 0.603   1.00 53.00  ? 62  TYR A C   1 
ATOM   306  O  O   . TYR A 1 47  ? -14.016 -16.514 0.062   1.00 52.43  ? 62  TYR A O   1 
ATOM   307  C  CB  . TYR A 1 47  ? -11.653 -18.341 -0.022  1.00 54.16  ? 62  TYR A CB  1 
ATOM   308  C  CG  . TYR A 1 47  ? -10.752 -19.424 -0.526  1.00 56.93  ? 62  TYR A CG  1 
ATOM   309  C  CD1 . TYR A 1 47  ? -10.352 -20.459 0.308   1.00 57.84  ? 62  TYR A CD1 1 
ATOM   310  C  CD2 . TYR A 1 47  ? -10.294 -19.412 -1.838  1.00 55.95  ? 62  TYR A CD2 1 
ATOM   311  C  CE1 . TYR A 1 47  ? -9.511  -21.455 -0.157  1.00 57.65  ? 62  TYR A CE1 1 
ATOM   312  C  CE2 . TYR A 1 47  ? -9.471  -20.405 -2.308  1.00 57.13  ? 62  TYR A CE2 1 
ATOM   313  C  CZ  . TYR A 1 47  ? -9.079  -21.426 -1.463  1.00 57.42  ? 62  TYR A CZ  1 
ATOM   314  O  OH  . TYR A 1 47  ? -8.292  -22.452 -1.953  1.00 60.27  ? 62  TYR A OH  1 
ATOM   315  N  N   . GLN A 1 48  ? -14.528 -17.945 1.741   1.00 52.67  ? 63  GLN A N   1 
ATOM   316  C  CA  . GLN A 1 48  ? -15.092 -16.959 2.664   1.00 51.48  ? 63  GLN A CA  1 
ATOM   317  C  C   . GLN A 1 48  ? -14.140 -16.740 3.835   1.00 49.63  ? 63  GLN A C   1 
ATOM   318  O  O   . GLN A 1 48  ? -13.843 -17.663 4.594   1.00 48.15  ? 63  GLN A O   1 
ATOM   319  C  CB  . GLN A 1 48  ? -16.437 -17.390 3.223   1.00 50.30  ? 63  GLN A CB  1 
ATOM   320  C  CG  . GLN A 1 48  ? -17.542 -17.457 2.215   1.00 53.63  ? 63  GLN A CG  1 
ATOM   321  C  CD  . GLN A 1 48  ? -18.918 -17.352 2.855   1.00 55.42  ? 63  GLN A CD  1 
ATOM   322  O  OE1 . GLN A 1 48  ? -19.756 -16.579 2.389   1.00 61.41  ? 63  GLN A OE1 1 
ATOM   323  N  NE2 . GLN A 1 48  ? -19.132 -18.071 3.953   1.00 49.80  ? 63  GLN A NE2 1 
ATOM   324  N  N   . VAL A 1 49  ? -13.817 -15.470 4.043   1.00 48.78  ? 64  VAL A N   1 
ATOM   325  C  CA  . VAL A 1 49  ? -12.770 -15.023 4.950   1.00 49.08  ? 64  VAL A CA  1 
ATOM   326  C  C   . VAL A 1 49  ? -13.346 -13.949 5.837   1.00 49.03  ? 64  VAL A C   1 
ATOM   327  O  O   . VAL A 1 49  ? -13.720 -12.876 5.381   1.00 48.91  ? 64  VAL A O   1 
ATOM   328  C  CB  . VAL A 1 49  ? -11.590 -14.396 4.205   1.00 48.41  ? 64  VAL A CB  1 
ATOM   329  C  CG1 . VAL A 1 49  ? -10.510 -13.942 5.192   1.00 51.38  ? 64  VAL A CG1 1 
ATOM   330  C  CG2 . VAL A 1 49  ? -11.015 -15.370 3.240   1.00 50.89  ? 64  VAL A CG2 1 
ATOM   331  N  N   . THR A 1 50  ? -13.387 -14.256 7.121   1.00 50.45  ? 65  THR A N   1 
ATOM   332  C  CA  . THR A 1 50  ? -13.943 -13.369 8.116   1.00 51.19  ? 65  THR A CA  1 
ATOM   333  C  C   . THR A 1 50  ? -12.888 -13.059 9.174   1.00 51.57  ? 65  THR A C   1 
ATOM   334  O  O   . THR A 1 50  ? -12.211 -13.946 9.691   1.00 51.44  ? 65  THR A O   1 
ATOM   335  C  CB  . THR A 1 50  ? -15.159 -14.054 8.739   1.00 52.05  ? 65  THR A CB  1 
ATOM   336  O  OG1 . THR A 1 50  ? -16.130 -14.294 7.710   1.00 52.36  ? 65  THR A OG1 1 
ATOM   337  C  CG2 . THR A 1 50  ? -15.848 -13.152 9.745   1.00 51.06  ? 65  THR A CG2 1 
ATOM   338  N  N   . GLY A 1 51  ? -12.763 -11.779 9.478   1.00 51.96  ? 66  GLY A N   1 
ATOM   339  C  CA  . GLY A 1 51  ? -11.889 -11.319 10.546  1.00 52.60  ? 66  GLY A CA  1 
ATOM   340  C  C   . GLY A 1 51  ? -11.826 -9.808  10.502  1.00 52.81  ? 66  GLY A C   1 
ATOM   341  O  O   . GLY A 1 51  ? -12.483 -9.181  9.687   1.00 52.53  ? 66  GLY A O   1 
ATOM   342  N  N   . LYS A 1 52  ? -11.067 -9.223  11.412  1.00 54.33  ? 67  LYS A N   1 
ATOM   343  C  CA  . LYS A 1 52  ? -10.906 -7.783  11.443  1.00 55.63  ? 67  LYS A CA  1 
ATOM   344  C  C   . LYS A 1 52  ? -9.826  -7.376  10.442  1.00 55.13  ? 67  LYS A C   1 
ATOM   345  O  O   . LYS A 1 52  ? -8.739  -7.962  10.378  1.00 55.41  ? 67  LYS A O   1 
ATOM   346  C  CB  . LYS A 1 52  ? -10.639 -7.309  12.874  1.00 56.17  ? 67  LYS A CB  1 
ATOM   347  C  CG  . LYS A 1 52  ? -11.747 -7.772  13.832  1.00 58.08  ? 67  LYS A CG  1 
ATOM   348  C  CD  . LYS A 1 52  ? -11.818 -6.984  15.136  1.00 60.56  ? 67  LYS A CD  1 
ATOM   349  C  CE  . LYS A 1 52  ? -12.904 -5.890  15.125  1.00 64.37  ? 67  LYS A CE  1 
ATOM   350  N  NZ  . LYS A 1 52  ? -12.610 -4.771  14.164  1.00 64.26  ? 67  LYS A NZ  1 
ATOM   351  N  N   . ALA A 1 53  ? -10.173 -6.406  9.608   1.00 54.82  ? 68  ALA A N   1 
ATOM   352  C  CA  . ALA A 1 53  ? -9.340  -6.004  8.495   1.00 55.35  ? 68  ALA A CA  1 
ATOM   353  C  C   . ALA A 1 53  ? -8.545  -4.757  8.819   1.00 56.23  ? 68  ALA A C   1 
ATOM   354  O  O   . ALA A 1 53  ? -9.038  -3.861  9.528   1.00 56.29  ? 68  ALA A O   1 
ATOM   355  C  CB  . ALA A 1 53  ? -10.203 -5.759  7.291   1.00 55.49  ? 68  ALA A CB  1 
ATOM   356  N  N   . ARG A 1 54  ? -7.320  -4.721  8.294   1.00 56.19  ? 69  ARG A N   1 
ATOM   357  C  CA  . ARG A 1 54  ? -6.471  -3.532  8.303   1.00 57.34  ? 69  ARG A CA  1 
ATOM   358  C  C   . ARG A 1 54  ? -5.934  -3.234  6.896   1.00 56.44  ? 69  ARG A C   1 
ATOM   359  O  O   . ARG A 1 54  ? -5.840  -4.127  6.042   1.00 56.12  ? 69  ARG A O   1 
ATOM   360  C  CB  . ARG A 1 54  ? -5.288  -3.731  9.250   1.00 57.46  ? 69  ARG A CB  1 
ATOM   361  C  CG  . ARG A 1 54  ? -5.653  -3.786  10.707  1.00 59.10  ? 69  ARG A CG  1 
ATOM   362  C  CD  . ARG A 1 54  ? -4.409  -3.854  11.612  1.00 62.04  ? 69  ARG A CD  1 
ATOM   363  N  NE  . ARG A 1 54  ? -4.745  -3.668  13.014  1.00 61.95  ? 69  ARG A NE  1 
ATOM   364  C  CZ  . ARG A 1 54  ? -5.159  -4.648  13.800  1.00 66.38  ? 69  ARG A CZ  1 
ATOM   365  N  NH1 . ARG A 1 54  ? -5.268  -5.883  13.325  1.00 69.21  ? 69  ARG A NH1 1 
ATOM   366  N  NH2 . ARG A 1 54  ? -5.446  -4.407  15.069  1.00 66.55  ? 69  ARG A NH2 1 
ATOM   367  N  N   . GLU A 1 55  ? -5.627  -1.961  6.667   1.00 56.35  ? 70  GLU A N   1 
ATOM   368  C  CA  . GLU A 1 55  ? -5.178  -1.472  5.374   1.00 57.24  ? 70  GLU A CA  1 
ATOM   369  C  C   . GLU A 1 55  ? -3.736  -1.037  5.409   1.00 56.66  ? 70  GLU A C   1 
ATOM   370  O  O   . GLU A 1 55  ? -3.300  -0.401  6.359   1.00 53.21  ? 70  GLU A O   1 
ATOM   371  C  CB  . GLU A 1 55  ? -5.974  -0.264  4.933   1.00 56.72  ? 70  GLU A CB  1 
ATOM   372  C  CG  . GLU A 1 55  ? -7.421  -0.591  4.689   1.00 60.62  ? 70  GLU A CG  1 
ATOM   373  C  CD  . GLU A 1 55  ? -8.130  0.542   4.002   1.00 59.22  ? 70  GLU A CD  1 
ATOM   374  O  OE1 . GLU A 1 55  ? -7.793  1.713   4.309   1.00 60.39  ? 70  GLU A OE1 1 
ATOM   375  O  OE2 . GLU A 1 55  ? -8.955  0.221   3.121   1.00 59.13  ? 70  GLU A OE2 1 
ATOM   376  N  N   . ARG A 1 56  ? -3.074  -1.281  4.285   1.00 57.01  ? 71  ARG A N   1 
ATOM   377  C  CA  . ARG A 1 56  ? -1.660  -0.970  4.058   1.00 58.61  ? 71  ARG A CA  1 
ATOM   378  C  C   . ARG A 1 56  ? -1.553  -0.370  2.670   1.00 56.78  ? 71  ARG A C   1 
ATOM   379  O  O   . ARG A 1 56  ? -1.869  -1.043  1.702   1.00 57.11  ? 71  ARG A O   1 
ATOM   380  C  CB  . ARG A 1 56  ? -0.911  -2.290  4.061   1.00 58.75  ? 71  ARG A CB  1 
ATOM   381  C  CG  . ARG A 1 56  ? 0.555   -2.175  4.055   1.00 61.83  ? 71  ARG A CG  1 
ATOM   382  C  CD  . ARG A 1 56  ? 1.188   -3.451  4.565   1.00 61.22  ? 71  ARG A CD  1 
ATOM   383  N  NE  . ARG A 1 56  ? 0.962   -4.557  3.662   1.00 61.02  ? 71  ARG A NE  1 
ATOM   384  C  CZ  . ARG A 1 56  ? 1.209   -5.816  3.968   1.00 62.83  ? 71  ARG A CZ  1 
ATOM   385  N  NH1 . ARG A 1 56  ? 1.615   -6.124  5.193   1.00 63.36  ? 71  ARG A NH1 1 
ATOM   386  N  NH2 . ARG A 1 56  ? 1.015   -6.763  3.063   1.00 61.01  ? 71  ARG A NH2 1 
ATOM   387  N  N   . SER A 1 57  ? -1.162  0.887   2.556   1.00 56.69  ? 72  SER A N   1 
ATOM   388  C  CA  . SER A 1 57  ? -1.153  1.549   1.254   1.00 58.33  ? 72  SER A CA  1 
ATOM   389  C  C   . SER A 1 57  ? 0.164   1.306   0.498   1.00 57.82  ? 72  SER A C   1 
ATOM   390  O  O   . SER A 1 57  ? 1.165   0.913   1.099   1.00 56.64  ? 72  SER A O   1 
ATOM   391  C  CB  . SER A 1 57  ? -1.431  3.039   1.410   1.00 58.66  ? 72  SER A CB  1 
ATOM   392  O  OG  . SER A 1 57  ? -0.282  3.702   1.885   1.00 60.70  ? 72  SER A OG  1 
ATOM   393  N  N   . LEU A 1 58  ? 0.092   1.359   -0.828  1.00 57.71  ? 73  LEU A N   1 
ATOM   394  C  CA  . LEU A 1 58  ? 1.258   1.154   -1.688  1.00 60.35  ? 73  LEU A CA  1 
ATOM   395  C  C   . LEU A 1 58  ? 1.510   2.388   -2.550  1.00 60.61  ? 73  LEU A C   1 
ATOM   396  O  O   . LEU A 1 58  ? 0.594   2.924   -3.144  1.00 62.98  ? 73  LEU A O   1 
ATOM   397  C  CB  . LEU A 1 58  ? 1.058   -0.063  -2.596  1.00 60.43  ? 73  LEU A CB  1 
ATOM   398  C  CG  . LEU A 1 58  ? 1.741   -1.347  -2.112  1.00 62.77  ? 73  LEU A CG  1 
ATOM   399  C  CD1 . LEU A 1 58  ? 1.037   -1.934  -0.933  1.00 63.42  ? 73  LEU A CD1 1 
ATOM   400  C  CD2 . LEU A 1 58  ? 1.852   -2.368  -3.233  1.00 63.97  ? 73  LEU A CD2 1 
ATOM   401  N  N   . GLU A 1 59  ? 2.752   2.838   -2.625  1.00 60.87  ? 74  GLU A N   1 
ATOM   402  C  CA  . GLU A 1 59  ? 3.064   4.120   -3.270  1.00 60.73  ? 74  GLU A CA  1 
ATOM   403  C  C   . GLU A 1 59  ? 4.022   3.921   -4.435  1.00 58.33  ? 74  GLU A C   1 
ATOM   404  O  O   . GLU A 1 59  ? 4.828   3.008   -4.404  1.00 58.17  ? 74  GLU A O   1 
ATOM   405  C  CB  . GLU A 1 59  ? 3.680   5.069   -2.232  1.00 60.95  ? 74  GLU A CB  1 
ATOM   406  C  CG  . GLU A 1 59  ? 2.672   6.054   -1.667  1.00 68.57  ? 74  GLU A CG  1 
ATOM   407  C  CD  . GLU A 1 59  ? 2.585   6.020   -0.151  1.00 74.78  ? 74  GLU A CD  1 
ATOM   408  O  OE1 . GLU A 1 59  ? 3.629   6.285   0.498   1.00 78.50  ? 74  GLU A OE1 1 
ATOM   409  O  OE2 . GLU A 1 59  ? 1.470   5.730   0.369   1.00 75.27  ? 74  GLU A OE2 1 
ATOM   410  N  N   . ALA A 1 60  ? 3.961   4.769   -5.457  1.00 57.94  ? 75  ALA A N   1 
ATOM   411  C  CA  . ALA A 1 60  ? 4.902   4.634   -6.557  1.00 58.50  ? 75  ALA A CA  1 
ATOM   412  C  C   . ALA A 1 60  ? 6.324   4.914   -6.059  1.00 58.52  ? 75  ALA A C   1 
ATOM   413  O  O   . ALA A 1 60  ? 6.565   5.899   -5.360  1.00 56.44  ? 75  ALA A O   1 
ATOM   414  C  CB  . ALA A 1 60  ? 4.544   5.548   -7.696  1.00 58.62  ? 75  ALA A CB  1 
ATOM   415  N  N   . GLU A 1 61  ? 7.215   3.975   -6.362  1.00 59.58  ? 76  GLU A N   1 
ATOM   416  C  CA  . GLU A 1 61  ? 8.634   4.004   -5.981  1.00 61.12  ? 76  GLU A CA  1 
ATOM   417  C  C   . GLU A 1 61  ? 9.448   4.570   -7.152  1.00 60.75  ? 76  GLU A C   1 
ATOM   418  O  O   . GLU A 1 61  ? 9.598   3.915   -8.172  1.00 59.75  ? 76  GLU A O   1 
ATOM   419  C  CB  . GLU A 1 61  ? 9.085   2.574   -5.608  1.00 60.70  ? 76  GLU A CB  1 
ATOM   420  C  CG  . GLU A 1 61  ? 10.594  2.305   -5.550  1.00 62.97  ? 76  GLU A CG  1 
ATOM   421  C  CD  . GLU A 1 61  ? 11.271  2.760   -4.261  1.00 68.82  ? 76  GLU A CD  1 
ATOM   422  O  OE1 . GLU A 1 61  ? 10.754  2.475   -3.151  1.00 73.41  ? 76  GLU A OE1 1 
ATOM   423  O  OE2 . GLU A 1 61  ? 12.375  3.343   -4.357  1.00 73.34  ? 76  GLU A OE2 1 
HETATM 424  N  N   . MSE A 1 62  ? 9.890   5.819   -7.046  1.00 61.67  ? 77  MSE A N   1 
HETATM 425  C  CA  . MSE A 1 62  ? 10.575  6.471   -8.162  1.00 63.46  ? 77  MSE A CA  1 
HETATM 426  C  C   . MSE A 1 62  ? 11.404  7.682   -7.756  1.00 64.06  ? 77  MSE A C   1 
HETATM 427  O  O   . MSE A 1 62  ? 11.249  8.230   -6.654  1.00 65.32  ? 77  MSE A O   1 
HETATM 428  C  CB  . MSE A 1 62  ? 9.548   6.930   -9.183  1.00 63.84  ? 77  MSE A CB  1 
HETATM 429  C  CG  . MSE A 1 62  ? 8.438   7.766   -8.550  0.70 66.50  ? 77  MSE A CG  1 
HETATM 430  SE SE  . MSE A 1 62  ? 7.189   8.431   -9.878  0.70 71.12  ? 77  MSE A SE  1 
HETATM 431  C  CE  . MSE A 1 62  ? 6.727   6.732   -10.750 0.70 71.43  ? 77  MSE A CE  1 
ATOM   432  N  N   . GLU A 1 63  ? 12.273  8.093   -8.675  1.00 63.72  ? 78  GLU A N   1 
ATOM   433  C  CA  . GLU A 1 63  ? 13.090  9.283   -8.511  1.00 64.53  ? 78  GLU A CA  1 
ATOM   434  C  C   . GLU A 1 63  ? 12.359  10.479  -9.108  1.00 62.56  ? 78  GLU A C   1 
ATOM   435  O  O   . GLU A 1 63  ? 11.976  10.472  -10.278 1.00 61.19  ? 78  GLU A O   1 
ATOM   436  C  CB  . GLU A 1 63  ? 14.425  9.150   -9.255  1.00 65.28  ? 78  GLU A CB  1 
ATOM   437  C  CG  . GLU A 1 63  ? 15.469  8.208   -8.686  1.00 66.22  ? 78  GLU A CG  1 
ATOM   438  C  CD  . GLU A 1 63  ? 16.703  8.165   -9.592  1.00 69.30  ? 78  GLU A CD  1 
ATOM   439  O  OE1 . GLU A 1 63  ? 16.852  9.081   -10.447 1.00 70.51  ? 78  GLU A OE1 1 
ATOM   440  O  OE2 . GLU A 1 63  ? 17.500  7.206   -9.478  1.00 70.88  ? 78  GLU A OE2 1 
ATOM   441  N  N   . ILE A 1 64  ? 12.144  11.495  -8.289  1.00 61.97  ? 79  ILE A N   1 
ATOM   442  C  CA  . ILE A 1 64  ? 11.479  12.711  -8.734  1.00 61.15  ? 79  ILE A CA  1 
ATOM   443  C  C   . ILE A 1 64  ? 12.498  13.849  -8.770  1.00 60.39  ? 79  ILE A C   1 
ATOM   444  O  O   . ILE A 1 64  ? 13.069  14.232  -7.733  1.00 59.19  ? 79  ILE A O   1 
ATOM   445  C  CB  . ILE A 1 64  ? 10.364  13.064  -7.759  1.00 61.15  ? 79  ILE A CB  1 
ATOM   446  C  CG1 . ILE A 1 64  ? 9.445   11.862  -7.557  1.00 62.72  ? 79  ILE A CG1 1 
ATOM   447  C  CG2 . ILE A 1 64  ? 9.594   14.260  -8.283  1.00 61.19  ? 79  ILE A CG2 1 
ATOM   448  C  CD1 . ILE A 1 64  ? 9.146   11.598  -6.111  1.00 65.33  ? 79  ILE A CD1 1 
ATOM   449  N  N   . PRO A 1 65  ? 12.712  14.409  -9.956  1.00 59.84  ? 80  PRO A N   1 
ATOM   450  C  CA  . PRO A 1 65  ? 13.645  15.523  -10.097 1.00 59.82  ? 80  PRO A CA  1 
ATOM   451  C  C   . PRO A 1 65  ? 13.263  16.734  -9.242  1.00 58.85  ? 80  PRO A C   1 
ATOM   452  O  O   . PRO A 1 65  ? 12.125  17.176  -9.274  1.00 59.21  ? 80  PRO A O   1 
ATOM   453  C  CB  . PRO A 1 65  ? 13.579  15.866  -11.595 1.00 60.62  ? 80  PRO A CB  1 
ATOM   454  C  CG  . PRO A 1 65  ? 12.967  14.643  -12.278 1.00 60.16  ? 80  PRO A CG  1 
ATOM   455  C  CD  . PRO A 1 65  ? 12.123  13.988  -11.243 1.00 60.29  ? 80  PRO A CD  1 
ATOM   456  N  N   . GLU A 1 66  ? 14.217  17.244  -8.474  1.00 58.29  ? 81  GLU A N   1 
ATOM   457  C  CA  . GLU A 1 66  ? 14.030  18.429  -7.643  1.00 58.41  ? 81  GLU A CA  1 
ATOM   458  C  C   . GLU A 1 66  ? 13.355  19.563  -8.395  1.00 57.52  ? 81  GLU A C   1 
ATOM   459  O  O   . GLU A 1 66  ? 12.398  20.175  -7.907  1.00 55.57  ? 81  GLU A O   1 
ATOM   460  C  CB  . GLU A 1 66  ? 15.391  18.915  -7.124  1.00 59.16  ? 81  GLU A CB  1 
ATOM   461  C  CG  . GLU A 1 66  ? 15.323  19.839  -5.917  1.00 60.01  ? 81  GLU A CG  1 
ATOM   462  C  CD  . GLU A 1 66  ? 15.177  19.078  -4.617  1.00 62.56  ? 81  GLU A CD  1 
ATOM   463  O  OE1 . GLU A 1 66  ? 14.077  18.583  -4.342  1.00 65.47  ? 81  GLU A OE1 1 
ATOM   464  O  OE2 . GLU A 1 66  ? 16.160  18.970  -3.857  1.00 67.01  ? 81  GLU A OE2 1 
ATOM   465  N  N   . ASP A 1 67  ? 13.886  19.850  -9.576  1.00 57.27  ? 82  ASP A N   1 
ATOM   466  C  CA  . ASP A 1 67  ? 13.385  20.943  -10.396 1.00 57.98  ? 82  ASP A CA  1 
ATOM   467  C  C   . ASP A 1 67  ? 11.923  20.733  -10.779 1.00 57.44  ? 82  ASP A C   1 
ATOM   468  O  O   . ASP A 1 67  ? 11.165  21.689  -10.849 1.00 58.84  ? 82  ASP A O   1 
ATOM   469  C  CB  . ASP A 1 67  ? 14.279  21.147  -11.622 1.00 58.27  ? 82  ASP A CB  1 
ATOM   470  C  CG  . ASP A 1 67  ? 15.668  21.613  -11.250 1.00 61.98  ? 82  ASP A CG  1 
ATOM   471  O  OD1 . ASP A 1 67  ? 15.894  21.926  -10.056 1.00 67.87  ? 82  ASP A OD1 1 
ATOM   472  O  OD2 . ASP A 1 67  ? 16.608  21.691  -12.074 1.00 67.36  ? 82  ASP A OD2 1 
ATOM   473  N  N   . ASP A 1 68  ? 11.496  19.491  -10.945 1.00 56.97  ? 83  ASP A N   1 
ATOM   474  C  CA  . ASP A 1 68  ? 10.090  19.224  -11.209 1.00 57.56  ? 83  ASP A CA  1 
ATOM   475  C  C   . ASP A 1 68  ? 9.226   19.440  -9.989  1.00 57.31  ? 83  ASP A C   1 
ATOM   476  O  O   . ASP A 1 68  ? 8.151   20.002  -10.098 1.00 58.65  ? 83  ASP A O   1 
ATOM   477  C  CB  . ASP A 1 68  ? 9.919   17.793  -11.680 1.00 58.91  ? 83  ASP A CB  1 
ATOM   478  C  CG  . ASP A 1 68  ? 10.529  17.554  -13.040 1.00 60.44  ? 83  ASP A CG  1 
ATOM   479  O  OD1 . ASP A 1 68  ? 11.168  18.483  -13.583 1.00 63.41  ? 83  ASP A OD1 1 
ATOM   480  O  OD2 . ASP A 1 68  ? 10.407  16.468  -13.634 1.00 64.53  ? 83  ASP A OD2 1 
ATOM   481  N  N   . ILE A 1 69  ? 9.688   18.991  -8.827  1.00 56.95  ? 84  ILE A N   1 
ATOM   482  C  CA  . ILE A 1 69  ? 8.986   19.266  -7.566  1.00 57.33  ? 84  ILE A CA  1 
ATOM   483  C  C   . ILE A 1 69  ? 8.843   20.764  -7.364  1.00 56.55  ? 84  ILE A C   1 
ATOM   484  O  O   . ILE A 1 69  ? 7.752   21.237  -7.115  1.00 55.91  ? 84  ILE A O   1 
ATOM   485  C  CB  . ILE A 1 69  ? 9.722   18.635  -6.371  1.00 56.56  ? 84  ILE A CB  1 
ATOM   486  C  CG1 . ILE A 1 69  ? 9.733   17.114  -6.521  1.00 58.72  ? 84  ILE A CG1 1 
ATOM   487  C  CG2 . ILE A 1 69  ? 9.049   19.003  -5.043  1.00 57.23  ? 84  ILE A CG2 1 
ATOM   488  C  CD1 . ILE A 1 69  ? 10.639  16.421  -5.535  1.00 57.91  ? 84  ILE A CD1 1 
ATOM   489  N  N   . GLU A 1 70  ? 9.940   21.493  -7.527  1.00 57.60  ? 85  GLU A N   1 
ATOM   490  C  CA  . GLU A 1 70  ? 9.961   22.959  -7.403  1.00 58.92  ? 85  GLU A CA  1 
ATOM   491  C  C   . GLU A 1 70  ? 8.955   23.627  -8.332  1.00 58.34  ? 85  GLU A C   1 
ATOM   492  O  O   . GLU A 1 70  ? 8.182   24.473  -7.903  1.00 57.47  ? 85  GLU A O   1 
ATOM   493  C  CB  . GLU A 1 70  ? 11.359  23.500  -7.709  1.00 59.40  ? 85  GLU A CB  1 
ATOM   494  C  CG  . GLU A 1 70  ? 12.329  23.322  -6.558  1.00 62.42  ? 85  GLU A CG  1 
ATOM   495  C  CD  . GLU A 1 70  ? 13.762  23.644  -6.945  1.00 64.71  ? 85  GLU A CD  1 
ATOM   496  O  OE1 . GLU A 1 70  ? 13.986  24.390  -7.942  1.00 70.62  ? 85  GLU A OE1 1 
ATOM   497  O  OE2 . GLU A 1 70  ? 14.673  23.148  -6.238  1.00 70.09  ? 85  GLU A OE2 1 
ATOM   498  N  N   . LEU A 1 71  ? 8.960   23.218  -9.594  1.00 59.13  ? 86  LEU A N   1 
ATOM   499  C  CA  . LEU A 1 71  ? 8.064   23.790  -10.611 1.00 59.99  ? 86  LEU A CA  1 
ATOM   500  C  C   . LEU A 1 71  ? 6.591   23.607  -10.241 1.00 60.12  ? 86  LEU A C   1 
ATOM   501  O  O   . LEU A 1 71  ? 5.785   24.543  -10.290 1.00 58.78  ? 86  LEU A O   1 
ATOM   502  C  CB  . LEU A 1 71  ? 8.338   23.147  -11.971 1.00 59.85  ? 86  LEU A CB  1 
ATOM   503  C  CG  . LEU A 1 71  ? 7.892   23.914  -13.220 1.00 62.10  ? 86  LEU A CG  1 
ATOM   504  C  CD1 . LEU A 1 71  ? 8.857   23.651  -14.349 1.00 64.82  ? 86  LEU A CD1 1 
ATOM   505  C  CD2 . LEU A 1 71  ? 6.509   23.537  -13.658 1.00 66.27  ? 86  LEU A CD2 1 
ATOM   506  N  N   . VAL A 1 72  ? 6.260   22.404  -9.789  1.00 60.37  ? 87  VAL A N   1 
ATOM   507  C  CA  . VAL A 1 72  ? 4.886   22.106  -9.396  1.00 60.86  ? 87  VAL A CA  1 
ATOM   508  C  C   . VAL A 1 72  ? 4.466   22.906  -8.150  1.00 60.63  ? 87  VAL A C   1 
ATOM   509  O  O   . VAL A 1 72  ? 3.355   23.412  -8.076  1.00 59.65  ? 87  VAL A O   1 
ATOM   510  C  CB  . VAL A 1 72  ? 4.679   20.589  -9.139  1.00 61.16  ? 87  VAL A CB  1 
ATOM   511  C  CG1 . VAL A 1 72  ? 3.251   20.312  -8.691  1.00 62.86  ? 87  VAL A CG1 1 
ATOM   512  C  CG2 . VAL A 1 72  ? 4.999   19.782  -10.372 1.00 61.49  ? 87  VAL A CG2 1 
HETATM 513  N  N   . MSE A 1 73  ? 5.358   23.017  -7.176  1.00 60.98  ? 88  MSE A N   1 
HETATM 514  C  CA  . MSE A 1 73  ? 5.081   23.787  -5.971  1.00 62.59  ? 88  MSE A CA  1 
HETATM 515  C  C   . MSE A 1 73  ? 4.823   25.258  -6.310  1.00 61.76  ? 88  MSE A C   1 
HETATM 516  O  O   . MSE A 1 73  ? 3.896   25.872  -5.785  1.00 62.11  ? 88  MSE A O   1 
HETATM 517  C  CB  . MSE A 1 73  ? 6.277   23.703  -5.021  1.00 62.20  ? 88  MSE A CB  1 
HETATM 518  C  CG  . MSE A 1 73  ? 6.520   22.335  -4.440  1.00 64.38  ? 88  MSE A CG  1 
HETATM 519  SE SE  . MSE A 1 73  ? 8.088   22.333  -3.269  1.00 70.99  ? 88  MSE A SE  1 
HETATM 520  C  CE  . MSE A 1 73  ? 9.411   22.610  -4.449  1.00 74.83  ? 88  MSE A CE  1 
ATOM   521  N  N   . ASN A 1 74  ? 5.692   25.832  -7.136  1.00 61.36  ? 89  ASN A N   1 
ATOM   522  C  CA  . ASN A 1 74  ? 5.659   27.262  -7.409  1.00 61.87  ? 89  ASN A CA  1 
ATOM   523  C  C   . ASN A 1 74  ? 4.498   27.642  -8.325  1.00 61.04  ? 89  ASN A C   1 
ATOM   524  O  O   . ASN A 1 74  ? 4.026   28.769  -8.307  1.00 61.40  ? 89  ASN A O   1 
ATOM   525  C  CB  . ASN A 1 74  ? 7.010   27.741  -7.970  1.00 61.91  ? 89  ASN A CB  1 
ATOM   526  C  CG  . ASN A 1 74  ? 8.103   27.834  -6.884  1.00 64.45  ? 89  ASN A CG  1 
ATOM   527  O  OD1 . ASN A 1 74  ? 7.898   27.443  -5.732  1.00 66.57  ? 89  ASN A OD1 1 
ATOM   528  N  ND2 . ASN A 1 74  ? 9.255   28.368  -7.253  1.00 65.66  ? 89  ASN A ND2 1 
ATOM   529  N  N   . GLN A 1 75  ? 4.048   26.678  -9.115  1.00 61.62  ? 90  GLN A N   1 
ATOM   530  C  CA  . GLN A 1 75  ? 2.974   26.879  -10.078 1.00 61.37  ? 90  GLN A CA  1 
ATOM   531  C  C   . GLN A 1 75  ? 1.614   26.619  -9.454  1.00 60.63  ? 90  GLN A C   1 
ATOM   532  O  O   . GLN A 1 75  ? 0.613   27.143  -9.918  1.00 62.87  ? 90  GLN A O   1 
ATOM   533  C  CB  . GLN A 1 75  ? 3.121   25.934  -11.278 1.00 60.70  ? 90  GLN A CB  1 
ATOM   534  C  CG  . GLN A 1 75  ? 3.909   26.507  -12.456 1.00 62.17  ? 90  GLN A CG  1 
ATOM   535  C  CD  . GLN A 1 75  ? 3.591   27.969  -12.732 1.00 61.61  ? 90  GLN A CD  1 
ATOM   536  O  OE1 . GLN A 1 75  ? 2.453   28.326  -13.072 1.00 62.27  ? 90  GLN A OE1 1 
ATOM   537  N  NE2 . GLN A 1 75  ? 4.596   28.816  -12.583 1.00 59.75  ? 90  GLN A NE2 1 
ATOM   538  N  N   . THR A 1 76  ? 1.563   25.782  -8.432  1.00 59.73  ? 91  THR A N   1 
ATOM   539  C  CA  . THR A 1 76  ? 0.281   25.474  -7.799  1.00 59.42  ? 91  THR A CA  1 
ATOM   540  C  C   . THR A 1 76  ? 0.187   25.946  -6.353  1.00 58.45  ? 91  THR A C   1 
ATOM   541  O  O   . THR A 1 76  ? -0.882  25.881  -5.760  1.00 58.07  ? 91  THR A O   1 
ATOM   542  C  CB  . THR A 1 76  ? -0.026  23.959  -7.897  1.00 59.03  ? 91  THR A CB  1 
ATOM   543  O  OG1 . THR A 1 76  ? 0.794   23.211  -6.988  1.00 58.65  ? 91  THR A OG1 1 
ATOM   544  C  CG2 . THR A 1 76  ? 0.322   23.431  -9.273  1.00 60.15  ? 91  THR A CG2 1 
ATOM   545  N  N   . GLY A 1 77  ? 1.301   26.401  -5.782  1.00 57.88  ? 92  GLY A N   1 
ATOM   546  C  CA  . GLY A 1 77  ? 1.359   26.710  -4.356  1.00 58.14  ? 92  GLY A CA  1 
ATOM   547  C  C   . GLY A 1 77  ? 1.263   25.491  -3.441  1.00 58.87  ? 92  GLY A C   1 
ATOM   548  O  O   . GLY A 1 77  ? 0.899   25.614  -2.264  1.00 60.01  ? 92  GLY A O   1 
ATOM   549  N  N   . ALA A 1 78  ? 1.606   24.308  -3.949  1.00 57.95  ? 93  ALA A N   1 
ATOM   550  C  CA  . ALA A 1 78  ? 1.455   23.105  -3.144  1.00 57.23  ? 93  ALA A CA  1 
ATOM   551  C  C   . ALA A 1 78  ? 2.684   22.909  -2.263  1.00 57.80  ? 93  ALA A C   1 
ATOM   552  O  O   . ALA A 1 78  ? 3.760   23.439  -2.543  1.00 56.70  ? 93  ALA A O   1 
ATOM   553  C  CB  . ALA A 1 78  ? 1.244   21.906  -4.031  1.00 57.19  ? 93  ALA A CB  1 
ATOM   554  N  N   . SER A 1 79  ? 2.488   22.193  -1.157  1.00 57.78  ? 94  SER A N   1 
ATOM   555  C  CA  . SER A 1 79  ? 3.570   21.839  -0.266  1.00 57.47  ? 94  SER A CA  1 
ATOM   556  C  C   . SER A 1 79  ? 4.483   20.883  -0.992  1.00 57.75  ? 94  SER A C   1 
ATOM   557  O  O   . SER A 1 79  ? 4.096   20.300  -2.000  1.00 57.97  ? 94  SER A O   1 
ATOM   558  C  CB  . SER A 1 79  ? 3.042   21.140  0.987   1.00 57.97  ? 94  SER A CB  1 
ATOM   559  O  OG  . SER A 1 79  ? 2.365   19.944  0.640   1.00 59.08  ? 94  SER A OG  1 
ATOM   560  N  N   . ARG A 1 80  ? 5.674   20.690  -0.433  1.00 57.94  ? 95  ARG A N   1 
ATOM   561  C  CA  . ARG A 1 80  ? 6.647   19.804  -1.017  1.00 58.76  ? 95  ARG A CA  1 
ATOM   562  C  C   . ARG A 1 80  ? 6.047   18.421  -1.040  1.00 59.01  ? 95  ARG A C   1 
ATOM   563  O  O   . ARG A 1 80  ? 6.209   17.691  -2.006  1.00 59.30  ? 95  ARG A O   1 
ATOM   564  C  CB  . ARG A 1 80  ? 7.919   19.807  -0.183  1.00 58.53  ? 95  ARG A CB  1 
ATOM   565  C  CG  . ARG A 1 80  ? 9.028   18.984  -0.769  1.00 60.39  ? 95  ARG A CG  1 
ATOM   566  C  CD  . ARG A 1 80  ? 10.389  19.393  -0.263  1.00 62.24  ? 95  ARG A CD  1 
ATOM   567  N  NE  . ARG A 1 80  ? 10.930  20.522  -1.011  1.00 66.64  ? 95  ARG A NE  1 
ATOM   568  C  CZ  . ARG A 1 80  ? 11.728  20.397  -2.069  1.00 67.53  ? 95  ARG A CZ  1 
ATOM   569  N  NH1 . ARG A 1 80  ? 12.053  19.186  -2.522  1.00 67.15  ? 95  ARG A NH1 1 
ATOM   570  N  NH2 . ARG A 1 80  ? 12.168  21.485  -2.702  1.00 66.05  ? 95  ARG A NH2 1 
ATOM   571  N  N   . GLU A 1 81  ? 5.415   18.072  0.077   1.00 58.65  ? 96  GLU A N   1 
ATOM   572  C  CA  . GLU A 1 81  ? 4.712   16.814  0.283   1.00 59.51  ? 96  GLU A CA  1 
ATOM   573  C  C   . GLU A 1 81  ? 3.669   16.493  -0.797  1.00 58.83  ? 96  GLU A C   1 
ATOM   574  O  O   . GLU A 1 81  ? 3.715   15.440  -1.430  1.00 59.09  ? 96  GLU A O   1 
ATOM   575  C  CB  . GLU A 1 81  ? 4.025   16.874  1.656   1.00 59.83  ? 96  GLU A CB  1 
ATOM   576  C  CG  . GLU A 1 81  ? 3.219   15.642  2.000   1.00 62.96  ? 96  GLU A CG  1 
ATOM   577  C  CD  . GLU A 1 81  ? 2.645   15.682  3.401   1.00 64.59  ? 96  GLU A CD  1 
ATOM   578  O  OE1 . GLU A 1 81  ? 2.265   16.787  3.875   1.00 72.17  ? 96  GLU A OE1 1 
ATOM   579  O  OE2 . GLU A 1 81  ? 2.585   14.597  4.025   1.00 67.53  ? 96  GLU A OE2 1 
ATOM   580  N  N   . ASP A 1 82  ? 2.721   17.393  -1.004  1.00 57.81  ? 97  ASP A N   1 
ATOM   581  C  CA  . ASP A 1 82  ? 1.703   17.184  -2.038  1.00 57.39  ? 97  ASP A CA  1 
ATOM   582  C  C   . ASP A 1 82  ? 2.256   17.198  -3.448  1.00 56.96  ? 97  ASP A C   1 
ATOM   583  O  O   . ASP A 1 82  ? 1.783   16.471  -4.310  1.00 58.12  ? 97  ASP A O   1 
ATOM   584  C  CB  . ASP A 1 82  ? 0.608   18.245  -1.928  1.00 57.84  ? 97  ASP A CB  1 
ATOM   585  C  CG  . ASP A 1 82  ? -0.108  18.202  -0.610  1.00 59.32  ? 97  ASP A CG  1 
ATOM   586  O  OD1 . ASP A 1 82  ? -0.050  17.157  0.078   1.00 60.81  ? 97  ASP A OD1 1 
ATOM   587  O  OD2 . ASP A 1 82  ? -0.737  19.182  -0.169  1.00 67.35  ? 97  ASP A OD2 1 
ATOM   588  N  N   . ALA A 1 83  ? 3.218   18.068  -3.725  1.00 56.85  ? 98  ALA A N   1 
ATOM   589  C  CA  . ALA A 1 83  ? 3.788   18.134  -5.073  1.00 56.57  ? 98  ALA A CA  1 
ATOM   590  C  C   . ALA A 1 83  ? 4.472   16.812  -5.372  1.00 56.55  ? 98  ALA A C   1 
ATOM   591  O  O   . ALA A 1 83  ? 4.337   16.237  -6.446  1.00 56.30  ? 98  ALA A O   1 
ATOM   592  C  CB  . ALA A 1 83  ? 4.770   19.314  -5.203  1.00 55.28  ? 98  ALA A CB  1 
ATOM   593  N  N   . THR A 1 84  ? 5.164   16.297  -4.368  1.00 56.76  ? 99  THR A N   1 
ATOM   594  C  CA  . THR A 1 84  ? 5.913   15.062  -4.527  1.00 57.88  ? 99  THR A CA  1 
ATOM   595  C  C   . THR A 1 84  ? 4.951   13.894  -4.729  1.00 56.75  ? 99  THR A C   1 
ATOM   596  O  O   . THR A 1 84  ? 5.088   13.094  -5.649  1.00 57.57  ? 99  THR A O   1 
ATOM   597  C  CB  . THR A 1 84  ? 6.820   14.897  -3.285  1.00 58.93  ? 99  THR A CB  1 
ATOM   598  O  OG1 . THR A 1 84  ? 7.811   15.935  -3.299  1.00 56.27  ? 99  THR A OG1 1 
ATOM   599  C  CG2 . THR A 1 84  ? 7.619   13.629  -3.337  1.00 61.08  ? 99  THR A CG2 1 
ATOM   600  N  N   . ARG A 1 85  ? 3.905   13.849  -3.927  1.00 57.51  ? 100 ARG A N   1 
ATOM   601  C  CA  . ARG A 1 85  ? 2.865   12.829  -4.101  1.00 57.97  ? 100 ARG A CA  1 
ATOM   602  C  C   . ARG A 1 85  ? 2.110   12.944  -5.436  1.00 56.16  ? 100 ARG A C   1 
ATOM   603  O  O   . ARG A 1 85  ? 1.906   11.970  -6.140  1.00 56.68  ? 100 ARG A O   1 
ATOM   604  C  CB  . ARG A 1 85  ? 1.879   12.881  -2.937  1.00 58.04  ? 100 ARG A CB  1 
ATOM   605  C  CG  . ARG A 1 85  ? 0.742   11.864  -3.070  1.00 61.07  ? 100 ARG A CG  1 
ATOM   606  C  CD  . ARG A 1 85  ? -0.182  11.780  -1.842  1.00 64.66  ? 100 ARG A CD  1 
ATOM   607  N  NE  . ARG A 1 85  ? -0.486  13.104  -1.302  1.00 69.40  ? 100 ARG A NE  1 
ATOM   608  C  CZ  . ARG A 1 85  ? -0.266  13.482  -0.047  1.00 73.28  ? 100 ARG A CZ  1 
ATOM   609  N  NH1 . ARG A 1 85  ? 0.254   12.642  0.835   1.00 74.74  ? 100 ARG A NH1 1 
ATOM   610  N  NH2 . ARG A 1 85  ? -0.580  14.712  0.331   1.00 75.57  ? 100 ARG A NH2 1 
ATOM   611  N  N   . ALA A 1 86  ? 1.750   14.151  -5.833  1.00 55.58  ? 101 ALA A N   1 
ATOM   612  C  CA  . ALA A 1 86  ? 1.165   14.362  -7.154  1.00 55.69  ? 101 ALA A CA  1 
ATOM   613  C  C   . ALA A 1 86  ? 1.998   13.770  -8.291  1.00 54.67  ? 101 ALA A C   1 
ATOM   614  O  O   . ALA A 1 86  ? 1.464   13.142  -9.207  1.00 54.53  ? 101 ALA A O   1 
ATOM   615  C  CB  . ALA A 1 86  ? 0.956   15.841  -7.402  1.00 56.30  ? 101 ALA A CB  1 
ATOM   616  N  N   . LEU A 1 87  ? 3.297   14.036  -8.266  1.00 55.16  ? 102 LEU A N   1 
ATOM   617  C  CA  . LEU A 1 87  ? 4.214   13.592  -9.328  1.00 55.42  ? 102 LEU A CA  1 
ATOM   618  C  C   . LEU A 1 87  ? 4.402   12.078  -9.300  1.00 55.23  ? 102 LEU A C   1 
ATOM   619  O  O   . LEU A 1 87  ? 4.552   11.444  -10.334 1.00 56.34  ? 102 LEU A O   1 
ATOM   620  C  CB  . LEU A 1 87  ? 5.565   14.293  -9.170  1.00 55.15  ? 102 LEU A CB  1 
ATOM   621  C  CG  . LEU A 1 87  ? 5.724   15.660  -9.833  1.00 55.62  ? 102 LEU A CG  1 
ATOM   622  C  CD1 . LEU A 1 87  ? 6.868   16.450  -9.186  1.00 54.21  ? 102 LEU A CD1 1 
ATOM   623  C  CD2 . LEU A 1 87  ? 5.972   15.519  -11.325 1.00 55.49  ? 102 LEU A CD2 1 
ATOM   624  N  N   . GLN A 1 88  ? 4.445   11.511  -8.095  1.00 56.05  ? 103 GLN A N   1 
ATOM   625  C  CA  . GLN A 1 88  ? 4.407   10.064  -7.901  1.00 55.72  ? 103 GLN A CA  1 
ATOM   626  C  C   . GLN A 1 88  ? 3.142   9.519   -8.573  1.00 55.14  ? 103 GLN A C   1 
ATOM   627  O  O   . GLN A 1 88  ? 3.222   8.589   -9.358  1.00 53.76  ? 103 GLN A O   1 
ATOM   628  C  CB  . GLN A 1 88  ? 4.364   9.681   -6.407  1.00 55.37  ? 103 GLN A CB  1 
ATOM   629  C  CG  . GLN A 1 88  ? 5.655   9.788   -5.567  1.00 56.44  ? 103 GLN A CG  1 
ATOM   630  C  CD  . GLN A 1 88  ? 5.453   9.329   -4.087  1.00 58.71  ? 103 GLN A CD  1 
ATOM   631  O  OE1 . GLN A 1 88  ? 5.759   8.178   -3.720  1.00 63.14  ? 103 GLN A OE1 1 
ATOM   632  N  NE2 . GLN A 1 88  ? 4.921   10.219  -3.253  1.00 60.15  ? 103 GLN A NE2 1 
ATOM   633  N  N   . GLU A 1 89  ? 1.986   10.110  -8.250  1.00 55.54  ? 104 GLU A N   1 
ATOM   634  C  CA  . GLU A 1 89  ? 0.682   9.688   -8.798  1.00 55.93  ? 104 GLU A CA  1 
ATOM   635  C  C   . GLU A 1 89  ? 0.629   9.689   -10.327 1.00 55.26  ? 104 GLU A C   1 
ATOM   636  O  O   . GLU A 1 89  ? 0.012   8.818   -10.917 1.00 56.24  ? 104 GLU A O   1 
ATOM   637  C  CB  . GLU A 1 89  ? -0.488  10.560  -8.301  1.00 56.82  ? 104 GLU A CB  1 
ATOM   638  C  CG  . GLU A 1 89  ? -1.002  10.260  -6.900  1.00 58.04  ? 104 GLU A CG  1 
ATOM   639  C  CD  . GLU A 1 89  ? -1.816  8.982   -6.790  1.00 61.21  ? 104 GLU A CD  1 
ATOM   640  O  OE1 . GLU A 1 89  ? -2.539  8.612   -7.751  1.00 63.09  ? 104 GLU A OE1 1 
ATOM   641  O  OE2 . GLU A 1 89  ? -1.749  8.357   -5.705  1.00 62.21  ? 104 GLU A OE2 1 
ATOM   642  N  N   . THR A 1 90  ? 1.228   10.677  -10.978 1.00 54.93  ? 105 THR A N   1 
ATOM   643  C  CA  . THR A 1 90  ? 1.199   10.745  -12.449 1.00 54.58  ? 105 THR A CA  1 
ATOM   644  C  C   . THR A 1 90  ? 2.426   10.147  -13.159 1.00 54.40  ? 105 THR A C   1 
ATOM   645  O  O   . THR A 1 90  ? 2.669   10.433  -14.331 1.00 53.93  ? 105 THR A O   1 
ATOM   646  C  CB  . THR A 1 90  ? 1.069   12.201  -12.882 1.00 54.90  ? 105 THR A CB  1 
ATOM   647  O  OG1 . THR A 1 90  ? 2.273   12.924  -12.567 1.00 54.57  ? 105 THR A OG1 1 
ATOM   648  C  CG2 . THR A 1 90  ? -0.018  12.894  -12.090 1.00 55.34  ? 105 THR A CG2 1 
ATOM   649  N  N   . GLY A 1 91  ? 3.250   9.396   -12.441 1.00 54.19  ? 106 GLY A N   1 
ATOM   650  C  CA  . GLY A 1 91  ? 4.498   8.893   -13.005 1.00 54.26  ? 106 GLY A CA  1 
ATOM   651  C  C   . GLY A 1 91  ? 5.481   9.936   -13.518 1.00 54.08  ? 106 GLY A C   1 
ATOM   652  O  O   . GLY A 1 91  ? 6.145   9.745   -14.534 1.00 54.08  ? 106 GLY A O   1 
ATOM   653  N  N   . GLY A 1 92  ? 5.607   11.050  -12.816 1.00 55.41  ? 107 GLY A N   1 
ATOM   654  C  CA  . GLY A 1 92  ? 6.545   12.103  -13.239 1.00 55.81  ? 107 GLY A CA  1 
ATOM   655  C  C   . GLY A 1 92  ? 6.061   13.047  -14.348 1.00 56.23  ? 107 GLY A C   1 
ATOM   656  O  O   . GLY A 1 92  ? 6.795   13.932  -14.787 1.00 54.78  ? 107 GLY A O   1 
ATOM   657  N  N   . ASP A 1 93  ? 4.813   12.896  -14.774 1.00 56.10  ? 108 ASP A N   1 
ATOM   658  C  CA  . ASP A 1 93  ? 4.251   13.775  -15.778 1.00 56.78  ? 108 ASP A CA  1 
ATOM   659  C  C   . ASP A 1 93  ? 3.876   15.099  -15.139 1.00 57.64  ? 108 ASP A C   1 
ATOM   660  O  O   . ASP A 1 93  ? 3.025   15.172  -14.241 1.00 56.92  ? 108 ASP A O   1 
ATOM   661  C  CB  . ASP A 1 93  ? 3.034   13.143  -16.436 1.00 57.02  ? 108 ASP A CB  1 
ATOM   662  C  CG  . ASP A 1 93  ? 2.539   13.938  -17.631 1.00 59.58  ? 108 ASP A CG  1 
ATOM   663  O  OD1 . ASP A 1 93  ? 2.292   15.163  -17.521 1.00 61.34  ? 108 ASP A OD1 1 
ATOM   664  O  OD2 . ASP A 1 93  ? 2.348   13.396  -18.735 1.00 65.02  ? 108 ASP A OD2 1 
ATOM   665  N  N   . LEU A 1 94  ? 4.525   16.146  -15.630 1.00 58.61  ? 109 LEU A N   1 
ATOM   666  C  CA  . LEU A 1 94  ? 4.445   17.467  -15.019 1.00 60.92  ? 109 LEU A CA  1 
ATOM   667  C  C   . LEU A 1 94  ? 3.116   18.155  -15.323 1.00 59.48  ? 109 LEU A C   1 
ATOM   668  O  O   . LEU A 1 94  ? 2.479   18.701  -14.443 1.00 60.73  ? 109 LEU A O   1 
ATOM   669  C  CB  . LEU A 1 94  ? 5.616   18.313  -15.532 1.00 61.23  ? 109 LEU A CB  1 
ATOM   670  C  CG  . LEU A 1 94  ? 6.054   19.475  -14.652 1.00 65.66  ? 109 LEU A CG  1 
ATOM   671  C  CD1 . LEU A 1 94  ? 6.541   19.031  -13.277 1.00 69.81  ? 109 LEU A CD1 1 
ATOM   672  C  CD2 . LEU A 1 94  ? 7.166   20.208  -15.357 1.00 66.92  ? 109 LEU A CD2 1 
ATOM   673  N  N   . ALA A 1 95  ? 2.694   18.127  -16.578 1.00 58.64  ? 110 ALA A N   1 
ATOM   674  C  CA  . ALA A 1 95  ? 1.422   18.716  -16.945 1.00 57.91  ? 110 ALA A CA  1 
ATOM   675  C  C   . ALA A 1 95  ? 0.314   18.203  -16.033 1.00 57.80  ? 110 ALA A C   1 
ATOM   676  O  O   . ALA A 1 95  ? -0.433  18.994  -15.470 1.00 57.64  ? 110 ALA A O   1 
ATOM   677  C  CB  . ALA A 1 95  ? 1.097   18.404  -18.380 1.00 57.06  ? 110 ALA A CB  1 
ATOM   678  N  N   . GLU A 1 96  ? 0.209   16.884  -15.899 1.00 57.52  ? 111 GLU A N   1 
ATOM   679  C  CA  . GLU A 1 96  ? -0.875  16.277  -15.149 1.00 58.89  ? 111 GLU A CA  1 
ATOM   680  C  C   . GLU A 1 96  ? -0.743  16.544  -13.644 1.00 58.84  ? 111 GLU A C   1 
ATOM   681  O  O   . GLU A 1 96  ? -1.740  16.706  -12.952 1.00 59.68  ? 111 GLU A O   1 
ATOM   682  C  CB  . GLU A 1 96  ? -0.906  14.781  -15.399 1.00 58.46  ? 111 GLU A CB  1 
ATOM   683  C  CG  . GLU A 1 96  ? -1.239  14.421  -16.830 1.00 62.67  ? 111 GLU A CG  1 
ATOM   684  C  CD  . GLU A 1 96  ? -0.885  12.992  -17.170 1.00 65.00  ? 111 GLU A CD  1 
ATOM   685  O  OE1 . GLU A 1 96  ? -0.483  12.226  -16.250 1.00 72.16  ? 111 GLU A OE1 1 
ATOM   686  O  OE2 . GLU A 1 96  ? -1.045  12.632  -18.358 1.00 72.96  ? 111 GLU A OE2 1 
ATOM   687  N  N   . ALA A 1 97  ? 0.488   16.546  -13.141 1.00 58.56  ? 112 ALA A N   1 
ATOM   688  C  CA  . ALA A 1 97  ? 0.748   16.832  -11.740 1.00 58.50  ? 112 ALA A CA  1 
ATOM   689  C  C   . ALA A 1 97  ? 0.210   18.213  -11.410 1.00 59.08  ? 112 ALA A C   1 
ATOM   690  O  O   . ALA A 1 97  ? -0.498  18.379  -10.425 1.00 58.28  ? 112 ALA A O   1 
ATOM   691  C  CB  . ALA A 1 97  ? 2.252   16.755  -11.458 1.00 58.17  ? 112 ALA A CB  1 
ATOM   692  N  N   . ILE A 1 98  ? 0.478   19.172  -12.302 1.00 60.38  ? 113 ILE A N   1 
ATOM   693  C  CA  . ILE A 1 98  ? -0.004  20.554  -12.163 1.00 61.30  ? 113 ILE A CA  1 
ATOM   694  C  C   . ILE A 1 98  ? -1.532  20.638  -12.187 1.00 62.20  ? 113 ILE A C   1 
ATOM   695  O  O   . ILE A 1 98  ? -2.139  21.280  -11.315 1.00 60.81  ? 113 ILE A O   1 
ATOM   696  C  CB  . ILE A 1 98  ? 0.653   21.457  -13.248 1.00 61.72  ? 113 ILE A CB  1 
ATOM   697  C  CG1 . ILE A 1 98  ? 2.097   21.775  -12.842 1.00 62.15  ? 113 ILE A CG1 1 
ATOM   698  C  CG2 . ILE A 1 98  ? -0.109  22.762  -13.469 1.00 61.40  ? 113 ILE A CG2 1 
ATOM   699  C  CD1 . ILE A 1 98  ? 2.921   22.414  -13.942 1.00 64.44  ? 113 ILE A CD1 1 
HETATM 700  N  N   . MSE A 1 99  ? -2.136  19.958  -13.162 1.00 62.46  ? 114 MSE A N   1 
HETATM 701  C  CA  . MSE A 1 99  ? -3.575  19.964  -13.324 1.00 63.06  ? 114 MSE A CA  1 
HETATM 702  C  C   . MSE A 1 99  ? -4.275  19.358  -12.116 1.00 64.24  ? 114 MSE A C   1 
HETATM 703  O  O   . MSE A 1 99  ? -5.314  19.858  -11.705 1.00 63.53  ? 114 MSE A O   1 
HETATM 704  C  CB  . MSE A 1 99  ? -3.993  19.269  -14.624 1.00 63.16  ? 114 MSE A CB  1 
HETATM 705  C  CG  . MSE A 1 99  ? -3.640  20.122  -15.836 0.60 63.03  ? 114 MSE A CG  1 
HETATM 706  SE SE  . MSE A 1 99  ? -4.101  19.354  -17.553 0.60 62.14  ? 114 MSE A SE  1 
HETATM 707  C  CE  . MSE A 1 99  ? -5.890  19.915  -17.728 0.60 66.65  ? 114 MSE A CE  1 
ATOM   708  N  N   . ARG A 1 100 ? -3.683  18.343  -11.496 1.00 64.97  ? 115 ARG A N   1 
ATOM   709  C  CA  . ARG A 1 100 ? -4.373  17.713  -10.382 1.00 65.35  ? 115 ARG A CA  1 
ATOM   710  C  C   . ARG A 1 100 ? -4.288  18.524  -9.079  1.00 64.44  ? 115 ARG A C   1 
ATOM   711  O  O   . ARG A 1 100 ? -5.063  18.301  -8.174  1.00 63.76  ? 115 ARG A O   1 
ATOM   712  C  CB  . ARG A 1 100 ? -3.972  16.233  -10.206 1.00 66.15  ? 115 ARG A CB  1 
ATOM   713  C  CG  . ARG A 1 100 ? -2.685  15.949  -9.499  1.00 66.23  ? 115 ARG A CG  1 
ATOM   714  C  CD  . ARG A 1 100 ? -2.328  14.453  -9.455  1.00 65.84  ? 115 ARG A CD  1 
ATOM   715  N  NE  . ARG A 1 100 ? -2.995  13.730  -8.371  1.00 65.55  ? 115 ARG A NE  1 
ATOM   716  C  CZ  . ARG A 1 100 ? -3.802  12.683  -8.538  1.00 66.39  ? 115 ARG A CZ  1 
ATOM   717  N  NH1 . ARG A 1 100 ? -4.068  12.220  -9.752  1.00 66.83  ? 115 ARG A NH1 1 
ATOM   718  N  NH2 . ARG A 1 100 ? -4.360  12.101  -7.487  1.00 66.31  ? 115 ARG A NH2 1 
ATOM   719  N  N   . LEU A 1 101 ? -3.414  19.522  -9.023  1.00 63.79  ? 116 LEU A N   1 
ATOM   720  C  CA  . LEU A 1 101 ? -3.226  20.333  -7.828  1.00 62.79  ? 116 LEU A CA  1 
ATOM   721  C  C   . LEU A 1 101 ? -3.688  21.777  -8.028  1.00 61.95  ? 116 LEU A C   1 
ATOM   722  O  O   . LEU A 1 101 ? -4.290  22.112  -9.061  1.00 61.57  ? 116 LEU A O   1 
ATOM   723  C  CB  . LEU A 1 101 ? -1.747  20.318  -7.452  1.00 63.42  ? 116 LEU A CB  1 
ATOM   724  C  CG  . LEU A 1 101 ? -1.194  19.045  -6.801  1.00 63.77  ? 116 LEU A CG  1 
ATOM   725  C  CD1 . LEU A 1 101 ? 0.318   19.152  -6.664  1.00 62.99  ? 116 LEU A CD1 1 
ATOM   726  C  CD2 . LEU A 1 101 ? -1.841  18.794  -5.447  1.00 62.38  ? 116 LEU A CD2 1 
ATOM   727  N  N   . ASP B 1 10  ? 26.756  -14.882 -20.722 1.00 86.61  ? 25  ASP B N   1 
ATOM   728  C  CA  . ASP B 1 10  ? 25.649  -15.094 -21.717 1.00 86.71  ? 25  ASP B CA  1 
ATOM   729  C  C   . ASP B 1 10  ? 24.300  -14.681 -21.107 1.00 86.02  ? 25  ASP B C   1 
ATOM   730  O  O   . ASP B 1 10  ? 23.806  -15.321 -20.173 1.00 86.69  ? 25  ASP B O   1 
ATOM   731  C  CB  . ASP B 1 10  ? 25.590  -16.557 -22.199 1.00 87.57  ? 25  ASP B CB  1 
ATOM   732  C  CG  . ASP B 1 10  ? 26.976  -17.209 -22.299 1.00 90.17  ? 25  ASP B CG  1 
ATOM   733  O  OD1 . ASP B 1 10  ? 27.370  -17.633 -23.416 1.00 92.74  ? 25  ASP B OD1 1 
ATOM   734  O  OD2 . ASP B 1 10  ? 27.745  -17.320 -21.311 1.00 90.45  ? 25  ASP B OD2 1 
HETATM 735  N  N   . MSE B 1 11  ? 23.732  -13.603 -21.643 1.00 84.47  ? 26  MSE B N   1 
HETATM 736  C  CA  . MSE B 1 11  ? 22.478  -13.025 -21.177 1.00 83.50  ? 26  MSE B CA  1 
HETATM 737  C  C   . MSE B 1 11  ? 21.261  -13.749 -21.737 1.00 81.50  ? 26  MSE B C   1 
HETATM 738  O  O   . MSE B 1 11  ? 21.145  -13.933 -22.947 1.00 81.31  ? 26  MSE B O   1 
HETATM 739  C  CB  . MSE B 1 11  ? 22.412  -11.567 -21.616 1.00 84.93  ? 26  MSE B CB  1 
HETATM 740  C  CG  . MSE B 1 11  ? 23.281  -10.660 -20.788 0.80 89.18  ? 26  MSE B CG  1 
HETATM 741  SE SE  . MSE B 1 11  ? 22.245  -10.101 -19.270 0.80 102.04 ? 26  MSE B SE  1 
HETATM 742  C  CE  . MSE B 1 11  ? 21.030  -8.865  -20.213 0.80 100.21 ? 26  MSE B CE  1 
ATOM   743  N  N   . LYS B 1 12  ? 20.339  -14.133 -20.863 1.00 78.72  ? 27  LYS B N   1 
ATOM   744  C  CA  . LYS B 1 12  ? 19.137  -14.836 -21.298 1.00 77.26  ? 27  LYS B CA  1 
ATOM   745  C  C   . LYS B 1 12  ? 17.890  -14.140 -20.760 1.00 74.85  ? 27  LYS B C   1 
ATOM   746  O  O   . LYS B 1 12  ? 17.895  -13.593 -19.664 1.00 73.72  ? 27  LYS B O   1 
ATOM   747  C  CB  . LYS B 1 12  ? 19.203  -16.310 -20.881 1.00 76.90  ? 27  LYS B CB  1 
ATOM   748  C  CG  . LYS B 1 12  ? 20.445  -17.013 -21.466 1.00 79.39  ? 27  LYS B CG  1 
ATOM   749  C  CD  . LYS B 1 12  ? 20.755  -18.396 -20.873 1.00 81.08  ? 27  LYS B CD  1 
ATOM   750  C  CE  . LYS B 1 12  ? 20.846  -18.402 -19.333 1.00 84.38  ? 27  LYS B CE  1 
ATOM   751  N  NZ  . LYS B 1 12  ? 21.878  -17.483 -18.747 1.00 83.89  ? 27  LYS B NZ  1 
ATOM   752  N  N   . ASP B 1 13  ? 16.847  -14.105 -21.580 1.00 73.28  ? 28  ASP B N   1 
ATOM   753  C  CA  . ASP B 1 13  ? 15.584  -13.462 -21.237 1.00 72.72  ? 28  ASP B CA  1 
ATOM   754  C  C   . ASP B 1 13  ? 14.739  -14.411 -20.389 1.00 71.39  ? 28  ASP B C   1 
ATOM   755  O  O   . ASP B 1 13  ? 14.719  -15.625 -20.613 1.00 70.04  ? 28  ASP B O   1 
ATOM   756  C  CB  . ASP B 1 13  ? 14.832  -13.094 -22.522 1.00 72.86  ? 28  ASP B CB  1 
ATOM   757  C  CG  . ASP B 1 13  ? 13.475  -12.476 -22.253 1.00 74.75  ? 28  ASP B CG  1 
ATOM   758  O  OD1 . ASP B 1 13  ? 13.400  -11.403 -21.612 1.00 77.46  ? 28  ASP B OD1 1 
ATOM   759  O  OD2 . ASP B 1 13  ? 12.417  -12.994 -22.666 1.00 77.24  ? 28  ASP B OD2 1 
ATOM   760  N  N   . LEU B 1 14  ? 14.077  -13.865 -19.380 1.00 70.13  ? 29  LEU B N   1 
ATOM   761  C  CA  . LEU B 1 14  ? 13.259  -14.684 -18.514 1.00 70.31  ? 29  LEU B CA  1 
ATOM   762  C  C   . LEU B 1 14  ? 11.806  -14.287 -18.722 1.00 69.50  ? 29  LEU B C   1 
ATOM   763  O  O   . LEU B 1 14  ? 11.389  -13.176 -18.382 1.00 69.93  ? 29  LEU B O   1 
ATOM   764  C  CB  . LEU B 1 14  ? 13.686  -14.541 -17.058 1.00 70.53  ? 29  LEU B CB  1 
ATOM   765  C  CG  . LEU B 1 14  ? 13.066  -15.574 -16.117 1.00 72.23  ? 29  LEU B CG  1 
ATOM   766  C  CD1 . LEU B 1 14  ? 13.382  -16.986 -16.558 1.00 74.21  ? 29  LEU B CD1 1 
ATOM   767  C  CD2 . LEU B 1 14  ? 13.527  -15.355 -14.667 1.00 72.60  ? 29  LEU B CD2 1 
ATOM   768  N  N   . ARG B 1 15  ? 11.050  -15.227 -19.280 1.00 67.93  ? 30  ARG B N   1 
ATOM   769  C  CA  . ARG B 1 15  ? 9.688   -15.011 -19.735 1.00 66.14  ? 30  ARG B CA  1 
ATOM   770  C  C   . ARG B 1 15  ? 8.647   -15.359 -18.677 1.00 64.61  ? 30  ARG B C   1 
ATOM   771  O  O   . ARG B 1 15  ? 8.850   -16.267 -17.874 1.00 65.03  ? 30  ARG B O   1 
ATOM   772  C  CB  . ARG B 1 15  ? 9.443   -15.881 -20.971 1.00 66.79  ? 30  ARG B CB  1 
ATOM   773  C  CG  . ARG B 1 15  ? 8.034   -15.781 -21.532 1.00 68.45  ? 30  ARG B CG  1 
ATOM   774  C  CD  . ARG B 1 15  ? 7.828   -16.426 -22.908 1.00 69.06  ? 30  ARG B CD  1 
ATOM   775  N  NE  . ARG B 1 15  ? 7.005   -15.558 -23.748 1.00 71.49  ? 30  ARG B NE  1 
ATOM   776  C  CZ  . ARG B 1 15  ? 7.466   -14.491 -24.400 1.00 72.31  ? 30  ARG B CZ  1 
ATOM   777  N  NH1 . ARG B 1 15  ? 8.759   -14.186 -24.376 1.00 71.69  ? 30  ARG B NH1 1 
ATOM   778  N  NH2 . ARG B 1 15  ? 6.634   -13.739 -25.105 1.00 73.98  ? 30  ARG B NH2 1 
ATOM   779  N  N   . GLY B 1 16  ? 7.538   -14.622 -18.693 1.00 62.52  ? 31  GLY B N   1 
ATOM   780  C  CA  . GLY B 1 16  ? 6.379   -14.885 -17.846 1.00 60.85  ? 31  GLY B CA  1 
ATOM   781  C  C   . GLY B 1 16  ? 6.533   -14.465 -16.391 1.00 58.85  ? 31  GLY B C   1 
ATOM   782  O  O   . GLY B 1 16  ? 5.944   -15.067 -15.496 1.00 57.80  ? 31  GLY B O   1 
ATOM   783  N  N   . VAL B 1 17  ? 7.314   -13.428 -16.131 1.00 56.83  ? 32  VAL B N   1 
ATOM   784  C  CA  . VAL B 1 17  ? 7.514   -13.016 -14.752 1.00 56.76  ? 32  VAL B CA  1 
ATOM   785  C  C   . VAL B 1 17  ? 6.379   -12.085 -14.360 1.00 55.94  ? 32  VAL B C   1 
ATOM   786  O  O   . VAL B 1 17  ? 6.205   -11.031 -14.953 1.00 56.48  ? 32  VAL B O   1 
ATOM   787  C  CB  . VAL B 1 17  ? 8.877   -12.365 -14.523 1.00 56.00  ? 32  VAL B CB  1 
ATOM   788  C  CG1 . VAL B 1 17  ? 9.032   -11.975 -13.074 1.00 56.90  ? 32  VAL B CG1 1 
ATOM   789  C  CG2 . VAL B 1 17  ? 9.976   -13.337 -14.886 1.00 57.38  ? 32  VAL B CG2 1 
ATOM   790  N  N   . GLU B 1 18  ? 5.607   -12.513 -13.369 1.00 54.82  ? 33  GLU B N   1 
ATOM   791  C  CA  . GLU B 1 18  ? 4.423   -11.793 -12.915 1.00 54.26  ? 33  GLU B CA  1 
ATOM   792  C  C   . GLU B 1 18  ? 4.816   -10.668 -11.976 1.00 53.66  ? 33  GLU B C   1 
ATOM   793  O  O   . GLU B 1 18  ? 4.132   -9.654  -11.896 1.00 53.02  ? 33  GLU B O   1 
ATOM   794  C  CB  . GLU B 1 18  ? 3.461   -12.758 -12.210 1.00 53.76  ? 33  GLU B CB  1 
ATOM   795  C  CG  . GLU B 1 18  ? 2.983   -13.905 -13.095 1.00 54.66  ? 33  GLU B CG  1 
ATOM   796  C  CD  . GLU B 1 18  ? 1.960   -14.814 -12.433 1.00 55.79  ? 33  GLU B CD  1 
ATOM   797  O  OE1 . GLU B 1 18  ? 1.826   -14.795 -11.193 1.00 61.24  ? 33  GLU B OE1 1 
ATOM   798  O  OE2 . GLU B 1 18  ? 1.282   -15.567 -13.158 1.00 59.82  ? 33  GLU B OE2 1 
ATOM   799  N  N   . GLU B 1 19  ? 5.924   -10.829 -11.263 1.00 53.08  ? 34  GLU B N   1 
ATOM   800  C  CA  . GLU B 1 19  ? 6.220   -9.916  -10.173 1.00 53.05  ? 34  GLU B CA  1 
ATOM   801  C  C   . GLU B 1 19  ? 7.562   -10.203 -9.545  1.00 51.86  ? 34  GLU B C   1 
ATOM   802  O  O   . GLU B 1 19  ? 7.916   -11.340 -9.312  1.00 53.07  ? 34  GLU B O   1 
ATOM   803  C  CB  . GLU B 1 19  ? 5.142   -10.074 -9.087  1.00 53.31  ? 34  GLU B CB  1 
ATOM   804  C  CG  . GLU B 1 19  ? 5.238   -9.069  -7.956  1.00 55.27  ? 34  GLU B CG  1 
ATOM   805  C  CD  . GLU B 1 19  ? 4.116   -9.225  -6.950  1.00 56.90  ? 34  GLU B CD  1 
ATOM   806  O  OE1 . GLU B 1 19  ? 4.166   -10.139 -6.104  1.00 59.97  ? 34  GLU B OE1 1 
ATOM   807  O  OE2 . GLU B 1 19  ? 3.170   -8.414  -6.999  1.00 67.25  ? 34  GLU B OE2 1 
ATOM   808  N  N   . VAL B 1 20  ? 8.308   -9.159  -9.238  1.00 52.46  ? 35  VAL B N   1 
ATOM   809  C  CA  . VAL B 1 20  ? 9.500   -9.299  -8.423  1.00 51.80  ? 35  VAL B CA  1 
ATOM   810  C  C   . VAL B 1 20  ? 9.257   -8.482  -7.164  1.00 51.02  ? 35  VAL B C   1 
ATOM   811  O  O   . VAL B 1 20  ? 8.787   -7.366  -7.249  1.00 49.66  ? 35  VAL B O   1 
ATOM   812  C  CB  . VAL B 1 20  ? 10.750  -8.770  -9.163  1.00 52.12  ? 35  VAL B CB  1 
ATOM   813  C  CG1 . VAL B 1 20  ? 11.972  -8.761  -8.258  1.00 51.32  ? 35  VAL B CG1 1 
ATOM   814  C  CG2 . VAL B 1 20  ? 11.029  -9.593  -10.377 1.00 53.58  ? 35  VAL B CG2 1 
ATOM   815  N  N   . VAL B 1 21  ? 9.561   -9.070  -6.014  1.00 52.02  ? 36  VAL B N   1 
ATOM   816  C  CA  . VAL B 1 21  ? 9.463   -8.447  -4.700  1.00 52.23  ? 36  VAL B CA  1 
ATOM   817  C  C   . VAL B 1 21  ? 10.859  -8.371  -4.052  1.00 52.90  ? 36  VAL B C   1 
ATOM   818  O  O   . VAL B 1 21  ? 11.590  -9.359  -3.968  1.00 51.97  ? 36  VAL B O   1 
ATOM   819  C  CB  . VAL B 1 21  ? 8.596   -9.302  -3.751  1.00 51.28  ? 36  VAL B CB  1 
ATOM   820  C  CG1 . VAL B 1 21  ? 8.551   -8.666  -2.368  1.00 52.69  ? 36  VAL B CG1 1 
ATOM   821  C  CG2 . VAL B 1 21  ? 7.163   -9.505  -4.310  1.00 53.39  ? 36  VAL B CG2 1 
ATOM   822  N  N   . ILE B 1 22  ? 11.239  -7.178  -3.620  1.00 53.22  ? 37  ILE B N   1 
ATOM   823  C  CA  . ILE B 1 22  ? 12.492  -6.966  -2.899  1.00 52.65  ? 37  ILE B CA  1 
ATOM   824  C  C   . ILE B 1 22  ? 12.152  -6.674  -1.445  1.00 51.77  ? 37  ILE B C   1 
ATOM   825  O  O   . ILE B 1 22  ? 11.441  -5.719  -1.161  1.00 51.03  ? 37  ILE B O   1 
ATOM   826  C  CB  . ILE B 1 22  ? 13.256  -5.795  -3.524  1.00 53.66  ? 37  ILE B CB  1 
ATOM   827  C  CG1 . ILE B 1 22  ? 13.510  -6.089  -5.007  1.00 55.06  ? 37  ILE B CG1 1 
ATOM   828  C  CG2 . ILE B 1 22  ? 14.591  -5.533  -2.801  1.00 53.16  ? 37  ILE B CG2 1 
ATOM   829  C  CD1 . ILE B 1 22  ? 13.980  -4.895  -5.759  1.00 55.38  ? 37  ILE B CD1 1 
ATOM   830  N  N   . LYS B 1 23  ? 12.605  -7.536  -0.543  1.00 50.87  ? 38  LYS B N   1 
ATOM   831  C  CA  . LYS B 1 23  ? 12.226  -7.436  0.850   1.00 51.37  ? 38  LYS B CA  1 
ATOM   832  C  C   . LYS B 1 23  ? 13.348  -6.909  1.714   1.00 50.91  ? 38  LYS B C   1 
ATOM   833  O  O   . LYS B 1 23  ? 14.460  -7.434  1.743   1.00 50.39  ? 38  LYS B O   1 
ATOM   834  C  CB  . LYS B 1 23  ? 11.775  -8.783  1.397   1.00 51.63  ? 38  LYS B CB  1 
ATOM   835  C  CG  . LYS B 1 23  ? 10.675  -9.446  0.588   1.00 51.82  ? 38  LYS B CG  1 
ATOM   836  C  CD  . LYS B 1 23  ? 10.391  -10.805 1.152   1.00 53.08  ? 38  LYS B CD  1 
ATOM   837  C  CE  . LYS B 1 23  ? 9.178   -11.425 0.522   1.00 57.04  ? 38  LYS B CE  1 
ATOM   838  N  NZ  . LYS B 1 23  ? 8.692   -12.513 1.402   1.00 58.43  ? 38  LYS B NZ  1 
ATOM   839  N  N   . LEU B 1 24  ? 12.998  -5.888  2.476   1.00 50.46  ? 39  LEU B N   1 
ATOM   840  C  CA  . LEU B 1 24  ? 13.880  -5.319  3.467   1.00 51.66  ? 39  LEU B CA  1 
ATOM   841  C  C   . LEU B 1 24  ? 13.141  -5.431  4.788   1.00 51.88  ? 39  LEU B C   1 
ATOM   842  O  O   . LEU B 1 24  ? 12.048  -6.002  4.842   1.00 51.87  ? 39  LEU B O   1 
ATOM   843  C  CB  . LEU B 1 24  ? 14.208  -3.856  3.143   1.00 51.77  ? 39  LEU B CB  1 
ATOM   844  C  CG  . LEU B 1 24  ? 14.811  -3.596  1.751   1.00 51.79  ? 39  LEU B CG  1 
ATOM   845  C  CD1 . LEU B 1 24  ? 13.752  -3.387  0.676   1.00 51.49  ? 39  LEU B CD1 1 
ATOM   846  C  CD2 . LEU B 1 24  ? 15.687  -2.376  1.826   1.00 52.96  ? 39  LEU B CD2 1 
ATOM   847  N  N   . LYS B 1 25  ? 13.775  -4.968  5.855   1.00 53.38  ? 40  LYS B N   1 
ATOM   848  C  CA  . LYS B 1 25  ? 13.241  -5.133  7.207   1.00 54.04  ? 40  LYS B CA  1 
ATOM   849  C  C   . LYS B 1 25  ? 11.949  -4.348  7.375   1.00 54.38  ? 40  LYS B C   1 
ATOM   850  O  O   . LYS B 1 25  ? 10.958  -4.863  7.903   1.00 54.46  ? 40  LYS B O   1 
ATOM   851  C  CB  . LYS B 1 25  ? 14.258  -4.637  8.235   1.00 53.85  ? 40  LYS B CB  1 
ATOM   852  C  CG  . LYS B 1 25  ? 13.995  -5.093  9.667   1.00 55.60  ? 40  LYS B CG  1 
ATOM   853  C  CD  . LYS B 1 25  ? 15.194  -4.763  10.563  1.00 56.44  ? 40  LYS B CD  1 
ATOM   854  C  CE  . LYS B 1 25  ? 14.929  -4.989  12.052  1.00 58.94  ? 40  LYS B CE  1 
ATOM   855  N  NZ  . LYS B 1 25  ? 15.334  -6.339  12.562  1.00 59.65  ? 40  LYS B NZ  1 
ATOM   856  N  N   . ARG B 1 26  ? 11.967  -3.111  6.876   1.00 53.71  ? 41  ARG B N   1 
ATOM   857  C  CA  . ARG B 1 26  ? 10.902  -2.158  7.155   1.00 53.76  ? 41  ARG B CA  1 
ATOM   858  C  C   . ARG B 1 26  ? 9.918   -1.987  6.017   1.00 52.71  ? 41  ARG B C   1 
ATOM   859  O  O   . ARG B 1 26  ? 8.891   -1.332  6.200   1.00 51.12  ? 41  ARG B O   1 
ATOM   860  C  CB  . ARG B 1 26  ? 11.490  -0.799  7.518   1.00 54.88  ? 41  ARG B CB  1 
ATOM   861  C  CG  . ARG B 1 26  ? 12.595  -0.903  8.549   1.00 57.36  ? 41  ARG B CG  1 
ATOM   862  C  CD  . ARG B 1 26  ? 12.620  0.204   9.553   1.00 60.37  ? 41  ARG B CD  1 
ATOM   863  N  NE  . ARG B 1 26  ? 13.284  -0.270  10.764  1.00 62.89  ? 41  ARG B NE  1 
ATOM   864  C  CZ  . ARG B 1 26  ? 12.713  -1.025  11.699  1.00 62.83  ? 41  ARG B CZ  1 
ATOM   865  N  NH1 . ARG B 1 26  ? 11.436  -1.378  11.597  1.00 62.25  ? 41  ARG B NH1 1 
ATOM   866  N  NH2 . ARG B 1 26  ? 13.419  -1.396  12.764  1.00 64.31  ? 41  ARG B NH2 1 
ATOM   867  N  N   . LYS B 1 27  ? 10.219  -2.577  4.863   1.00 50.89  ? 42  LYS B N   1 
ATOM   868  C  CA  . LYS B 1 27  ? 9.415   -2.349  3.680   1.00 50.88  ? 42  LYS B CA  1 
ATOM   869  C  C   . LYS B 1 27  ? 9.764   -3.359  2.597   1.00 49.99  ? 42  LYS B C   1 
ATOM   870  O  O   . LYS B 1 27  ? 10.808  -3.994  2.655   1.00 49.40  ? 42  LYS B O   1 
ATOM   871  C  CB  . LYS B 1 27  ? 9.668   -0.925  3.158   1.00 50.88  ? 42  LYS B CB  1 
ATOM   872  C  CG  . LYS B 1 27  ? 10.865  -0.830  2.213   1.00 51.64  ? 42  LYS B CG  1 
ATOM   873  C  CD  . LYS B 1 27  ? 11.366  0.599   2.052   1.00 51.92  ? 42  LYS B CD  1 
ATOM   874  C  CE  . LYS B 1 27  ? 12.472  0.694   0.977   1.00 51.07  ? 42  LYS B CE  1 
ATOM   875  N  NZ  . LYS B 1 27  ? 12.910  2.109   0.719   1.00 51.43  ? 42  LYS B NZ  1 
ATOM   876  N  N   . GLU B 1 28  ? 8.906   -3.449  1.590   1.00 49.77  ? 43  GLU B N   1 
ATOM   877  C  CA  . GLU B 1 28  ? 9.151   -4.256  0.398   1.00 50.54  ? 43  GLU B CA  1 
ATOM   878  C  C   . GLU B 1 28  ? 8.952   -3.396  -0.856  1.00 50.15  ? 43  GLU B C   1 
ATOM   879  O  O   . GLU B 1 28  ? 8.200   -2.420  -0.846  1.00 49.48  ? 43  GLU B O   1 
ATOM   880  C  CB  . GLU B 1 28  ? 8.229   -5.486  0.431   1.00 50.62  ? 43  GLU B CB  1 
ATOM   881  C  CG  . GLU B 1 28  ? 8.171   -6.093  1.830   1.00 52.44  ? 43  GLU B CG  1 
ATOM   882  C  CD  . GLU B 1 28  ? 7.568   -7.486  1.893   1.00 55.08  ? 43  GLU B CD  1 
ATOM   883  O  OE1 . GLU B 1 28  ? 6.668   -7.780  1.071   1.00 58.26  ? 43  GLU B OE1 1 
ATOM   884  O  OE2 . GLU B 1 28  ? 7.961   -8.267  2.806   1.00 58.31  ? 43  GLU B OE2 1 
ATOM   885  N  N   . ILE B 1 29  ? 9.724   -3.696  -1.897  1.00 50.60  ? 44  ILE B N   1 
ATOM   886  C  CA  . ILE B 1 29  ? 9.559   -3.042  -3.194  1.00 51.18  ? 44  ILE B CA  1 
ATOM   887  C  C   . ILE B 1 29  ? 9.015   -4.081  -4.168  1.00 49.61  ? 44  ILE B C   1 
ATOM   888  O  O   . ILE B 1 29  ? 9.564   -5.154  -4.260  1.00 49.39  ? 44  ILE B O   1 
ATOM   889  C  CB  . ILE B 1 29  ? 10.895  -2.430  -3.716  1.00 50.70  ? 44  ILE B CB  1 
ATOM   890  C  CG1 . ILE B 1 29  ? 11.419  -1.362  -2.748  1.00 52.40  ? 44  ILE B CG1 1 
ATOM   891  C  CG2 . ILE B 1 29  ? 10.681  -1.747  -5.070  1.00 51.19  ? 44  ILE B CG2 1 
ATOM   892  C  CD1 . ILE B 1 29  ? 12.884  -0.962  -3.014  1.00 52.11  ? 44  ILE B CD1 1 
ATOM   893  N  N   . ILE B 1 30  ? 7.950   -3.740  -4.884  1.00 49.52  ? 45  ILE B N   1 
ATOM   894  C  CA  . ILE B 1 30  ? 7.272   -4.649  -5.790  1.00 49.98  ? 45  ILE B CA  1 
ATOM   895  C  C   . ILE B 1 30  ? 7.319   -4.044  -7.173  1.00 50.70  ? 45  ILE B C   1 
ATOM   896  O  O   . ILE B 1 30  ? 6.934   -2.892  -7.375  1.00 50.79  ? 45  ILE B O   1 
ATOM   897  C  CB  . ILE B 1 30  ? 5.785   -4.842  -5.378  1.00 51.61  ? 45  ILE B CB  1 
ATOM   898  C  CG1 . ILE B 1 30  ? 5.681   -5.433  -3.973  1.00 53.78  ? 45  ILE B CG1 1 
ATOM   899  C  CG2 . ILE B 1 30  ? 5.040   -5.762  -6.341  1.00 52.33  ? 45  ILE B CG2 1 
ATOM   900  C  CD1 . ILE B 1 30  ? 5.212   -4.405  -2.999  1.00 57.95  ? 45  ILE B CD1 1 
ATOM   901  N  N   . ILE B 1 31  ? 7.818   -4.826  -8.118  1.00 52.22  ? 46  ILE B N   1 
ATOM   902  C  CA  . ILE B 1 31  ? 7.762   -4.509  -9.541  1.00 54.23  ? 46  ILE B CA  1 
ATOM   903  C  C   . ILE B 1 31  ? 6.806   -5.490  -10.260 1.00 54.25  ? 46  ILE B C   1 
ATOM   904  O  O   . ILE B 1 31  ? 7.063   -6.695  -10.296 1.00 53.62  ? 46  ILE B O   1 
ATOM   905  C  CB  . ILE B 1 31  ? 9.174   -4.594  -10.166 1.00 52.05  ? 46  ILE B CB  1 
ATOM   906  C  CG1 . ILE B 1 31  ? 10.175  -3.728  -9.396  1.00 55.63  ? 46  ILE B CG1 1 
ATOM   907  C  CG2 . ILE B 1 31  ? 9.116   -4.118  -11.606 1.00 54.63  ? 46  ILE B CG2 1 
ATOM   908  C  CD1 . ILE B 1 31  ? 11.082  -4.469  -8.433  1.00 55.20  ? 46  ILE B CD1 1 
ATOM   909  N  N   . LYS B 1 32  ? 5.708   -4.978  -10.800 1.00 56.16  ? 47  LYS B N   1 
ATOM   910  C  CA  . LYS B 1 32  ? 4.727   -5.800  -11.521 1.00 59.07  ? 47  LYS B CA  1 
ATOM   911  C  C   . LYS B 1 32  ? 5.068   -6.002  -13.005 1.00 59.05  ? 47  LYS B C   1 
ATOM   912  O  O   . LYS B 1 32  ? 5.552   -5.092  -13.674 1.00 58.25  ? 47  LYS B O   1 
ATOM   913  C  CB  . LYS B 1 32  ? 3.336   -5.178  -11.369 1.00 60.25  ? 47  LYS B CB  1 
ATOM   914  C  CG  . LYS B 1 32  ? 2.822   -5.241  -9.923  1.00 63.74  ? 47  LYS B CG  1 
ATOM   915  C  CD  . LYS B 1 32  ? 1.758   -4.185  -9.645  1.00 65.24  ? 47  LYS B CD  1 
ATOM   916  C  CE  . LYS B 1 32  ? 1.578   -3.898  -8.148  1.00 67.70  ? 47  LYS B CE  1 
ATOM   917  N  NZ  . LYS B 1 32  ? 0.589   -2.804  -7.956  1.00 67.43  ? 47  LYS B NZ  1 
ATOM   918  N  N   . ASN B 1 33  ? 4.831   -7.215  -13.498 1.00 60.26  ? 48  ASN B N   1 
ATOM   919  C  CA  . ASN B 1 33  ? 5.138   -7.600  -14.889 1.00 60.37  ? 48  ASN B CA  1 
ATOM   920  C  C   . ASN B 1 33  ? 6.439   -6.983  -15.400 1.00 59.92  ? 48  ASN B C   1 
ATOM   921  O  O   . ASN B 1 33  ? 6.461   -6.223  -16.357 1.00 61.06  ? 48  ASN B O   1 
ATOM   922  C  CB  . ASN B 1 33  ? 3.985   -7.233  -15.819 1.00 59.87  ? 48  ASN B CB  1 
ATOM   923  C  CG  . ASN B 1 33  ? 2.672   -7.905  -15.429 1.00 62.68  ? 48  ASN B CG  1 
ATOM   924  O  OD1 . ASN B 1 33  ? 1.620   -7.259  -15.436 1.00 65.17  ? 48  ASN B OD1 1 
ATOM   925  N  ND2 . ASN B 1 33  ? 2.716   -9.211  -15.151 1.00 59.08  ? 48  ASN B ND2 1 
ATOM   926  N  N   . PRO B 1 34  ? 7.523   -7.238  -14.700 1.00 59.53  ? 49  PRO B N   1 
ATOM   927  C  CA  . PRO B 1 34  ? 8.799   -6.669  -15.091 1.00 59.08  ? 49  PRO B CA  1 
ATOM   928  C  C   . PRO B 1 34  ? 9.376   -7.346  -16.335 1.00 58.63  ? 49  PRO B C   1 
ATOM   929  O  O   . PRO B 1 34  ? 8.968   -8.436  -16.712 1.00 58.38  ? 49  PRO B O   1 
ATOM   930  C  CB  . PRO B 1 34  ? 9.679   -6.948  -13.869 1.00 59.33  ? 49  PRO B CB  1 
ATOM   931  C  CG  . PRO B 1 34  ? 9.078   -8.156  -13.249 1.00 59.63  ? 49  PRO B CG  1 
ATOM   932  C  CD  . PRO B 1 34  ? 7.614   -8.020  -13.452 1.00 59.05  ? 49  PRO B CD  1 
ATOM   933  N  N   . LYS B 1 35  ? 10.309  -6.679  -16.986 1.00 57.89  ? 50  LYS B N   1 
ATOM   934  C  CA  . LYS B 1 35  ? 11.189  -7.349  -17.924 1.00 58.91  ? 50  LYS B CA  1 
ATOM   935  C  C   . LYS B 1 35  ? 12.359  -7.853  -17.083 1.00 58.32  ? 50  LYS B C   1 
ATOM   936  O  O   . LYS B 1 35  ? 12.783  -7.160  -16.143 1.00 57.66  ? 50  LYS B O   1 
ATOM   937  C  CB  . LYS B 1 35  ? 11.668  -6.381  -19.013 1.00 59.96  ? 50  LYS B CB  1 
ATOM   938  C  CG  . LYS B 1 35  ? 10.623  -6.006  -20.055 1.00 61.71  ? 50  LYS B CG  1 
ATOM   939  C  CD  . LYS B 1 35  ? 11.053  -4.764  -20.841 1.00 63.66  ? 50  LYS B CD  1 
ATOM   940  C  CE  . LYS B 1 35  ? 10.150  -4.495  -22.042 1.00 65.31  ? 50  LYS B CE  1 
ATOM   941  N  NZ  . LYS B 1 35  ? 10.808  -3.679  -23.105 1.00 66.13  ? 50  LYS B NZ  1 
ATOM   942  N  N   . VAL B 1 36  ? 12.785  -9.094  -17.329 1.00 57.10  ? 51  VAL B N   1 
ATOM   943  C  CA  . VAL B 1 36  ? 13.845  -9.717  -16.541 1.00 57.02  ? 51  VAL B CA  1 
ATOM   944  C  C   . VAL B 1 36  ? 14.845  -10.478 -17.418 1.00 57.46  ? 51  VAL B C   1 
ATOM   945  O  O   . VAL B 1 36  ? 14.481  -11.350 -18.192 1.00 57.37  ? 51  VAL B O   1 
ATOM   946  C  CB  . VAL B 1 36  ? 13.278  -10.697 -15.475 1.00 55.93  ? 51  VAL B CB  1 
ATOM   947  C  CG1 . VAL B 1 36  ? 14.373  -11.248 -14.609 1.00 57.34  ? 51  VAL B CG1 1 
ATOM   948  C  CG2 . VAL B 1 36  ? 12.304  -10.030 -14.573 1.00 57.10  ? 51  VAL B CG2 1 
ATOM   949  N  N   . ASN B 1 37  ? 16.119  -10.171 -17.225 1.00 58.19  ? 52  ASN B N   1 
ATOM   950  C  CA  . ASN B 1 37  ? 17.227  -10.899 -17.813 1.00 59.64  ? 52  ASN B CA  1 
ATOM   951  C  C   . ASN B 1 37  ? 18.047  -11.614 -16.751 1.00 59.39  ? 52  ASN B C   1 
ATOM   952  O  O   . ASN B 1 37  ? 18.153  -11.133 -15.621 1.00 58.81  ? 52  ASN B O   1 
ATOM   953  C  CB  . ASN B 1 37  ? 18.152  -9.931  -18.552 1.00 60.73  ? 52  ASN B CB  1 
ATOM   954  C  CG  . ASN B 1 37  ? 17.559  -9.451  -19.848 1.00 64.25  ? 52  ASN B CG  1 
ATOM   955  O  OD1 . ASN B 1 37  ? 17.450  -8.251  -20.078 1.00 72.11  ? 52  ASN B OD1 1 
ATOM   956  N  ND2 . ASN B 1 37  ? 17.135  -10.387 -20.692 1.00 67.19  ? 52  ASN B ND2 1 
ATOM   957  N  N   . VAL B 1 38  ? 18.668  -12.727 -17.134 1.00 60.02  ? 53  VAL B N   1 
ATOM   958  C  CA  . VAL B 1 38  ? 19.488  -13.518 -16.205 1.00 60.92  ? 53  VAL B CA  1 
ATOM   959  C  C   . VAL B 1 38  ? 20.871  -13.823 -16.773 1.00 61.18  ? 53  VAL B C   1 
ATOM   960  O  O   . VAL B 1 38  ? 21.055  -13.907 -17.983 1.00 61.70  ? 53  VAL B O   1 
ATOM   961  C  CB  . VAL B 1 38  ? 18.804  -14.843 -15.756 1.00 60.48  ? 53  VAL B CB  1 
ATOM   962  C  CG1 . VAL B 1 38  ? 18.308  -15.674 -16.935 1.00 61.73  ? 53  VAL B CG1 1 
ATOM   963  C  CG2 . VAL B 1 38  ? 19.770  -15.681 -14.923 1.00 60.52  ? 53  VAL B CG2 1 
HETATM 964  N  N   . MSE B 1 39  ? 21.847  -13.929 -15.876 1.00 61.97  ? 54  MSE B N   1 
HETATM 965  C  CA  . MSE B 1 39  ? 23.203  -14.346 -16.208 1.00 62.88  ? 54  MSE B CA  1 
HETATM 966  C  C   . MSE B 1 39  ? 23.805  -15.126 -15.040 1.00 62.53  ? 54  MSE B C   1 
HETATM 967  O  O   . MSE B 1 39  ? 23.608  -14.774 -13.883 1.00 62.03  ? 54  MSE B O   1 
HETATM 968  C  CB  . MSE B 1 39  ? 24.085  -13.126 -16.490 1.00 62.53  ? 54  MSE B CB  1 
HETATM 969  C  CG  . MSE B 1 39  ? 25.295  -13.064 -15.572 0.60 63.90  ? 54  MSE B CG  1 
HETATM 970  SE SE  . MSE B 1 39  ? 26.551  -11.623 -15.888 0.60 67.61  ? 54  MSE B SE  1 
HETATM 971  C  CE  . MSE B 1 39  ? 25.399  -10.090 -15.592 0.60 66.62  ? 54  MSE B CE  1 
ATOM   972  N  N   . GLU B 1 40  ? 24.570  -16.164 -15.350 1.00 62.66  ? 55  GLU B N   1 
ATOM   973  C  CA  . GLU B 1 40  ? 25.277  -16.920 -14.325 1.00 62.86  ? 55  GLU B CA  1 
ATOM   974  C  C   . GLU B 1 40  ? 26.765  -16.636 -14.485 1.00 62.38  ? 55  GLU B C   1 
ATOM   975  O  O   . GLU B 1 40  ? 27.299  -16.690 -15.596 1.00 61.90  ? 55  GLU B O   1 
ATOM   976  C  CB  . GLU B 1 40  ? 24.994  -18.423 -14.465 1.00 62.77  ? 55  GLU B CB  1 
ATOM   977  C  CG  . GLU B 1 40  ? 25.508  -19.268 -13.307 1.00 63.28  ? 55  GLU B CG  1 
ATOM   978  C  CD  . GLU B 1 40  ? 26.080  -20.599 -13.761 1.00 64.37  ? 55  GLU B CD  1 
ATOM   979  O  OE1 . GLU B 1 40  ? 25.401  -21.292 -14.548 1.00 66.76  ? 55  GLU B OE1 1 
ATOM   980  O  OE2 . GLU B 1 40  ? 27.210  -20.948 -13.341 1.00 64.68  ? 55  GLU B OE2 1 
ATOM   981  N  N   . PHE B 1 41  ? 27.422  -16.283 -13.386 1.00 62.08  ? 56  PHE B N   1 
ATOM   982  C  CA  . PHE B 1 41  ? 28.857  -16.072 -13.410 1.00 62.05  ? 56  PHE B CA  1 
ATOM   983  C  C   . PHE B 1 41  ? 29.469  -16.490 -12.086 1.00 61.55  ? 56  PHE B C   1 
ATOM   984  O  O   . PHE B 1 41  ? 28.999  -16.081 -11.023 1.00 61.05  ? 56  PHE B O   1 
ATOM   985  C  CB  . PHE B 1 41  ? 29.170  -14.607 -13.697 1.00 62.50  ? 56  PHE B CB  1 
ATOM   986  C  CG  . PHE B 1 41  ? 30.637  -14.321 -13.809 1.00 63.29  ? 56  PHE B CG  1 
ATOM   987  C  CD1 . PHE B 1 41  ? 31.406  -14.973 -14.759 1.00 63.47  ? 56  PHE B CD1 1 
ATOM   988  C  CD2 . PHE B 1 41  ? 31.245  -13.406 -12.965 1.00 63.95  ? 56  PHE B CD2 1 
ATOM   989  C  CE1 . PHE B 1 41  ? 32.755  -14.720 -14.866 1.00 65.16  ? 56  PHE B CE1 1 
ATOM   990  C  CE2 . PHE B 1 41  ? 32.592  -13.142 -13.067 1.00 64.29  ? 56  PHE B CE2 1 
ATOM   991  C  CZ  . PHE B 1 41  ? 33.354  -13.800 -14.021 1.00 65.06  ? 56  PHE B CZ  1 
HETATM 992  N  N   . MSE B 1 42  ? 30.501  -17.325 -12.157 1.00 61.19  ? 57  MSE B N   1 
HETATM 993  C  CA  . MSE B 1 42  ? 31.239  -17.744 -10.970 1.00 61.35  ? 57  MSE B CA  1 
HETATM 994  C  C   . MSE B 1 42  ? 30.322  -18.194 -9.832  1.00 61.24  ? 57  MSE B C   1 
HETATM 995  O  O   . MSE B 1 42  ? 30.522  -17.800 -8.683  1.00 62.04  ? 57  MSE B O   1 
HETATM 996  C  CB  . MSE B 1 42  ? 32.128  -16.606 -10.459 1.00 61.41  ? 57  MSE B CB  1 
HETATM 997  C  CG  . MSE B 1 42  ? 33.141  -16.082 -11.464 0.80 62.45  ? 57  MSE B CG  1 
HETATM 998  SE SE  . MSE B 1 42  ? 34.575  -17.327 -11.919 0.80 62.83  ? 57  MSE B SE  1 
HETATM 999  C  CE  . MSE B 1 42  ? 35.444  -17.575 -10.194 0.80 64.32  ? 57  MSE B CE  1 
ATOM   1000 N  N   . GLY B 1 43  ? 29.305  -18.990 -10.145 1.00 60.50  ? 58  GLY B N   1 
ATOM   1001 C  CA  . GLY B 1 43  ? 28.449  -19.566 -9.106  1.00 59.96  ? 58  GLY B CA  1 
ATOM   1002 C  C   . GLY B 1 43  ? 27.260  -18.722 -8.673  1.00 59.70  ? 58  GLY B C   1 
ATOM   1003 O  O   . GLY B 1 43  ? 26.305  -19.234 -8.085  1.00 60.24  ? 58  GLY B O   1 
ATOM   1004 N  N   . GLN B 1 44  ? 27.285  -17.426 -8.950  1.00 59.13  ? 59  GLN B N   1 
ATOM   1005 C  CA  . GLN B 1 44  ? 26.145  -16.583 -8.598  1.00 58.47  ? 59  GLN B CA  1 
ATOM   1006 C  C   . GLN B 1 44  ? 25.354  -16.235 -9.856  1.00 57.32  ? 59  GLN B C   1 
ATOM   1007 O  O   . GLN B 1 44  ? 25.911  -16.083 -10.948 1.00 56.84  ? 59  GLN B O   1 
ATOM   1008 C  CB  . GLN B 1 44  ? 26.600  -15.302 -7.884  1.00 58.37  ? 59  GLN B CB  1 
ATOM   1009 C  CG  . GLN B 1 44  ? 26.820  -15.427 -6.378  1.00 58.86  ? 59  GLN B CG  1 
ATOM   1010 C  CD  . GLN B 1 44  ? 27.629  -14.261 -5.810  1.00 59.53  ? 59  GLN B CD  1 
ATOM   1011 O  OE1 . GLN B 1 44  ? 28.730  -13.983 -6.281  1.00 61.03  ? 59  GLN B OE1 1 
ATOM   1012 N  NE2 . GLN B 1 44  ? 27.100  -13.600 -4.783  1.00 59.13  ? 59  GLN B NE2 1 
ATOM   1013 N  N   . LYS B 1 45  ? 24.038  -16.142 -9.705  1.00 56.54  ? 60  LYS B N   1 
ATOM   1014 C  CA  . LYS B 1 45  ? 23.204  -15.629 -10.784 1.00 55.14  ? 60  LYS B CA  1 
ATOM   1015 C  C   . LYS B 1 45  ? 22.992  -14.141 -10.552 1.00 53.67  ? 60  LYS B C   1 
ATOM   1016 O  O   . LYS B 1 45  ? 22.966  -13.694 -9.412  1.00 53.40  ? 60  LYS B O   1 
ATOM   1017 C  CB  . LYS B 1 45  ? 21.885  -16.397 -10.906 1.00 55.94  ? 60  LYS B CB  1 
ATOM   1018 C  CG  . LYS B 1 45  ? 22.014  -17.665 -11.759 1.00 55.82  ? 60  LYS B CG  1 
ATOM   1019 C  CD  . LYS B 1 45  ? 20.768  -18.519 -11.696 1.00 56.80  ? 60  LYS B CD  1 
ATOM   1020 C  CE  . LYS B 1 45  ? 21.072  -20.013 -11.842 1.00 58.07  ? 60  LYS B CE  1 
ATOM   1021 N  NZ  . LYS B 1 45  ? 20.452  -20.636 -13.050 1.00 59.70  ? 60  LYS B NZ  1 
ATOM   1022 N  N   . THR B 1 46  ? 22.995  -13.384 -11.643 1.00 52.41  ? 61  THR B N   1 
ATOM   1023 C  CA  . THR B 1 46  ? 22.644  -11.969 -11.646 1.00 51.99  ? 61  THR B CA  1 
ATOM   1024 C  C   . THR B 1 46  ? 21.341  -11.780 -12.445 1.00 51.82  ? 61  THR B C   1 
ATOM   1025 O  O   . THR B 1 46  ? 21.230  -12.199 -13.592 1.00 50.36  ? 61  THR B O   1 
ATOM   1026 C  CB  . THR B 1 46  ? 23.823  -11.128 -12.221 1.00 51.77  ? 61  THR B CB  1 
ATOM   1027 O  OG1 . THR B 1 46  ? 24.905  -11.112 -11.277 1.00 49.20  ? 61  THR B OG1 1 
ATOM   1028 C  CG2 . THR B 1 46  ? 23.481  -9.645  -12.361 1.00 50.90  ? 61  THR B CG2 1 
ATOM   1029 N  N   . TYR B 1 47  ? 20.325  -11.234 -11.786 1.00 52.72  ? 62  TYR B N   1 
ATOM   1030 C  CA  . TYR B 1 47  ? 19.065  -10.898 -12.435 1.00 53.22  ? 62  TYR B CA  1 
ATOM   1031 C  C   . TYR B 1 47  ? 18.934  -9.387  -12.611 1.00 52.97  ? 62  TYR B C   1 
ATOM   1032 O  O   . TYR B 1 47  ? 19.138  -8.625  -11.670 1.00 53.22  ? 62  TYR B O   1 
ATOM   1033 C  CB  . TYR B 1 47  ? 17.874  -11.416 -11.625 1.00 54.64  ? 62  TYR B CB  1 
ATOM   1034 C  CG  . TYR B 1 47  ? 17.825  -12.916 -11.477 1.00 56.83  ? 62  TYR B CG  1 
ATOM   1035 C  CD1 . TYR B 1 47  ? 17.020  -13.699 -12.304 1.00 58.42  ? 62  TYR B CD1 1 
ATOM   1036 C  CD2 . TYR B 1 47  ? 18.584  -13.551 -10.509 1.00 59.14  ? 62  TYR B CD2 1 
ATOM   1037 C  CE1 . TYR B 1 47  ? 17.019  -15.071 -12.198 1.00 59.13  ? 62  TYR B CE1 1 
ATOM   1038 C  CE2 . TYR B 1 47  ? 18.569  -14.932 -10.380 1.00 60.37  ? 62  TYR B CE2 1 
ATOM   1039 C  CZ  . TYR B 1 47  ? 17.781  -15.689 -11.216 1.00 59.27  ? 62  TYR B CZ  1 
ATOM   1040 O  OH  . TYR B 1 47  ? 17.799  -17.068 -11.058 1.00 58.46  ? 62  TYR B OH  1 
ATOM   1041 N  N   . GLN B 1 48  ? 18.651  -8.964  -13.836 1.00 52.18  ? 63  GLN B N   1 
ATOM   1042 C  CA  . GLN B 1 48  ? 18.327  -7.576  -14.133 1.00 50.99  ? 63  GLN B CA  1 
ATOM   1043 C  C   . GLN B 1 48  ? 16.808  -7.496  -14.279 1.00 50.00  ? 63  GLN B C   1 
ATOM   1044 O  O   . GLN B 1 48  ? 16.231  -8.122  -15.173 1.00 48.38  ? 63  GLN B O   1 
ATOM   1045 C  CB  . GLN B 1 48  ? 18.959  -7.122  -15.447 1.00 51.21  ? 63  GLN B CB  1 
ATOM   1046 C  CG  . GLN B 1 48  ? 20.473  -6.968  -15.441 1.00 53.14  ? 63  GLN B CG  1 
ATOM   1047 C  CD  . GLN B 1 48  ? 21.009  -6.348  -16.726 1.00 53.25  ? 63  GLN B CD  1 
ATOM   1048 O  OE1 . GLN B 1 48  ? 21.086  -7.011  -17.769 1.00 54.52  ? 63  GLN B OE1 1 
ATOM   1049 N  NE2 . GLN B 1 48  ? 21.409  -5.085  -16.646 1.00 56.07  ? 63  GLN B NE2 1 
ATOM   1050 N  N   . VAL B 1 49  ? 16.194  -6.656  -13.454 1.00 48.72  ? 64  VAL B N   1 
ATOM   1051 C  CA  . VAL B 1 49  ? 14.749  -6.542  -13.358 1.00 48.96  ? 64  VAL B CA  1 
ATOM   1052 C  C   . VAL B 1 49  ? 14.360  -5.127  -13.706 1.00 48.11  ? 64  VAL B C   1 
ATOM   1053 O  O   . VAL B 1 49  ? 14.775  -4.197  -13.046 1.00 49.37  ? 64  VAL B O   1 
ATOM   1054 C  CB  . VAL B 1 49  ? 14.292  -6.849  -11.916 1.00 49.34  ? 64  VAL B CB  1 
ATOM   1055 C  CG1 . VAL B 1 49  ? 12.771  -6.685  -11.763 1.00 48.50  ? 64  VAL B CG1 1 
ATOM   1056 C  CG2 . VAL B 1 49  ? 14.783  -8.251  -11.502 1.00 49.02  ? 64  VAL B CG2 1 
ATOM   1057 N  N   . THR B 1 50  ? 13.549  -4.954  -14.728 1.00 49.06  ? 65  THR B N   1 
ATOM   1058 C  CA  . THR B 1 50  ? 13.136  -3.624  -15.140 1.00 51.05  ? 65  THR B CA  1 
ATOM   1059 C  C   . THR B 1 50  ? 11.612  -3.457  -15.163 1.00 51.64  ? 65  THR B C   1 
ATOM   1060 O  O   . THR B 1 50  ? 10.891  -4.266  -15.742 1.00 51.87  ? 65  THR B O   1 
ATOM   1061 C  CB  . THR B 1 50  ? 13.734  -3.328  -16.535 1.00 51.30  ? 65  THR B CB  1 
ATOM   1062 O  OG1 . THR B 1 50  ? 15.173  -3.265  -16.445 1.00 51.11  ? 65  THR B OG1 1 
ATOM   1063 C  CG2 . THR B 1 50  ? 13.318  -1.955  -17.030 1.00 51.43  ? 65  THR B CG2 1 
ATOM   1064 N  N   . GLY B 1 51  ? 11.128  -2.395  -14.536 1.00 52.09  ? 66  GLY B N   1 
ATOM   1065 C  CA  . GLY B 1 51  ? 9.708   -2.075  -14.525 1.00 52.42  ? 66  GLY B CA  1 
ATOM   1066 C  C   . GLY B 1 51  ? 9.403   -0.914  -13.586 1.00 53.26  ? 66  GLY B C   1 
ATOM   1067 O  O   . GLY B 1 51  ? 10.308  -0.302  -13.013 1.00 52.96  ? 66  GLY B O   1 
ATOM   1068 N  N   . LYS B 1 52  ? 8.122   -0.593  -13.454 1.00 54.36  ? 67  LYS B N   1 
ATOM   1069 C  CA  . LYS B 1 52  ? 7.673   0.423   -12.515 1.00 55.81  ? 67  LYS B CA  1 
ATOM   1070 C  C   . LYS B 1 52  ? 7.525   -0.206  -11.131 1.00 55.24  ? 67  LYS B C   1 
ATOM   1071 O  O   . LYS B 1 52  ? 6.883   -1.237  -10.984 1.00 55.71  ? 67  LYS B O   1 
ATOM   1072 C  CB  . LYS B 1 52  ? 6.335   1.025   -12.967 1.00 56.48  ? 67  LYS B CB  1 
ATOM   1073 C  CG  . LYS B 1 52  ? 6.456   2.121   -14.015 1.00 58.85  ? 67  LYS B CG  1 
ATOM   1074 C  CD  . LYS B 1 52  ? 5.111   2.785   -14.298 1.00 59.39  ? 67  LYS B CD  1 
ATOM   1075 C  CE  . LYS B 1 52  ? 5.233   3.899   -15.350 1.00 63.73  ? 67  LYS B CE  1 
ATOM   1076 N  NZ  . LYS B 1 52  ? 3.969   4.684   -15.581 1.00 62.07  ? 67  LYS B NZ  1 
ATOM   1077 N  N   . ALA B 1 53  ? 8.116   0.423   -10.121 1.00 55.23  ? 68  ALA B N   1 
ATOM   1078 C  CA  . ALA B 1 53  ? 8.131   -0.114  -8.771  1.00 55.47  ? 68  ALA B CA  1 
ATOM   1079 C  C   . ALA B 1 53  ? 7.127   0.572   -7.840  1.00 55.90  ? 68  ALA B C   1 
ATOM   1080 O  O   . ALA B 1 53  ? 6.744   1.718   -8.039  1.00 55.80  ? 68  ALA B O   1 
ATOM   1081 C  CB  . ALA B 1 53  ? 9.535   0.016   -8.190  1.00 56.82  ? 68  ALA B CB  1 
ATOM   1082 N  N   . ARG B 1 54  ? 6.693   -0.150  -6.817  1.00 55.81  ? 69  ARG B N   1 
ATOM   1083 C  CA  . ARG B 1 54  ? 5.854   0.418   -5.761  1.00 56.95  ? 69  ARG B CA  1 
ATOM   1084 C  C   . ARG B 1 54  ? 6.359   -0.038  -4.407  1.00 56.27  ? 69  ARG B C   1 
ATOM   1085 O  O   . ARG B 1 54  ? 6.903   -1.130  -4.245  1.00 56.45  ? 69  ARG B O   1 
ATOM   1086 C  CB  . ARG B 1 54  ? 4.377   0.026   -5.931  1.00 58.02  ? 69  ARG B CB  1 
ATOM   1087 C  CG  . ARG B 1 54  ? 3.696   0.792   -7.053  1.00 59.19  ? 69  ARG B CG  1 
ATOM   1088 C  CD  . ARG B 1 54  ? 2.282   0.395   -7.325  1.00 61.65  ? 69  ARG B CD  1 
ATOM   1089 N  NE  . ARG B 1 54  ? 1.328   1.151   -6.516  1.00 67.29  ? 69  ARG B NE  1 
ATOM   1090 C  CZ  . ARG B 1 54  ? 0.879   2.371   -6.802  1.00 65.93  ? 69  ARG B CZ  1 
ATOM   1091 N  NH1 . ARG B 1 54  ? 1.325   3.040   -7.863  1.00 66.57  ? 69  ARG B NH1 1 
ATOM   1092 N  NH2 . ARG B 1 54  ? 0.008   2.938   -5.987  1.00 64.24  ? 69  ARG B NH2 1 
ATOM   1093 N  N   . GLU B 1 55  ? 6.170   0.815   -3.423  1.00 56.65  ? 70  GLU B N   1 
ATOM   1094 C  CA  . GLU B 1 55  ? 6.745   0.590   -2.107  1.00 57.78  ? 70  GLU B CA  1 
ATOM   1095 C  C   . GLU B 1 55  ? 5.613   0.206   -1.168  1.00 57.92  ? 70  GLU B C   1 
ATOM   1096 O  O   . GLU B 1 55  ? 4.572   0.856   -1.142  1.00 54.16  ? 70  GLU B O   1 
ATOM   1097 C  CB  . GLU B 1 55  ? 7.495   1.849   -1.633  1.00 58.01  ? 70  GLU B CB  1 
ATOM   1098 C  CG  . GLU B 1 55  ? 7.495   2.091   -0.130  1.00 58.52  ? 70  GLU B CG  1 
ATOM   1099 C  CD  . GLU B 1 55  ? 7.924   3.506   0.263   1.00 60.08  ? 70  GLU B CD  1 
ATOM   1100 O  OE1 . GLU B 1 55  ? 7.038   4.287   0.693   1.00 63.30  ? 70  GLU B OE1 1 
ATOM   1101 O  OE2 . GLU B 1 55  ? 9.135   3.830   0.169   1.00 55.17  ? 70  GLU B OE2 1 
ATOM   1102 N  N   . ARG B 1 56  ? 5.814   -0.933  -0.513  1.00 60.56  ? 71  ARG B N   1 
ATOM   1103 C  CA  . ARG B 1 56  ? 4.900   -1.471  0.480   1.00 61.41  ? 71  ARG B CA  1 
ATOM   1104 C  C   . ARG B 1 56  ? 5.533   -1.312  1.837   1.00 61.81  ? 71  ARG B C   1 
ATOM   1105 O  O   . ARG B 1 56  ? 6.439   -2.057  2.217   1.00 59.99  ? 71  ARG B O   1 
ATOM   1106 C  CB  . ARG B 1 56  ? 4.655   -2.960  0.225   1.00 62.15  ? 71  ARG B CB  1 
ATOM   1107 C  CG  . ARG B 1 56  ? 3.912   -3.686  1.343   1.00 62.46  ? 71  ARG B CG  1 
ATOM   1108 C  CD  . ARG B 1 56  ? 4.029   -5.201  1.185   1.00 63.48  ? 71  ARG B CD  1 
ATOM   1109 N  NE  . ARG B 1 56  ? 3.324   -5.617  -0.018  1.00 64.33  ? 71  ARG B NE  1 
ATOM   1110 C  CZ  . ARG B 1 56  ? 3.701   -6.579  -0.841  1.00 66.47  ? 71  ARG B CZ  1 
ATOM   1111 N  NH1 . ARG B 1 56  ? 4.866   -7.197  -0.693  1.00 65.88  ? 71  ARG B NH1 1 
ATOM   1112 N  NH2 . ARG B 1 56  ? 2.939   -6.849  -1.887  1.00 67.73  ? 71  ARG B NH2 1 
ATOM   1113 N  N   . SER B 1 57  ? 5.090   -0.281  2.532   1.00 63.72  ? 72  SER B N   1 
ATOM   1114 C  CA  . SER B 1 57  ? 5.382   -0.117  3.931   1.00 66.60  ? 72  SER B CA  1 
ATOM   1115 C  C   . SER B 1 57  ? 4.622   -1.208  4.698   1.00 66.95  ? 72  SER B C   1 
ATOM   1116 O  O   . SER B 1 57  ? 3.444   -1.443  4.429   1.00 67.18  ? 72  SER B O   1 
ATOM   1117 C  CB  . SER B 1 57  ? 4.888   1.266   4.305   1.00 67.31  ? 72  SER B CB  1 
ATOM   1118 O  OG  . SER B 1 57  ? 3.579   1.452   3.752   1.00 71.97  ? 72  SER B OG  1 
ATOM   1119 N  N   . LEU B 1 58  ? 5.273   -1.867  5.651   1.00 68.49  ? 73  LEU B N   1 
ATOM   1120 C  CA  . LEU B 1 58  ? 4.695   -3.065  6.283   1.00 70.12  ? 73  LEU B CA  1 
ATOM   1121 C  C   . LEU B 1 58  ? 3.713   -2.866  7.464   1.00 72.01  ? 73  LEU B C   1 
ATOM   1122 O  O   . LEU B 1 58  ? 3.158   -3.834  7.989   1.00 73.26  ? 73  LEU B O   1 
ATOM   1123 C  CB  . LEU B 1 58  ? 5.823   -4.011  6.689   1.00 69.96  ? 73  LEU B CB  1 
ATOM   1124 C  CG  . LEU B 1 58  ? 6.575   -4.586  5.484   1.00 69.41  ? 73  LEU B CG  1 
ATOM   1125 C  CD1 . LEU B 1 58  ? 7.759   -5.406  5.934   1.00 67.20  ? 73  LEU B CD1 1 
ATOM   1126 C  CD2 . LEU B 1 58  ? 5.620   -5.422  4.636   1.00 69.55  ? 73  LEU B CD2 1 
ATOM   1127 N  N   . GLU B 1 59  ? 3.432   -1.618  7.814   1.00 72.84  ? 74  GLU B N   1 
ATOM   1128 C  CA  . GLU B 1 59  ? 2.445   -1.284  8.844   1.00 73.16  ? 74  GLU B CA  1 
ATOM   1129 C  C   . GLU B 1 59  ? 1.033   -1.137  8.260   1.00 72.43  ? 74  GLU B C   1 
ATOM   1130 O  O   . GLU B 1 59  ? 0.828   -0.431  7.272   1.00 72.93  ? 74  GLU B O   1 
ATOM   1131 C  CB  . GLU B 1 59  ? 2.841   0.024   9.545   1.00 74.37  ? 74  GLU B CB  1 
ATOM   1132 C  CG  . GLU B 1 59  ? 3.725   0.930   8.690   1.00 76.74  ? 74  GLU B CG  1 
ATOM   1133 C  CD  . GLU B 1 59  ? 3.419   2.406   8.842   1.00 77.47  ? 74  GLU B CD  1 
ATOM   1134 O  OE1 . GLU B 1 59  ? 3.378   2.888   9.999   1.00 84.22  ? 74  GLU B OE1 1 
ATOM   1135 O  OE2 . GLU B 1 59  ? 3.235   3.080   7.799   1.00 81.55  ? 74  GLU B OE2 1 
ATOM   1136 N  N   . ALA B 1 60  ? 0.063   -1.776  8.904   1.00 70.96  ? 75  ALA B N   1 
ATOM   1137 C  CA  . ALA B 1 60  ? -1.327  -1.719  8.472   1.00 70.95  ? 75  ALA B CA  1 
ATOM   1138 C  C   . ALA B 1 60  ? -2.191  -1.087  9.555   1.00 69.52  ? 75  ALA B C   1 
ATOM   1139 O  O   . ALA B 1 60  ? -1.947  -1.262  10.742  1.00 69.39  ? 75  ALA B O   1 
ATOM   1140 C  CB  . ALA B 1 60  ? -1.832  -3.110  8.132   1.00 70.95  ? 75  ALA B CB  1 
ATOM   1141 N  N   . GLU B 1 61  ? -3.183  -0.320  9.129   1.00 68.87  ? 76  GLU B N   1 
ATOM   1142 C  CA  . GLU B 1 61  ? -3.997  0.471   10.036  1.00 68.06  ? 76  GLU B CA  1 
ATOM   1143 C  C   . GLU B 1 61  ? -5.463  0.112   9.908   1.00 65.42  ? 76  GLU B C   1 
ATOM   1144 O  O   . GLU B 1 61  ? -5.958  -0.104  8.807   1.00 61.58  ? 76  GLU B O   1 
ATOM   1145 C  CB  . GLU B 1 61  ? -3.787  1.965   9.759   1.00 69.42  ? 76  GLU B CB  1 
ATOM   1146 C  CG  . GLU B 1 61  ? -2.510  2.519   10.386  1.00 74.89  ? 76  GLU B CG  1 
ATOM   1147 C  CD  . GLU B 1 61  ? -2.320  2.064   11.835  1.00 81.24  ? 76  GLU B CD  1 
ATOM   1148 O  OE1 . GLU B 1 61  ? -3.313  2.060   12.610  1.00 83.75  ? 76  GLU B OE1 1 
ATOM   1149 O  OE2 . GLU B 1 61  ? -1.175  1.703   12.203  1.00 83.37  ? 76  GLU B OE2 1 
HETATM 1150 N  N   . MSE B 1 62  ? -6.142  0.023   11.049  1.00 63.80  ? 77  MSE B N   1 
HETATM 1151 C  CA  . MSE B 1 62  ? -7.569  -0.258  11.051  1.00 63.68  ? 77  MSE B CA  1 
HETATM 1152 C  C   . MSE B 1 62  ? -8.290  0.962   10.513  1.00 62.66  ? 77  MSE B C   1 
HETATM 1153 O  O   . MSE B 1 62  ? -7.744  2.066   10.519  1.00 61.92  ? 77  MSE B O   1 
HETATM 1154 C  CB  . MSE B 1 62  ? -8.086  -0.664  12.441  1.00 63.06  ? 77  MSE B CB  1 
HETATM 1155 C  CG  . MSE B 1 62  ? -8.101  0.438   13.497  0.70 64.52  ? 77  MSE B CG  1 
HETATM 1156 SE SE  . MSE B 1 62  ? -9.057  -0.084  15.152  0.70 65.35  ? 77  MSE B SE  1 
HETATM 1157 C  CE  . MSE B 1 62  ? -10.847 -0.174  14.463  0.70 59.61  ? 77  MSE B CE  1 
ATOM   1158 N  N   . GLU B 1 63  ? -9.458  0.729   9.924   1.00 63.32  ? 78  GLU B N   1 
ATOM   1159 C  CA  . GLU B 1 63  ? -10.294 1.805   9.414   1.00 64.61  ? 78  GLU B CA  1 
ATOM   1160 C  C   . GLU B 1 63  ? -11.047 2.517   10.534  1.00 63.38  ? 78  GLU B C   1 
ATOM   1161 O  O   . GLU B 1 63  ? -11.433 1.902   11.527  1.00 64.00  ? 78  GLU B O   1 
ATOM   1162 C  CB  . GLU B 1 63  ? -11.299 1.236   8.417   1.00 65.41  ? 78  GLU B CB  1 
ATOM   1163 C  CG  . GLU B 1 63  ? -10.665 0.841   7.092   1.00 68.38  ? 78  GLU B CG  1 
ATOM   1164 C  CD  . GLU B 1 63  ? -11.640 0.121   6.188   1.00 70.36  ? 78  GLU B CD  1 
ATOM   1165 O  OE1 . GLU B 1 63  ? -12.005 -1.045  6.512   1.00 75.03  ? 78  GLU B OE1 1 
ATOM   1166 O  OE2 . GLU B 1 63  ? -12.050 0.741   5.176   1.00 75.20  ? 78  GLU B OE2 1 
ATOM   1167 N  N   . ILE B 1 64  ? -11.335 3.793   10.325  1.00 61.81  ? 79  ILE B N   1 
ATOM   1168 C  CA  . ILE B 1 64  ? -12.028 4.595   11.322  1.00 61.10  ? 79  ILE B CA  1 
ATOM   1169 C  C   . ILE B 1 64  ? -13.166 5.352   10.651  1.00 60.46  ? 79  ILE B C   1 
ATOM   1170 O  O   . ILE B 1 64  ? -12.943 5.997   9.638   1.00 60.03  ? 79  ILE B O   1 
ATOM   1171 C  CB  . ILE B 1 64  ? -11.081 5.610   12.006  1.00 60.72  ? 79  ILE B CB  1 
ATOM   1172 C  CG1 . ILE B 1 64  ? -9.799  4.946   12.534  1.00 61.83  ? 79  ILE B CG1 1 
ATOM   1173 C  CG2 . ILE B 1 64  ? -11.826 6.331   13.125  1.00 62.03  ? 79  ILE B CG2 1 
ATOM   1174 C  CD1 . ILE B 1 64  ? -10.001 3.922   13.668  1.00 62.58  ? 79  ILE B CD1 1 
ATOM   1175 N  N   . PRO B 1 65  ? -14.369 5.271   11.212  1.00 60.25  ? 80  PRO B N   1 
ATOM   1176 C  CA  . PRO B 1 65  ? -15.544 5.923   10.643  1.00 60.27  ? 80  PRO B CA  1 
ATOM   1177 C  C   . PRO B 1 65  ? -15.464 7.442   10.699  1.00 59.25  ? 80  PRO B C   1 
ATOM   1178 O  O   . PRO B 1 65  ? -14.990 7.998   11.688  1.00 59.07  ? 80  PRO B O   1 
ATOM   1179 C  CB  . PRO B 1 65  ? -16.689 5.409   11.522  1.00 60.28  ? 80  PRO B CB  1 
ATOM   1180 C  CG  . PRO B 1 65  ? -16.167 4.169   12.138  1.00 59.96  ? 80  PRO B CG  1 
ATOM   1181 C  CD  . PRO B 1 65  ? -14.725 4.457   12.387  1.00 61.08  ? 80  PRO B CD  1 
ATOM   1182 N  N   . GLU B 1 66  ? -15.921 8.086   9.626   1.00 58.85  ? 81  GLU B N   1 
ATOM   1183 C  CA  . GLU B 1 66  ? -15.897 9.545   9.510   1.00 58.55  ? 81  GLU B CA  1 
ATOM   1184 C  C   . GLU B 1 66  ? -16.537 10.229  10.704  1.00 58.02  ? 81  GLU B C   1 
ATOM   1185 O  O   . GLU B 1 66  ? -16.021 11.240  11.188  1.00 56.77  ? 81  GLU B O   1 
ATOM   1186 C  CB  . GLU B 1 66  ? -16.636 10.011  8.254   1.00 58.68  ? 81  GLU B CB  1 
ATOM   1187 C  CG  . GLU B 1 66  ? -15.745 10.162  7.038   1.00 59.95  ? 81  GLU B CG  1 
ATOM   1188 C  CD  . GLU B 1 66  ? -14.569 11.082  7.274   1.00 61.17  ? 81  GLU B CD  1 
ATOM   1189 O  OE1 . GLU B 1 66  ? -14.755 12.314  7.435   1.00 62.51  ? 81  GLU B OE1 1 
ATOM   1190 O  OE2 . GLU B 1 66  ? -13.448 10.543  7.303   1.00 66.50  ? 81  GLU B OE2 1 
ATOM   1191 N  N   . ASP B 1 67  ? -17.690 9.701   11.117  1.00 57.56  ? 82  ASP B N   1 
ATOM   1192 C  CA  . ASP B 1 67  ? -18.477 10.273  12.205  1.00 58.23  ? 82  ASP B CA  1 
ATOM   1193 C  C   . ASP B 1 67  ? -17.656 10.337  13.473  1.00 57.51  ? 82  ASP B C   1 
ATOM   1194 O  O   . ASP B 1 67  ? -17.810 11.252  14.287  1.00 57.63  ? 82  ASP B O   1 
ATOM   1195 C  CB  . ASP B 1 67  ? -19.733 9.432   12.490  1.00 58.57  ? 82  ASP B CB  1 
ATOM   1196 C  CG  . ASP B 1 67  ? -20.836 9.649   11.470  1.00 61.30  ? 82  ASP B CG  1 
ATOM   1197 O  OD1 . ASP B 1 67  ? -20.572 10.290  10.429  1.00 64.53  ? 82  ASP B OD1 1 
ATOM   1198 O  OD2 . ASP B 1 67  ? -22.005 9.208   11.620  1.00 66.38  ? 82  ASP B OD2 1 
ATOM   1199 N  N   . ASP B 1 68  ? -16.846 9.308   13.683  1.00 57.73  ? 83  ASP B N   1 
ATOM   1200 C  CA  . ASP B 1 68  ? -16.005 9.255   14.866  1.00 58.04  ? 83  ASP B CA  1 
ATOM   1201 C  C   . ASP B 1 68  ? -14.870 10.250  14.750  1.00 57.53  ? 83  ASP B C   1 
ATOM   1202 O  O   . ASP B 1 68  ? -14.595 10.976  15.688  1.00 58.47  ? 83  ASP B O   1 
ATOM   1203 C  CB  . ASP B 1 68  ? -15.461 7.848   15.093  1.00 59.66  ? 83  ASP B CB  1 
ATOM   1204 C  CG  . ASP B 1 68  ? -16.547 6.875   15.508  1.00 61.23  ? 83  ASP B CG  1 
ATOM   1205 O  OD1 . ASP B 1 68  ? -17.683 7.345   15.741  1.00 62.96  ? 83  ASP B OD1 1 
ATOM   1206 O  OD2 . ASP B 1 68  ? -16.358 5.642   15.620  1.00 61.78  ? 83  ASP B OD2 1 
ATOM   1207 N  N   . ILE B 1 69  ? -14.200 10.278  13.608  1.00 57.39  ? 84  ILE B N   1 
ATOM   1208 C  CA  . ILE B 1 69  ? -13.188 11.305  13.365  1.00 57.58  ? 84  ILE B CA  1 
ATOM   1209 C  C   . ILE B 1 69  ? -13.757 12.736  13.559  1.00 57.16  ? 84  ILE B C   1 
ATOM   1210 O  O   . ILE B 1 69  ? -13.204 13.539  14.308  1.00 56.30  ? 84  ILE B O   1 
ATOM   1211 C  CB  . ILE B 1 69  ? -12.613 11.137  11.955  1.00 56.64  ? 84  ILE B CB  1 
ATOM   1212 C  CG1 . ILE B 1 69  ? -11.895 9.789   11.806  1.00 57.63  ? 84  ILE B CG1 1 
ATOM   1213 C  CG2 . ILE B 1 69  ? -11.622 12.231  11.659  1.00 58.54  ? 84  ILE B CG2 1 
ATOM   1214 C  CD1 . ILE B 1 69  ? -11.515 9.450   10.371  1.00 55.66  ? 84  ILE B CD1 1 
ATOM   1215 N  N   . GLU B 1 70  ? -14.884 13.025  12.917  1.00 57.16  ? 85  GLU B N   1 
ATOM   1216 C  CA  . GLU B 1 70  ? -15.524 14.330  13.005  1.00 57.97  ? 85  GLU B CA  1 
ATOM   1217 C  C   . GLU B 1 70  ? -15.917 14.681  14.428  1.00 58.17  ? 85  GLU B C   1 
ATOM   1218 O  O   . GLU B 1 70  ? -15.675 15.800  14.890  1.00 56.81  ? 85  GLU B O   1 
ATOM   1219 C  CB  . GLU B 1 70  ? -16.727 14.418  12.034  1.00 58.23  ? 85  GLU B CB  1 
ATOM   1220 C  CG  . GLU B 1 70  ? -16.266 14.552  10.573  1.00 60.70  ? 85  GLU B CG  1 
ATOM   1221 C  CD  . GLU B 1 70  ? -17.383 14.479  9.527   1.00 61.45  ? 85  GLU B CD  1 
ATOM   1222 O  OE1 . GLU B 1 70  ? -18.571 14.366  9.903   1.00 64.72  ? 85  GLU B OE1 1 
ATOM   1223 O  OE2 . GLU B 1 70  ? -17.060 14.488  8.313   1.00 63.17  ? 85  GLU B OE2 1 
ATOM   1224 N  N   . LEU B 1 71  ? -16.488 13.715  15.142  1.00 59.14  ? 86  LEU B N   1 
ATOM   1225 C  CA  . LEU B 1 71  ? -16.816 13.911  16.535  1.00 60.17  ? 86  LEU B CA  1 
ATOM   1226 C  C   . LEU B 1 71  ? -15.600 14.316  17.360  1.00 60.08  ? 86  LEU B C   1 
ATOM   1227 O  O   . LEU B 1 71  ? -15.648 15.268  18.141  1.00 60.74  ? 86  LEU B O   1 
ATOM   1228 C  CB  . LEU B 1 71  ? -17.429 12.629  17.094  1.00 61.59  ? 86  LEU B CB  1 
ATOM   1229 C  CG  . LEU B 1 71  ? -17.893 12.656  18.546  1.00 60.64  ? 86  LEU B CG  1 
ATOM   1230 C  CD1 . LEU B 1 71  ? -18.811 13.813  18.816  1.00 64.58  ? 86  LEU B CD1 1 
ATOM   1231 C  CD2 . LEU B 1 71  ? -18.603 11.358  18.826  1.00 62.83  ? 86  LEU B CD2 1 
ATOM   1232 N  N   . VAL B 1 72  ? -14.516 13.578  17.209  1.00 59.76  ? 87  VAL B N   1 
ATOM   1233 C  CA  . VAL B 1 72  ? -13.320 13.805  18.012  1.00 60.43  ? 87  VAL B CA  1 
ATOM   1234 C  C   . VAL B 1 72  ? -12.720 15.158  17.675  1.00 61.31  ? 87  VAL B C   1 
ATOM   1235 O  O   . VAL B 1 72  ? -12.255 15.877  18.560  1.00 61.38  ? 87  VAL B O   1 
ATOM   1236 C  CB  . VAL B 1 72  ? -12.277 12.668  17.776  1.00 61.03  ? 87  VAL B CB  1 
ATOM   1237 C  CG1 . VAL B 1 72  ? -10.925 12.994  18.395  1.00 61.13  ? 87  VAL B CG1 1 
ATOM   1238 C  CG2 . VAL B 1 72  ? -12.804 11.359  18.320  1.00 60.34  ? 87  VAL B CG2 1 
HETATM 1239 N  N   . MSE B 1 73  ? -12.701 15.486  16.384  1.00 61.50  ? 88  MSE B N   1 
HETATM 1240 C  CA  . MSE B 1 73  ? -12.225 16.781  15.926  1.00 63.07  ? 88  MSE B CA  1 
HETATM 1241 C  C   . MSE B 1 73  ? -12.992 17.906  16.575  1.00 61.21  ? 88  MSE B C   1 
HETATM 1242 O  O   . MSE B 1 73  ? -12.401 18.873  17.055  1.00 61.72  ? 88  MSE B O   1 
HETATM 1243 C  CB  . MSE B 1 73  ? -12.380 16.927  14.401  1.00 62.35  ? 88  MSE B CB  1 
HETATM 1244 C  CG  . MSE B 1 73  ? -11.469 16.033  13.590  1.00 65.32  ? 88  MSE B CG  1 
HETATM 1245 SE SE  . MSE B 1 73  ? -11.571 16.364  11.668  1.00 71.91  ? 88  MSE B SE  1 
HETATM 1246 C  CE  . MSE B 1 73  ? -12.889 15.211  11.128  1.00 71.44  ? 88  MSE B CE  1 
ATOM   1247 N  N   . ASN B 1 74  ? -14.315 17.790  16.538  1.00 61.08  ? 89  ASN B N   1 
ATOM   1248 C  CA  . ASN B 1 74  ? -15.200 18.842  17.034  1.00 61.37  ? 89  ASN B CA  1 
ATOM   1249 C  C   . ASN B 1 74  ? -15.154 18.963  18.550  1.00 60.40  ? 89  ASN B C   1 
ATOM   1250 O  O   . ASN B 1 74  ? -15.368 20.032  19.101  1.00 61.16  ? 89  ASN B O   1 
ATOM   1251 C  CB  . ASN B 1 74  ? -16.658 18.597  16.601  1.00 61.26  ? 89  ASN B CB  1 
ATOM   1252 C  CG  . ASN B 1 74  ? -16.910 18.850  15.106  1.00 61.69  ? 89  ASN B CG  1 
ATOM   1253 O  OD1 . ASN B 1 74  ? -16.149 19.540  14.412  1.00 63.76  ? 89  ASN B OD1 1 
ATOM   1254 N  ND2 . ASN B 1 74  ? -17.990 18.273  14.608  1.00 60.01  ? 89  ASN B ND2 1 
ATOM   1255 N  N   . GLN B 1 75  ? -14.882 17.860  19.226  1.00 61.44  ? 90  GLN B N   1 
ATOM   1256 C  CA  . GLN B 1 75  ? -14.903 17.839  20.692  1.00 61.43  ? 90  GLN B CA  1 
ATOM   1257 C  C   . GLN B 1 75  ? -13.553 18.173  21.315  1.00 60.40  ? 90  GLN B C   1 
ATOM   1258 O  O   . GLN B 1 75  ? -13.496 18.627  22.454  1.00 62.70  ? 90  GLN B O   1 
ATOM   1259 C  CB  . GLN B 1 75  ? -15.426 16.495  21.225  1.00 61.23  ? 90  GLN B CB  1 
ATOM   1260 C  CG  . GLN B 1 75  ? -16.973 16.368  21.217  1.00 62.87  ? 90  GLN B CG  1 
ATOM   1261 C  CD  . GLN B 1 75  ? -17.704 17.486  21.964  1.00 60.35  ? 90  GLN B CD  1 
ATOM   1262 O  OE1 . GLN B 1 75  ? -17.542 17.656  23.176  1.00 58.33  ? 90  GLN B OE1 1 
ATOM   1263 N  NE2 . GLN B 1 75  ? -18.540 18.223  21.246  1.00 60.79  ? 90  GLN B NE2 1 
ATOM   1264 N  N   . THR B 1 76  ? -12.477 17.994  20.575  1.00 59.14  ? 91  THR B N   1 
ATOM   1265 C  CA  . THR B 1 76  ? -11.147 18.189  21.147  1.00 59.47  ? 91  THR B CA  1 
ATOM   1266 C  C   . THR B 1 76  ? -10.377 19.318  20.469  1.00 58.89  ? 91  THR B C   1 
ATOM   1267 O  O   . THR B 1 76  ? -9.310  19.709  20.942  1.00 58.08  ? 91  THR B O   1 
ATOM   1268 C  CB  . THR B 1 76  ? -10.302 16.877  21.044  1.00 58.84  ? 91  THR B CB  1 
ATOM   1269 O  OG1 . THR B 1 76  ? -10.122 16.511  19.673  1.00 57.88  ? 91  THR B OG1 1 
ATOM   1270 C  CG2 . THR B 1 76  ? -11.021 15.666  21.638  1.00 60.17  ? 91  THR B CG2 1 
ATOM   1271 N  N   . GLY B 1 77  ? -10.866 19.785  19.325  1.00 58.29  ? 92  GLY B N   1 
ATOM   1272 C  CA  . GLY B 1 77  ? -10.118 20.757  18.547  1.00 58.55  ? 92  GLY B CA  1 
ATOM   1273 C  C   . GLY B 1 77  ? -8.915  20.140  17.860  1.00 58.81  ? 92  GLY B C   1 
ATOM   1274 O  O   . GLY B 1 77  ? -8.017  20.850  17.417  1.00 59.56  ? 92  GLY B O   1 
ATOM   1275 N  N   . ALA B 1 78  ? -8.906  18.820  17.696  1.00 58.40  ? 93  ALA B N   1 
ATOM   1276 C  CA  . ALA B 1 78  ? -7.763  18.183  17.049  1.00 57.16  ? 93  ALA B CA  1 
ATOM   1277 C  C   . ALA B 1 78  ? -7.940  18.229  15.535  1.00 57.86  ? 93  ALA B C   1 
ATOM   1278 O  O   . ALA B 1 78  ? -9.070  18.283  15.021  1.00 57.02  ? 93  ALA B O   1 
ATOM   1279 C  CB  . ALA B 1 78  ? -7.593  16.738  17.514  1.00 56.38  ? 93  ALA B CB  1 
ATOM   1280 N  N   . SER B 1 79  ? -6.801  18.214  14.847  1.00 57.20  ? 94  SER B N   1 
ATOM   1281 C  CA  . SER B 1 79  ? -6.760  18.155  13.409  1.00 57.16  ? 94  SER B CA  1 
ATOM   1282 C  C   . SER B 1 79  ? -7.233  16.786  12.992  1.00 57.59  ? 94  SER B C   1 
ATOM   1283 O  O   . SER B 1 79  ? -7.297  15.862  13.813  1.00 58.49  ? 94  SER B O   1 
ATOM   1284 C  CB  . SER B 1 79  ? -5.324  18.371  12.937  1.00 57.34  ? 94  SER B CB  1 
ATOM   1285 O  OG  . SER B 1 79  ? -4.517  17.273  13.324  1.00 57.26  ? 94  SER B OG  1 
ATOM   1286 N  N   . ARG B 1 80  ? -7.550  16.653  11.712  1.00 58.12  ? 95  ARG B N   1 
ATOM   1287 C  CA  . ARG B 1 80  ? -8.008  15.382  11.163  1.00 58.75  ? 95  ARG B CA  1 
ATOM   1288 C  C   . ARG B 1 80  ? -6.908  14.324  11.325  1.00 59.00  ? 95  ARG B C   1 
ATOM   1289 O  O   . ARG B 1 80  ? -7.169  13.191  11.738  1.00 59.01  ? 95  ARG B O   1 
ATOM   1290 C  CB  . ARG B 1 80  ? -8.419  15.573  9.704   1.00 57.65  ? 95  ARG B CB  1 
ATOM   1291 C  CG  . ARG B 1 80  ? -8.587  14.296  8.935   1.00 59.38  ? 95  ARG B CG  1 
ATOM   1292 C  CD  . ARG B 1 80  ? -9.015  14.490  7.502   1.00 60.34  ? 95  ARG B CD  1 
ATOM   1293 N  NE  . ARG B 1 80  ? -10.394 14.955  7.391   1.00 62.66  ? 95  ARG B NE  1 
ATOM   1294 C  CZ  . ARG B 1 80  ? -11.460 14.169  7.474   1.00 63.79  ? 95  ARG B CZ  1 
ATOM   1295 N  NH1 . ARG B 1 80  ? -11.332 12.861  7.672   1.00 62.35  ? 95  ARG B NH1 1 
ATOM   1296 N  NH2 . ARG B 1 80  ? -12.664 14.694  7.337   1.00 65.66  ? 95  ARG B NH2 1 
ATOM   1297 N  N   . GLU B 1 81  ? -5.668  14.725  11.061  1.00 59.36  ? 96  GLU B N   1 
ATOM   1298 C  CA  . GLU B 1 81  ? -4.506  13.862  11.255  1.00 59.22  ? 96  GLU B CA  1 
ATOM   1299 C  C   . GLU B 1 81  ? -4.455  13.329  12.683  1.00 59.24  ? 96  GLU B C   1 
ATOM   1300 O  O   . GLU B 1 81  ? -4.461  12.116  12.884  1.00 59.25  ? 96  GLU B O   1 
ATOM   1301 C  CB  . GLU B 1 81  ? -3.211  14.611  10.922  1.00 60.06  ? 96  GLU B CB  1 
ATOM   1302 C  CG  . GLU B 1 81  ? -2.002  13.704  10.716  1.00 61.13  ? 96  GLU B CG  1 
ATOM   1303 C  CD  . GLU B 1 81  ? -0.893  14.352  9.898   1.00 62.94  ? 96  GLU B CD  1 
ATOM   1304 O  OE1 . GLU B 1 81  ? -0.521  13.804  8.836   1.00 67.32  ? 96  GLU B OE1 1 
ATOM   1305 O  OE2 . GLU B 1 81  ? -0.388  15.414  10.306  1.00 65.18  ? 96  GLU B OE2 1 
ATOM   1306 N  N   . ASP B 1 82  ? -4.427  14.220  13.675  1.00 58.26  ? 97  ASP B N   1 
ATOM   1307 C  CA  . ASP B 1 82  ? -4.357  13.792  15.078  1.00 57.78  ? 97  ASP B CA  1 
ATOM   1308 C  C   . ASP B 1 82  ? -5.560  12.988  15.545  1.00 57.15  ? 97  ASP B C   1 
ATOM   1309 O  O   . ASP B 1 82  ? -5.415  12.089  16.361  1.00 58.10  ? 97  ASP B O   1 
ATOM   1310 C  CB  . ASP B 1 82  ? -4.201  14.992  16.014  1.00 58.00  ? 97  ASP B CB  1 
ATOM   1311 C  CG  . ASP B 1 82  ? -2.813  15.569  15.980  1.00 58.70  ? 97  ASP B CG  1 
ATOM   1312 O  OD1 . ASP B 1 82  ? -2.015  15.081  15.167  1.00 60.71  ? 97  ASP B OD1 1 
ATOM   1313 O  OD2 . ASP B 1 82  ? -2.419  16.484  16.732  1.00 61.94  ? 97  ASP B OD2 1 
ATOM   1314 N  N   . ALA B 1 83  ? -6.757  13.342  15.087  1.00 56.99  ? 98  ALA B N   1 
ATOM   1315 C  CA  . ALA B 1 83  ? -7.957  12.647  15.552  1.00 56.87  ? 98  ALA B CA  1 
ATOM   1316 C  C   . ALA B 1 83  ? -7.927  11.227  15.026  1.00 56.91  ? 98  ALA B C   1 
ATOM   1317 O  O   . ALA B 1 83  ? -8.172  10.272  15.766  1.00 56.83  ? 98  ALA B O   1 
ATOM   1318 C  CB  . ALA B 1 83  ? -9.247  13.368  15.127  1.00 56.54  ? 98  ALA B CB  1 
ATOM   1319 N  N   . THR B 1 84  ? -7.528  11.101  13.766  1.00 56.21  ? 99  THR B N   1 
ATOM   1320 C  CA  . THR B 1 84  ? -7.469  9.813   13.103  1.00 57.15  ? 99  THR B CA  1 
ATOM   1321 C  C   . THR B 1 84  ? -6.443  8.932   13.806  1.00 56.93  ? 99  THR B C   1 
ATOM   1322 O  O   . THR B 1 84  ? -6.761  7.833   14.241  1.00 57.02  ? 99  THR B O   1 
ATOM   1323 C  CB  . THR B 1 84  ? -7.134  10.047  11.594  1.00 57.41  ? 99  THR B CB  1 
ATOM   1324 O  OG1 . THR B 1 84  ? -8.165  10.865  11.029  1.00 57.50  ? 99  THR B OG1 1 
ATOM   1325 C  CG2 . THR B 1 84  ? -7.189  8.759   10.763  1.00 57.16  ? 99  THR B CG2 1 
ATOM   1326 N  N   . ARG B 1 85  ? -5.250  9.475   14.013  1.00 56.81  ? 100 ARG B N   1 
ATOM   1327 C  CA  . ARG B 1 85  ? -4.175  8.769   14.693  1.00 57.82  ? 100 ARG B CA  1 
ATOM   1328 C  C   . ARG B 1 85  ? -4.601  8.329   16.089  1.00 56.56  ? 100 ARG B C   1 
ATOM   1329 O  O   . ARG B 1 85  ? -4.385  7.172   16.479  1.00 56.58  ? 100 ARG B O   1 
ATOM   1330 C  CB  . ARG B 1 85  ? -2.923  9.666   14.765  1.00 57.57  ? 100 ARG B CB  1 
ATOM   1331 C  CG  . ARG B 1 85  ? -1.601  8.939   14.633  1.00 61.22  ? 100 ARG B CG  1 
ATOM   1332 C  CD  . ARG B 1 85  ? -0.404  9.858   14.820  1.00 64.75  ? 100 ARG B CD  1 
ATOM   1333 N  NE  . ARG B 1 85  ? -0.649  10.727  15.970  1.00 71.86  ? 100 ARG B NE  1 
ATOM   1334 C  CZ  . ARG B 1 85  ? -0.154  11.949  16.131  1.00 75.14  ? 100 ARG B CZ  1 
ATOM   1335 N  NH1 . ARG B 1 85  ? 0.657   12.486  15.225  1.00 76.52  ? 100 ARG B NH1 1 
ATOM   1336 N  NH2 . ARG B 1 85  ? -0.484  12.643  17.214  1.00 77.17  ? 100 ARG B NH2 1 
ATOM   1337 N  N   . ALA B 1 86  ? -5.184  9.256   16.851  1.00 55.59  ? 101 ALA B N   1 
ATOM   1338 C  CA  . ALA B 1 86  ? -5.611  8.946   18.209  1.00 55.08  ? 101 ALA B CA  1 
ATOM   1339 C  C   . ALA B 1 86  ? -6.582  7.769   18.250  1.00 54.53  ? 101 ALA B C   1 
ATOM   1340 O  O   . ALA B 1 86  ? -6.481  6.906   19.144  1.00 53.43  ? 101 ALA B O   1 
ATOM   1341 C  CB  . ALA B 1 86  ? -6.232  10.147  18.835  1.00 55.58  ? 101 ALA B CB  1 
ATOM   1342 N  N   . LEU B 1 87  ? -7.530  7.761   17.307  1.00 54.30  ? 102 LEU B N   1 
ATOM   1343 C  CA  . LEU B 1 87  ? -8.555  6.695   17.243  1.00 55.11  ? 102 LEU B CA  1 
ATOM   1344 C  C   . LEU B 1 87  ? -7.948  5.356   16.805  1.00 55.43  ? 102 LEU B C   1 
ATOM   1345 O  O   . LEU B 1 87  ? -8.372  4.297   17.266  1.00 56.25  ? 102 LEU B O   1 
ATOM   1346 C  CB  . LEU B 1 87  ? -9.721  7.094   16.330  1.00 54.90  ? 102 LEU B CB  1 
ATOM   1347 C  CG  . LEU B 1 87  ? -10.723 8.131   16.866  1.00 53.84  ? 102 LEU B CG  1 
ATOM   1348 C  CD1 . LEU B 1 87  ? -11.484 8.790   15.722  1.00 52.86  ? 102 LEU B CD1 1 
ATOM   1349 C  CD2 . LEU B 1 87  ? -11.674 7.499   17.872  1.00 53.52  ? 102 LEU B CD2 1 
ATOM   1350 N  N   . GLN B 1 88  ? -6.926  5.407   15.956  1.00 55.57  ? 103 GLN B N   1 
ATOM   1351 C  CA  . GLN B 1 88  ? -6.180  4.196   15.601  1.00 56.32  ? 103 GLN B CA  1 
ATOM   1352 C  C   . GLN B 1 88  ? -5.408  3.700   16.830  1.00 55.71  ? 103 GLN B C   1 
ATOM   1353 O  O   . GLN B 1 88  ? -5.421  2.513   17.160  1.00 54.69  ? 103 GLN B O   1 
ATOM   1354 C  CB  . GLN B 1 88  ? -5.232  4.463   14.424  1.00 56.17  ? 103 GLN B CB  1 
ATOM   1355 C  CG  . GLN B 1 88  ? -5.928  4.418   13.060  1.00 58.42  ? 103 GLN B CG  1 
ATOM   1356 C  CD  . GLN B 1 88  ? -5.125  5.088   11.946  1.00 61.45  ? 103 GLN B CD  1 
ATOM   1357 O  OE1 . GLN B 1 88  ? -4.048  5.662   12.189  1.00 66.67  ? 103 GLN B OE1 1 
ATOM   1358 N  NE2 . GLN B 1 88  ? -5.660  5.036   10.721  1.00 61.89  ? 103 GLN B NE2 1 
ATOM   1359 N  N   . GLU B 1 89  ? -4.767  4.636   17.520  1.00 55.61  ? 104 GLU B N   1 
ATOM   1360 C  CA  . GLU B 1 89  ? -4.029  4.339   18.739  1.00 55.86  ? 104 GLU B CA  1 
ATOM   1361 C  C   . GLU B 1 89  ? -4.891  3.692   19.839  1.00 55.17  ? 104 GLU B C   1 
ATOM   1362 O  O   . GLU B 1 89  ? -4.412  2.811   20.532  1.00 55.52  ? 104 GLU B O   1 
ATOM   1363 C  CB  . GLU B 1 89  ? -3.351  5.624   19.215  1.00 56.31  ? 104 GLU B CB  1 
ATOM   1364 C  CG  . GLU B 1 89  ? -2.261  5.434   20.246  1.00 59.24  ? 104 GLU B CG  1 
ATOM   1365 C  CD  . GLU B 1 89  ? -0.928  5.999   19.781  1.00 65.25  ? 104 GLU B CD  1 
ATOM   1366 O  OE1 . GLU B 1 89  ? -0.928  6.752   18.770  1.00 65.27  ? 104 GLU B OE1 1 
ATOM   1367 O  OE2 . GLU B 1 89  ? 0.123   5.650   20.395  1.00 66.85  ? 104 GLU B OE2 1 
ATOM   1368 N  N   . THR B 1 90  ? -6.171  4.047   19.948  1.00 54.68  ? 105 THR B N   1 
ATOM   1369 C  CA  . THR B 1 90  ? -7.055  3.440   20.958  1.00 54.68  ? 105 THR B CA  1 
ATOM   1370 C  C   . THR B 1 90  ? -7.994  2.354   20.415  1.00 54.46  ? 105 THR B C   1 
ATOM   1371 O  O   . THR B 1 90  ? -9.023  2.055   21.031  1.00 54.27  ? 105 THR B O   1 
ATOM   1372 C  CB  . THR B 1 90  ? -7.911  4.529   21.659  1.00 54.34  ? 105 THR B CB  1 
ATOM   1373 O  OG1 . THR B 1 90  ? -8.695  5.245   20.692  1.00 54.85  ? 105 THR B OG1 1 
ATOM   1374 C  CG2 . THR B 1 90  ? -7.039  5.592   22.292  1.00 55.36  ? 105 THR B CG2 1 
ATOM   1375 N  N   . GLY B 1 91  ? -7.668  1.790   19.258  1.00 54.45  ? 106 GLY B N   1 
ATOM   1376 C  CA  . GLY B 1 91  ? -8.528  0.794   18.622  1.00 54.30  ? 106 GLY B CA  1 
ATOM   1377 C  C   . GLY B 1 91  ? -9.945  1.236   18.282  1.00 53.92  ? 106 GLY B C   1 
ATOM   1378 O  O   . GLY B 1 91  ? -10.847 0.417   18.283  1.00 54.46  ? 106 GLY B O   1 
ATOM   1379 N  N   . GLY B 1 92  ? -10.154 2.507   17.954  1.00 55.17  ? 107 GLY B N   1 
ATOM   1380 C  CA  . GLY B 1 92  ? -11.495 3.011   17.603  1.00 55.18  ? 107 GLY B CA  1 
ATOM   1381 C  C   . GLY B 1 92  ? -12.381 3.362   18.791  1.00 56.08  ? 107 GLY B C   1 
ATOM   1382 O  O   . GLY B 1 92  ? -13.562 3.686   18.621  1.00 55.47  ? 107 GLY B O   1 
ATOM   1383 N  N   . ASP B 1 93  ? -11.807 3.343   19.990  1.00 56.34  ? 108 ASP B N   1 
ATOM   1384 C  CA  . ASP B 1 93  ? -12.527 3.717   21.215  1.00 56.94  ? 108 ASP B CA  1 
ATOM   1385 C  C   . ASP B 1 93  ? -12.626 5.230   21.337  1.00 57.28  ? 108 ASP B C   1 
ATOM   1386 O  O   . ASP B 1 93  ? -11.629 5.899   21.582  1.00 56.57  ? 108 ASP B O   1 
ATOM   1387 C  CB  . ASP B 1 93  ? -11.798 3.158   22.445  1.00 57.06  ? 108 ASP B CB  1 
ATOM   1388 C  CG  . ASP B 1 93  ? -12.532 3.446   23.752  1.00 57.94  ? 108 ASP B CG  1 
ATOM   1389 O  OD1 . ASP B 1 93  ? -13.121 4.541   23.920  1.00 63.35  ? 108 ASP B OD1 1 
ATOM   1390 O  OD2 . ASP B 1 93  ? -12.519 2.649   24.705  1.00 59.68  ? 108 ASP B OD2 1 
ATOM   1391 N  N   . LEU B 1 94  ? -13.834 5.765   21.199  1.00 58.20  ? 109 LEU B N   1 
ATOM   1392 C  CA  . LEU B 1 94  ? -14.012 7.212   21.124  1.00 60.12  ? 109 LEU B CA  1 
ATOM   1393 C  C   . LEU B 1 94  ? -13.687 7.904   22.434  1.00 59.59  ? 109 LEU B C   1 
ATOM   1394 O  O   . LEU B 1 94  ? -12.994 8.921   22.429  1.00 59.94  ? 109 LEU B O   1 
ATOM   1395 C  CB  . LEU B 1 94  ? -15.442 7.588   20.727  1.00 60.64  ? 109 LEU B CB  1 
ATOM   1396 C  CG  . LEU B 1 94  ? -15.779 7.300   19.265  1.00 65.61  ? 109 LEU B CG  1 
ATOM   1397 C  CD1 . LEU B 1 94  ? -16.239 5.843   19.124  1.00 69.13  ? 109 LEU B CD1 1 
ATOM   1398 C  CD2 . LEU B 1 94  ? -16.851 8.265   18.773  1.00 65.40  ? 109 LEU B CD2 1 
ATOM   1399 N  N   . ALA B 1 95  ? -14.217 7.367   23.535  1.00 58.03  ? 110 ALA B N   1 
ATOM   1400 C  CA  . ALA B 1 95  ? -14.034 7.976   24.837  1.00 58.34  ? 110 ALA B CA  1 
ATOM   1401 C  C   . ALA B 1 95  ? -12.554 8.094   25.164  1.00 58.17  ? 110 ALA B C   1 
ATOM   1402 O  O   . ALA B 1 95  ? -12.120 9.134   25.651  1.00 57.90  ? 110 ALA B O   1 
ATOM   1403 C  CB  . ALA B 1 95  ? -14.775 7.183   25.938  1.00 58.16  ? 110 ALA B CB  1 
ATOM   1404 N  N   . GLU B 1 96  ? -11.779 7.051   24.872  1.00 57.90  ? 111 GLU B N   1 
ATOM   1405 C  CA  . GLU B 1 96  ? -10.344 7.088   25.152  1.00 58.75  ? 111 GLU B CA  1 
ATOM   1406 C  C   . GLU B 1 96  ? -9.564  7.978   24.176  1.00 58.77  ? 111 GLU B C   1 
ATOM   1407 O  O   . GLU B 1 96  ? -8.613  8.649   24.578  1.00 59.42  ? 111 GLU B O   1 
ATOM   1408 C  CB  . GLU B 1 96  ? -9.764  5.681   25.136  1.00 59.58  ? 111 GLU B CB  1 
ATOM   1409 C  CG  . GLU B 1 96  ? -8.493  5.556   25.959  1.00 63.43  ? 111 GLU B CG  1 
ATOM   1410 C  CD  . GLU B 1 96  ? -8.744  5.667   27.451  1.00 67.94  ? 111 GLU B CD  1 
ATOM   1411 O  OE1 . GLU B 1 96  ? -9.427  4.780   28.001  1.00 71.34  ? 111 GLU B OE1 1 
ATOM   1412 O  OE2 . GLU B 1 96  ? -8.249  6.631   28.080  1.00 72.30  ? 111 GLU B OE2 1 
ATOM   1413 N  N   . ALA B 1 97  ? -9.972  8.012   22.911  1.00 58.31  ? 112 ALA B N   1 
ATOM   1414 C  CA  . ALA B 1 97  ? -9.373  8.946   21.950  1.00 58.53  ? 112 ALA B CA  1 
ATOM   1415 C  C   . ALA B 1 97  ? -9.558  10.385  22.433  1.00 58.94  ? 112 ALA B C   1 
ATOM   1416 O  O   . ALA B 1 97  ? -8.602  11.157  22.470  1.00 57.52  ? 112 ALA B O   1 
ATOM   1417 C  CB  . ALA B 1 97  ? -9.958  8.749   20.556  1.00 57.72  ? 112 ALA B CB  1 
ATOM   1418 N  N   . ILE B 1 98  ? -10.769 10.693  22.906  1.00 60.28  ? 113 ILE B N   1 
ATOM   1419 C  CA  . ILE B 1 98  ? -11.108 12.011  23.435  1.00 61.07  ? 113 ILE B CA  1 
ATOM   1420 C  C   . ILE B 1 98  ? -10.230 12.377  24.627  1.00 61.74  ? 113 ILE B C   1 
ATOM   1421 O  O   . ILE B 1 98  ? -9.609  13.439  24.682  1.00 61.24  ? 113 ILE B O   1 
ATOM   1422 C  CB  . ILE B 1 98  ? -12.610 12.037  23.832  1.00 61.63  ? 113 ILE B CB  1 
ATOM   1423 C  CG1 . ILE B 1 98  ? -13.466 12.349  22.601  1.00 61.46  ? 113 ILE B CG1 1 
ATOM   1424 C  CG2 . ILE B 1 98  ? -12.882 13.037  24.970  1.00 61.41  ? 113 ILE B CG2 1 
ATOM   1425 C  CD1 . ILE B 1 98  ? -14.949 12.361  22.880  1.00 62.01  ? 113 ILE B CD1 1 
HETATM 1426 N  N   . MSE B 1 99  ? -10.197 11.463  25.581  1.00 62.81  ? 114 MSE B N   1 
HETATM 1427 C  CA  . MSE B 1 99  ? -9.407  11.596  26.790  1.00 63.85  ? 114 MSE B CA  1 
HETATM 1428 C  C   . MSE B 1 99  ? -7.932  11.830  26.487  1.00 64.43  ? 114 MSE B C   1 
HETATM 1429 O  O   . MSE B 1 99  ? -7.242  12.543  27.216  1.00 64.72  ? 114 MSE B O   1 
HETATM 1430 C  CB  . MSE B 1 99  ? -9.582  10.309  27.605  1.00 64.20  ? 114 MSE B CB  1 
HETATM 1431 C  CG  . MSE B 1 99  ? -8.670  10.133  28.800  0.60 65.38  ? 114 MSE B CG  1 
HETATM 1432 SE SE  . MSE B 1 99  ? -9.306  11.066  30.370  0.60 75.37  ? 114 MSE B SE  1 
HETATM 1433 C  CE  . MSE B 1 99  ? -10.879 9.991   30.787  0.60 72.78  ? 114 MSE B CE  1 
ATOM   1434 N  N   . ARG B 1 100 ? -7.456  11.215  25.413  1.00 65.38  ? 115 ARG B N   1 
ATOM   1435 C  CA  . ARG B 1 100 ? -6.052  11.277  25.015  1.00 66.01  ? 115 ARG B CA  1 
ATOM   1436 C  C   . ARG B 1 100 ? -5.726  12.595  24.317  1.00 65.43  ? 115 ARG B C   1 
ATOM   1437 O  O   . ARG B 1 100 ? -4.580  13.051  24.328  1.00 64.84  ? 115 ARG B O   1 
ATOM   1438 C  CB  . ARG B 1 100 ? -5.758  10.067  24.116  1.00 66.74  ? 115 ARG B CB  1 
ATOM   1439 C  CG  . ARG B 1 100 ? -4.502  10.091  23.258  1.00 67.44  ? 115 ARG B CG  1 
ATOM   1440 C  CD  . ARG B 1 100 ? -4.438  8.879   22.320  1.00 68.66  ? 115 ARG B CD  1 
ATOM   1441 N  NE  . ARG B 1 100 ? -3.146  8.663   21.659  1.00 71.31  ? 115 ARG B NE  1 
ATOM   1442 C  CZ  . ARG B 1 100 ? -2.697  9.360   20.611  1.00 71.24  ? 115 ARG B CZ  1 
ATOM   1443 N  NH1 . ARG B 1 100 ? -3.376  10.399  20.142  1.00 68.55  ? 115 ARG B NH1 1 
ATOM   1444 N  NH2 . ARG B 1 100 ? -1.528  9.049   20.062  1.00 71.33  ? 115 ARG B NH2 1 
ATOM   1445 N  N   . LEU B 1 101 ? -6.746  13.235  23.757  1.00 65.87  ? 116 LEU B N   1 
ATOM   1446 C  CA  . LEU B 1 101 ? -6.558  14.548  23.146  1.00 66.44  ? 116 LEU B CA  1 
ATOM   1447 C  C   . LEU B 1 101 ? -6.990  15.667  24.091  1.00 66.85  ? 116 LEU B C   1 
ATOM   1448 O  O   . LEU B 1 101 ? -6.589  16.814  23.902  1.00 67.31  ? 116 LEU B O   1 
ATOM   1449 C  CB  . LEU B 1 101 ? -7.292  14.635  21.808  1.00 65.50  ? 116 LEU B CB  1 
ATOM   1450 C  CG  . LEU B 1 101 ? -6.668  13.726  20.745  1.00 64.75  ? 116 LEU B CG  1 
ATOM   1451 C  CD1 . LEU B 1 101 ? -7.684  13.322  19.679  1.00 63.94  ? 116 LEU B CD1 1 
ATOM   1452 C  CD2 . LEU B 1 101 ? -5.446  14.393  20.138  1.00 64.82  ? 116 LEU B CD2 1 
HETATM 1453 O  O   . HOH C 2 .   ? -8.058  -24.736 -0.772  1.00 50.24  ? 118 HOH A O   1 
HETATM 1454 O  O   . HOH C 2 .   ? 9.451   3.474   -10.552 1.00 54.16  ? 119 HOH A O   1 
HETATM 1455 O  O   . HOH C 2 .   ? 8.894   14.275  -13.087 1.00 58.33  ? 120 HOH A O   1 
HETATM 1456 O  O   . HOH C 2 .   ? 6.517   12.654  -18.699 1.00 63.74  ? 121 HOH A O   1 
HETATM 1457 O  O   . HOH C 2 .   ? -2.105  13.882  -5.702  1.00 57.54  ? 122 HOH A O   1 
HETATM 1458 O  O   . HOH C 2 .   ? -17.076 -21.276 -6.547  1.00 66.88  ? 123 HOH A O   1 
HETATM 1459 O  O   . HOH C 2 .   ? 4.640   13.174  -0.009  1.00 57.17  ? 124 HOH A O   1 
HETATM 1460 O  O   . HOH C 2 .   ? 1.562   6.677   -5.965  1.00 56.30  ? 125 HOH A O   1 
HETATM 1461 O  O   . HOH C 2 .   ? -10.998 -21.088 9.564   1.00 56.63  ? 126 HOH A O   1 
HETATM 1462 O  O   . HOH C 2 .   ? 5.604   19.460  2.548   1.00 67.90  ? 127 HOH A O   1 
HETATM 1463 O  O   . HOH C 2 .   ? 2.140   -9.906  1.510   1.00 65.54  ? 128 HOH A O   1 
HETATM 1464 O  O   . HOH C 2 .   ? 6.856   29.023  -10.821 1.00 58.16  ? 129 HOH A O   1 
HETATM 1465 O  O   . HOH C 2 .   ? -13.012 -5.376  9.906   1.00 62.69  ? 130 HOH A O   1 
HETATM 1466 O  O   . HOH C 2 .   ? 6.838   15.514  -17.675 1.00 57.45  ? 131 HOH A O   1 
HETATM 1467 O  O   . HOH C 2 .   ? 1.530   10.494  1.810   1.00 69.82  ? 132 HOH A O   1 
HETATM 1468 O  O   . HOH C 2 .   ? 18.321  16.623  -4.358  1.00 67.18  ? 133 HOH A O   1 
HETATM 1469 O  O   . HOH C 2 .   ? -5.884  -0.221  -6.244  1.00 59.65  ? 134 HOH A O   1 
HETATM 1470 O  O   . HOH C 2 .   ? -3.908  13.328  -12.443 1.00 72.00  ? 135 HOH A O   1 
HETATM 1471 O  O   . HOH C 2 .   ? 2.092   -16.417 8.002   1.00 67.10  ? 136 HOH A O   1 
HETATM 1472 O  O   . HOH C 2 .   ? -6.480  23.527  -9.462  1.00 69.35  ? 137 HOH A O   1 
HETATM 1473 O  O   . HOH C 2 .   ? -2.647  19.020  1.679   1.00 62.48  ? 138 HOH A O   1 
HETATM 1474 O  O   . HOH C 2 .   ? -3.764  23.690  -11.007 1.00 73.88  ? 139 HOH A O   1 
HETATM 1475 O  O   . HOH C 2 .   ? -0.404  7.723   -3.285  1.00 70.31  ? 140 HOH A O   1 
HETATM 1476 O  O   . HOH C 2 .   ? 3.473   -9.080  -3.605  1.00 57.66  ? 141 HOH A O   1 
HETATM 1477 O  O   . HOH C 2 .   ? -2.698  3.131   -14.490 1.00 78.76  ? 142 HOH A O   1 
HETATM 1478 O  O   . HOH C 2 .   ? -21.448 -19.225 4.542   1.00 69.66  ? 143 HOH A O   1 
HETATM 1479 O  O   . HOH C 2 .   ? 10.691  2.711   -1.075  1.00 48.91  ? 144 HOH A O   1 
HETATM 1480 O  O   . HOH C 2 .   ? 0.130   21.654  -0.511  1.00 57.87  ? 145 HOH A O   1 
HETATM 1481 O  O   . HOH D 2 .   ? -13.896 4.475   15.926  1.00 61.17  ? 118 HOH B O   1 
HETATM 1482 O  O   . HOH D 2 .   ? 10.128  -7.902  4.529   1.00 58.37  ? 119 HOH B O   1 
HETATM 1483 O  O   . HOH D 2 .   ? -13.197 21.823  18.302  1.00 72.40  ? 120 HOH B O   1 
HETATM 1484 O  O   . HOH D 2 .   ? 6.374   6.064   2.446   1.00 48.24  ? 121 HOH B O   1 
HETATM 1485 O  O   . HOH D 2 .   ? 15.208  1.569   -0.665  1.00 69.39  ? 122 HOH B O   1 
HETATM 1486 O  O   . HOH D 2 .   ? 11.165  -10.857 -19.058 1.00 56.26  ? 123 HOH B O   1 
HETATM 1487 O  O   . HOH D 2 .   ? -2.423  1.276   19.501  1.00 71.70  ? 124 HOH B O   1 
HETATM 1488 O  O   . HOH D 2 .   ? -18.582 17.736  11.418  1.00 69.49  ? 125 HOH B O   1 
HETATM 1489 O  O   . HOH D 2 .   ? 13.843  -1.866  6.120   1.00 62.78  ? 126 HOH B O   1 
HETATM 1490 O  O   . HOH D 2 .   ? 4.903   -2.500  -9.917  1.00 62.94  ? 127 HOH B O   1 
HETATM 1491 O  O   . HOH D 2 .   ? 1.143   -10.047 -12.674 1.00 72.45  ? 128 HOH B O   1 
HETATM 1492 O  O   . HOH D 2 .   ? -8.373  16.111  26.631  1.00 78.20  ? 129 HOH B O   1 
HETATM 1493 O  O   . HOH D 2 .   ? 8.945   -11.595 -17.781 1.00 55.08  ? 130 HOH B O   1 
HETATM 1494 O  O   . HOH D 2 .   ? -11.426 17.952  7.132   1.00 59.17  ? 131 HOH B O   1 
# 
